data_2DO3
#
_entry.id   2DO3
#
_entity_poly.entity_id   1
_entity_poly.type   'polypeptide(L)'
_entity_poly.pdbx_seq_one_letter_code
;GSSGSSGEFPAQELRKYFKMGDHVKVIAGRFEGDTGLIVRVEENFVILFSDLTMHELKVLPRDLQLCSE
;
_entity_poly.pdbx_strand_id   A
#
# COMPACT_ATOMS: atom_id res chain seq x y z
N GLY A 1 -10.34 19.32 -17.18
CA GLY A 1 -9.95 18.29 -18.12
C GLY A 1 -11.09 17.34 -18.44
N SER A 2 -10.85 16.43 -19.38
CA SER A 2 -11.86 15.46 -19.78
C SER A 2 -11.65 14.13 -19.08
N SER A 3 -12.59 13.21 -19.25
CA SER A 3 -12.52 11.89 -18.64
C SER A 3 -11.26 11.16 -19.10
N GLY A 4 -10.53 10.59 -18.15
CA GLY A 4 -9.32 9.87 -18.48
C GLY A 4 -8.71 9.18 -17.27
N SER A 5 -7.58 8.51 -17.48
CA SER A 5 -6.89 7.81 -16.41
C SER A 5 -5.70 8.61 -15.89
N SER A 6 -4.84 9.03 -16.81
CA SER A 6 -3.66 9.80 -16.45
C SER A 6 -4.05 11.19 -15.97
N GLY A 7 -3.58 11.55 -14.77
CA GLY A 7 -3.88 12.86 -14.22
C GLY A 7 -2.65 13.70 -14.00
N GLU A 8 -2.84 15.00 -13.82
CA GLU A 8 -1.73 15.92 -13.60
C GLU A 8 -0.95 15.54 -12.36
N PHE A 9 -0.05 14.57 -12.50
CA PHE A 9 0.77 14.10 -11.38
C PHE A 9 2.26 14.21 -11.71
N PRO A 10 2.77 15.46 -11.68
CA PRO A 10 4.18 15.73 -11.97
C PRO A 10 5.11 15.21 -10.88
N ALA A 11 4.52 14.69 -9.80
CA ALA A 11 5.29 14.16 -8.69
C ALA A 11 5.13 12.65 -8.58
N GLN A 12 6.14 11.90 -8.99
CA GLN A 12 6.10 10.45 -8.94
C GLN A 12 6.97 9.92 -7.80
N GLU A 13 6.39 9.83 -6.61
CA GLU A 13 7.11 9.34 -5.44
C GLU A 13 6.86 7.84 -5.24
N LEU A 14 7.82 7.03 -5.64
CA LEU A 14 7.71 5.58 -5.49
C LEU A 14 8.24 5.12 -4.14
N ARG A 15 7.33 4.80 -3.23
CA ARG A 15 7.70 4.35 -1.89
C ARG A 15 6.94 3.09 -1.51
N LYS A 16 7.66 2.09 -0.99
CA LYS A 16 7.04 0.84 -0.59
C LYS A 16 5.94 1.08 0.44
N TYR A 17 6.19 1.99 1.36
CA TYR A 17 5.22 2.31 2.41
C TYR A 17 3.84 2.52 1.81
N PHE A 18 2.93 1.58 2.08
CA PHE A 18 1.57 1.65 1.56
C PHE A 18 0.96 3.01 1.86
N LYS A 19 0.76 3.80 0.81
CA LYS A 19 0.18 5.13 0.95
C LYS A 19 -1.18 5.21 0.27
N MET A 20 -1.99 6.18 0.67
CA MET A 20 -3.32 6.37 0.08
C MET A 20 -3.22 6.60 -1.42
N GLY A 21 -4.22 6.11 -2.15
CA GLY A 21 -4.23 6.27 -3.59
C GLY A 21 -3.53 5.14 -4.31
N ASP A 22 -2.71 4.39 -3.57
CA ASP A 22 -1.97 3.27 -4.14
C ASP A 22 -2.76 1.97 -4.00
N HIS A 23 -2.52 1.04 -4.92
CA HIS A 23 -3.20 -0.25 -4.88
C HIS A 23 -2.39 -1.29 -4.13
N VAL A 24 -3.07 -2.10 -3.33
CA VAL A 24 -2.40 -3.14 -2.54
C VAL A 24 -3.16 -4.45 -2.61
N LYS A 25 -2.45 -5.56 -2.49
CA LYS A 25 -3.05 -6.88 -2.53
C LYS A 25 -2.92 -7.59 -1.19
N VAL A 26 -3.76 -8.59 -0.97
CA VAL A 26 -3.74 -9.35 0.28
C VAL A 26 -3.14 -10.73 0.07
N ILE A 27 -1.95 -10.96 0.62
CA ILE A 27 -1.27 -12.23 0.49
C ILE A 27 -1.60 -13.15 1.67
N ALA A 28 -1.85 -12.55 2.83
CA ALA A 28 -2.18 -13.31 4.03
C ALA A 28 -3.33 -12.65 4.81
N GLY A 29 -3.70 -13.26 5.93
CA GLY A 29 -4.77 -12.71 6.74
C GLY A 29 -6.11 -13.38 6.47
N ARG A 30 -7.18 -12.78 6.96
CA ARG A 30 -8.52 -13.33 6.76
C ARG A 30 -9.07 -12.93 5.39
N PHE A 31 -8.25 -12.26 4.61
CA PHE A 31 -8.66 -11.83 3.27
C PHE A 31 -7.64 -12.25 2.23
N GLU A 32 -6.90 -13.30 2.51
CA GLU A 32 -5.88 -13.81 1.60
C GLU A 32 -6.49 -14.08 0.22
N GLY A 33 -6.06 -13.30 -0.76
CA GLY A 33 -6.58 -13.46 -2.12
C GLY A 33 -7.42 -12.30 -2.57
N ASP A 34 -7.50 -11.26 -1.74
CA ASP A 34 -8.28 -10.08 -2.06
C ASP A 34 -7.38 -8.88 -2.34
N THR A 35 -7.87 -7.95 -3.15
CA THR A 35 -7.11 -6.76 -3.50
C THR A 35 -7.98 -5.51 -3.47
N GLY A 36 -7.34 -4.34 -3.45
CA GLY A 36 -8.09 -3.10 -3.42
C GLY A 36 -7.18 -1.88 -3.34
N LEU A 37 -7.78 -0.71 -3.17
CA LEU A 37 -7.01 0.54 -3.09
C LEU A 37 -6.89 0.99 -1.64
N ILE A 38 -5.94 1.89 -1.39
CA ILE A 38 -5.71 2.41 -0.05
C ILE A 38 -6.48 3.71 0.17
N VAL A 39 -7.45 3.67 1.08
CA VAL A 39 -8.26 4.85 1.38
C VAL A 39 -7.85 5.47 2.71
N ARG A 40 -7.35 4.64 3.61
CA ARG A 40 -6.93 5.09 4.93
C ARG A 40 -5.72 4.30 5.43
N VAL A 41 -4.80 4.98 6.09
CA VAL A 41 -3.61 4.34 6.62
C VAL A 41 -3.38 4.70 8.09
N GLU A 42 -2.92 3.72 8.86
CA GLU A 42 -2.67 3.94 10.29
C GLU A 42 -1.35 3.30 10.71
N GLU A 43 -0.80 3.76 11.84
CA GLU A 43 0.46 3.24 12.35
C GLU A 43 0.31 1.77 12.75
N ASN A 44 -0.94 1.34 12.94
CA ASN A 44 -1.21 -0.03 13.32
C ASN A 44 -1.52 -0.90 12.10
N PHE A 45 -2.58 -0.53 11.38
CA PHE A 45 -2.98 -1.26 10.19
C PHE A 45 -3.32 -0.31 9.05
N VAL A 46 -3.70 -0.87 7.91
CA VAL A 46 -4.05 -0.08 6.74
C VAL A 46 -5.41 -0.48 6.19
N ILE A 47 -6.28 0.51 5.99
CA ILE A 47 -7.61 0.25 5.46
C ILE A 47 -7.66 0.43 3.94
N LEU A 48 -7.98 -0.64 3.24
CA LEU A 48 -8.06 -0.60 1.78
C LEU A 48 -9.48 -0.87 1.30
N PHE A 49 -9.93 -0.10 0.32
CA PHE A 49 -11.27 -0.25 -0.23
C PHE A 49 -11.30 -1.36 -1.27
N SER A 50 -12.15 -2.37 -1.04
CA SER A 50 -12.27 -3.50 -1.95
C SER A 50 -13.13 -3.13 -3.16
N ASP A 51 -12.86 -3.78 -4.28
CA ASP A 51 -13.60 -3.52 -5.51
C ASP A 51 -14.64 -4.61 -5.77
N LEU A 52 -14.52 -5.71 -5.04
CA LEU A 52 -15.44 -6.83 -5.18
C LEU A 52 -16.63 -6.68 -4.23
N THR A 53 -16.34 -6.54 -2.95
CA THR A 53 -17.38 -6.38 -1.94
C THR A 53 -17.83 -4.93 -1.82
N MET A 54 -17.06 -4.03 -2.42
CA MET A 54 -17.37 -2.61 -2.39
C MET A 54 -17.43 -2.10 -0.94
N HIS A 55 -16.54 -2.62 -0.10
CA HIS A 55 -16.50 -2.22 1.30
C HIS A 55 -15.07 -1.90 1.73
N GLU A 56 -14.90 -1.56 3.01
CA GLU A 56 -13.58 -1.23 3.54
C GLU A 56 -13.01 -2.40 4.33
N LEU A 57 -11.88 -2.93 3.87
CA LEU A 57 -11.23 -4.05 4.54
C LEU A 57 -10.11 -3.56 5.45
N LYS A 58 -10.06 -4.11 6.66
CA LYS A 58 -9.03 -3.73 7.64
C LYS A 58 -8.02 -4.85 7.81
N VAL A 59 -6.79 -4.59 7.36
CA VAL A 59 -5.72 -5.58 7.46
C VAL A 59 -4.38 -4.91 7.76
N LEU A 60 -3.43 -5.70 8.26
CA LEU A 60 -2.11 -5.18 8.60
C LEU A 60 -1.22 -5.10 7.35
N PRO A 61 -0.27 -4.15 7.36
CA PRO A 61 0.65 -3.96 6.24
C PRO A 61 1.65 -5.09 6.11
N ARG A 62 1.61 -6.03 7.06
CA ARG A 62 2.51 -7.16 7.05
C ARG A 62 1.95 -8.31 6.21
N ASP A 63 0.66 -8.20 5.87
CA ASP A 63 0.00 -9.21 5.07
C ASP A 63 -0.45 -8.65 3.73
N LEU A 64 0.01 -7.44 3.43
CA LEU A 64 -0.34 -6.79 2.17
C LEU A 64 0.90 -6.58 1.31
N GLN A 65 0.68 -6.22 0.04
CA GLN A 65 1.78 -5.99 -0.89
C GLN A 65 1.34 -5.11 -2.05
N LEU A 66 2.11 -4.07 -2.33
CA LEU A 66 1.79 -3.14 -3.42
C LEU A 66 1.75 -3.88 -4.75
N CYS A 67 1.16 -3.24 -5.75
CA CYS A 67 1.04 -3.82 -7.08
C CYS A 67 2.00 -3.14 -8.05
N SER A 68 2.02 -1.82 -8.02
CA SER A 68 2.90 -1.05 -8.91
C SER A 68 4.36 -1.22 -8.51
N GLU A 69 4.63 -1.07 -7.22
CA GLU A 69 6.00 -1.20 -6.71
C GLU A 69 6.57 -2.57 -7.06
N GLY A 1 27.50 27.40 0.72
CA GLY A 1 26.09 27.04 0.78
C GLY A 1 25.56 26.55 -0.54
N SER A 2 24.31 26.86 -0.82
CA SER A 2 23.67 26.44 -2.06
C SER A 2 23.93 27.44 -3.18
N SER A 3 24.87 27.10 -4.06
CA SER A 3 25.23 27.97 -5.18
C SER A 3 25.17 27.21 -6.50
N GLY A 4 24.48 27.79 -7.48
CA GLY A 4 24.36 27.16 -8.77
C GLY A 4 23.51 25.90 -8.73
N SER A 5 23.67 25.05 -9.74
CA SER A 5 22.91 23.81 -9.81
C SER A 5 23.66 22.66 -9.17
N SER A 6 23.07 22.07 -8.13
CA SER A 6 23.69 20.96 -7.42
C SER A 6 23.09 19.64 -7.85
N GLY A 7 23.95 18.71 -8.28
CA GLY A 7 23.48 17.41 -8.72
C GLY A 7 22.13 17.48 -9.41
N GLU A 8 21.39 16.38 -9.36
CA GLU A 8 20.07 16.32 -9.99
C GLU A 8 19.10 17.28 -9.31
N PHE A 9 17.98 17.55 -9.98
CA PHE A 9 16.97 18.45 -9.45
C PHE A 9 16.51 17.98 -8.06
N PRO A 10 16.22 18.96 -7.18
CA PRO A 10 15.77 18.68 -5.81
C PRO A 10 14.37 18.10 -5.78
N ALA A 11 13.64 18.25 -6.88
CA ALA A 11 12.28 17.73 -6.97
C ALA A 11 12.28 16.22 -7.20
N GLN A 12 12.54 15.47 -6.13
CA GLN A 12 12.57 14.01 -6.22
C GLN A 12 11.82 13.39 -5.05
N GLU A 13 10.80 12.59 -5.36
CA GLU A 13 10.01 11.93 -4.34
C GLU A 13 9.94 10.42 -4.59
N LEU A 14 10.55 9.65 -3.70
CA LEU A 14 10.56 8.20 -3.82
C LEU A 14 9.87 7.54 -2.63
N ARG A 15 8.87 6.71 -2.91
CA ARG A 15 8.13 6.03 -1.86
C ARG A 15 8.03 4.53 -2.17
N LYS A 16 8.08 3.72 -1.12
CA LYS A 16 8.00 2.27 -1.25
C LYS A 16 6.88 1.70 -0.39
N TYR A 17 6.69 2.29 0.79
CA TYR A 17 5.66 1.84 1.71
C TYR A 17 4.27 1.97 1.08
N PHE A 18 3.25 1.58 1.84
CA PHE A 18 1.88 1.65 1.36
C PHE A 18 1.21 2.95 1.81
N LYS A 19 0.77 3.75 0.84
CA LYS A 19 0.12 5.02 1.14
C LYS A 19 -1.27 5.08 0.51
N MET A 20 -2.11 5.95 1.03
CA MET A 20 -3.47 6.10 0.52
C MET A 20 -3.46 6.52 -0.95
N GLY A 21 -4.08 5.71 -1.80
CA GLY A 21 -4.12 6.00 -3.22
C GLY A 21 -3.38 4.98 -4.06
N ASP A 22 -2.64 4.10 -3.39
CA ASP A 22 -1.88 3.06 -4.08
C ASP A 22 -2.63 1.73 -4.03
N HIS A 23 -2.42 0.91 -5.05
CA HIS A 23 -3.07 -0.39 -5.12
C HIS A 23 -2.29 -1.44 -4.34
N VAL A 24 -3.00 -2.21 -3.51
CA VAL A 24 -2.36 -3.25 -2.70
C VAL A 24 -3.16 -4.54 -2.76
N LYS A 25 -2.48 -5.66 -2.54
CA LYS A 25 -3.12 -6.97 -2.55
C LYS A 25 -2.88 -7.72 -1.25
N VAL A 26 -3.75 -8.67 -0.95
CA VAL A 26 -3.64 -9.47 0.27
C VAL A 26 -2.97 -10.81 -0.01
N ILE A 27 -1.90 -11.09 0.72
CA ILE A 27 -1.18 -12.36 0.55
C ILE A 27 -1.41 -13.28 1.74
N ALA A 28 -1.61 -12.70 2.91
CA ALA A 28 -1.84 -13.46 4.13
C ALA A 28 -2.94 -12.84 4.97
N GLY A 29 -3.37 -13.57 6.01
CA GLY A 29 -4.42 -13.06 6.87
C GLY A 29 -5.75 -13.73 6.62
N ARG A 30 -6.83 -13.02 6.93
CA ARG A 30 -8.18 -13.56 6.74
C ARG A 30 -8.70 -13.21 5.35
N PHE A 31 -8.14 -12.17 4.75
CA PHE A 31 -8.55 -11.73 3.42
C PHE A 31 -7.51 -12.12 2.38
N GLU A 32 -6.94 -13.32 2.53
CA GLU A 32 -5.94 -13.81 1.60
C GLU A 32 -6.55 -14.07 0.22
N GLY A 33 -5.99 -13.44 -0.81
CA GLY A 33 -6.49 -13.62 -2.16
C GLY A 33 -7.42 -12.50 -2.58
N ASP A 34 -7.31 -11.35 -1.92
CA ASP A 34 -8.15 -10.20 -2.23
C ASP A 34 -7.30 -9.01 -2.69
N THR A 35 -7.97 -7.98 -3.18
CA THR A 35 -7.28 -6.78 -3.65
C THR A 35 -8.13 -5.54 -3.45
N GLY A 36 -7.47 -4.38 -3.40
CA GLY A 36 -8.19 -3.13 -3.20
C GLY A 36 -7.26 -1.93 -3.17
N LEU A 37 -7.83 -0.74 -2.99
CA LEU A 37 -7.05 0.49 -2.96
C LEU A 37 -6.92 1.00 -1.52
N ILE A 38 -5.85 1.73 -1.27
CA ILE A 38 -5.60 2.29 0.07
C ILE A 38 -6.33 3.61 0.26
N VAL A 39 -7.36 3.61 1.11
CA VAL A 39 -8.14 4.80 1.38
C VAL A 39 -7.71 5.44 2.70
N ARG A 40 -7.35 4.61 3.66
CA ARG A 40 -6.92 5.10 4.97
C ARG A 40 -5.78 4.24 5.53
N VAL A 41 -4.64 4.87 5.79
CA VAL A 41 -3.49 4.17 6.33
C VAL A 41 -3.22 4.57 7.77
N GLU A 42 -3.32 3.61 8.68
CA GLU A 42 -3.08 3.86 10.10
C GLU A 42 -1.72 3.34 10.53
N GLU A 43 -1.23 3.83 11.66
CA GLU A 43 0.06 3.40 12.19
C GLU A 43 0.05 1.92 12.55
N ASN A 44 -1.14 1.42 12.90
CA ASN A 44 -1.29 0.02 13.28
C ASN A 44 -1.58 -0.84 12.06
N PHE A 45 -2.76 -0.63 11.46
CA PHE A 45 -3.16 -1.39 10.28
C PHE A 45 -3.48 -0.45 9.11
N VAL A 46 -3.85 -1.04 7.98
CA VAL A 46 -4.19 -0.26 6.80
C VAL A 46 -5.57 -0.63 6.27
N ILE A 47 -6.40 0.39 6.03
CA ILE A 47 -7.75 0.17 5.53
C ILE A 47 -7.80 0.36 4.02
N LEU A 48 -8.02 -0.73 3.30
CA LEU A 48 -8.10 -0.67 1.84
C LEU A 48 -9.52 -0.97 1.37
N PHE A 49 -9.99 -0.20 0.39
CA PHE A 49 -11.33 -0.38 -0.16
C PHE A 49 -11.35 -1.51 -1.19
N SER A 50 -12.40 -2.32 -1.14
CA SER A 50 -12.54 -3.44 -2.06
C SER A 50 -13.31 -3.02 -3.31
N ASP A 51 -12.97 -3.62 -4.44
CA ASP A 51 -13.64 -3.31 -5.70
C ASP A 51 -14.76 -4.31 -5.98
N LEU A 52 -14.71 -5.45 -5.31
CA LEU A 52 -15.72 -6.49 -5.48
C LEU A 52 -16.81 -6.38 -4.42
N THR A 53 -16.40 -6.37 -3.16
CA THR A 53 -17.33 -6.27 -2.05
C THR A 53 -17.73 -4.82 -1.80
N MET A 54 -16.98 -3.90 -2.39
CA MET A 54 -17.26 -2.47 -2.24
C MET A 54 -17.35 -2.09 -0.76
N HIS A 55 -16.38 -2.54 0.02
CA HIS A 55 -16.34 -2.25 1.45
C HIS A 55 -14.92 -1.93 1.91
N GLU A 56 -14.80 -1.48 3.15
CA GLU A 56 -13.50 -1.13 3.71
C GLU A 56 -12.96 -2.26 4.59
N LEU A 57 -11.92 -2.92 4.11
CA LEU A 57 -11.31 -4.03 4.84
C LEU A 57 -10.07 -3.56 5.59
N LYS A 58 -9.97 -3.94 6.86
CA LYS A 58 -8.84 -3.56 7.69
C LYS A 58 -7.80 -4.68 7.75
N VAL A 59 -6.60 -4.41 7.25
CA VAL A 59 -5.53 -5.40 7.25
C VAL A 59 -4.18 -4.75 7.56
N LEU A 60 -3.36 -5.44 8.33
CA LEU A 60 -2.05 -4.94 8.69
C LEU A 60 -1.15 -4.81 7.47
N PRO A 61 -0.20 -3.88 7.52
CA PRO A 61 0.74 -3.64 6.43
C PRO A 61 1.74 -4.78 6.25
N ARG A 62 1.58 -5.83 7.07
CA ARG A 62 2.46 -6.98 7.00
C ARG A 62 1.83 -8.11 6.19
N ASP A 63 0.59 -7.90 5.78
CA ASP A 63 -0.14 -8.90 5.00
C ASP A 63 -0.57 -8.33 3.65
N LEU A 64 0.04 -7.22 3.25
CA LEU A 64 -0.28 -6.58 1.99
C LEU A 64 0.96 -6.44 1.11
N GLN A 65 0.74 -6.20 -0.18
CA GLN A 65 1.84 -6.05 -1.12
C GLN A 65 1.43 -5.17 -2.31
N LEU A 66 2.23 -4.14 -2.58
CA LEU A 66 1.94 -3.23 -3.68
C LEU A 66 1.95 -3.97 -5.01
N CYS A 67 1.35 -3.36 -6.03
CA CYS A 67 1.28 -3.95 -7.35
C CYS A 67 2.35 -3.35 -8.27
N SER A 68 2.66 -2.07 -8.06
CA SER A 68 3.65 -1.37 -8.86
C SER A 68 5.06 -1.66 -8.36
N GLU A 69 5.32 -1.32 -7.10
CA GLU A 69 6.62 -1.54 -6.50
C GLU A 69 6.68 -2.91 -5.82
N GLY A 1 33.87 -5.13 11.21
CA GLY A 1 32.48 -5.22 11.60
C GLY A 1 32.31 -5.49 13.07
N SER A 2 31.73 -4.54 13.80
CA SER A 2 31.51 -4.69 15.23
C SER A 2 30.38 -5.65 15.51
N SER A 3 30.15 -5.94 16.79
CA SER A 3 29.10 -6.86 17.20
C SER A 3 27.73 -6.22 17.03
N GLY A 4 26.75 -7.03 16.63
CA GLY A 4 25.40 -6.53 16.44
C GLY A 4 24.37 -7.64 16.39
N SER A 5 23.54 -7.63 15.34
CA SER A 5 22.50 -8.63 15.19
C SER A 5 22.87 -9.64 14.11
N SER A 6 23.12 -10.87 14.52
CA SER A 6 23.50 -11.93 13.58
C SER A 6 22.52 -11.99 12.41
N GLY A 7 22.91 -12.71 11.36
CA GLY A 7 22.07 -12.83 10.19
C GLY A 7 21.85 -11.51 9.48
N GLU A 8 21.33 -11.57 8.26
CA GLU A 8 21.07 -10.37 7.48
C GLU A 8 20.65 -9.21 8.38
N PHE A 9 21.10 -8.00 8.04
CA PHE A 9 20.76 -6.81 8.82
C PHE A 9 19.30 -6.41 8.60
N PRO A 10 18.66 -5.90 9.65
CA PRO A 10 17.27 -5.46 9.60
C PRO A 10 17.09 -4.20 8.76
N ALA A 11 18.21 -3.57 8.40
CA ALA A 11 18.17 -2.36 7.59
C ALA A 11 17.37 -2.56 6.31
N GLN A 12 16.18 -1.97 6.27
CA GLN A 12 15.32 -2.09 5.11
C GLN A 12 15.20 -0.76 4.37
N GLU A 13 15.89 -0.65 3.23
CA GLU A 13 15.88 0.57 2.44
C GLU A 13 14.85 0.47 1.32
N LEU A 14 13.70 -0.13 1.63
CA LEU A 14 12.63 -0.30 0.64
C LEU A 14 11.56 0.77 0.83
N ARG A 15 11.08 1.32 -0.29
CA ARG A 15 10.05 2.35 -0.25
C ARG A 15 8.70 1.79 -0.66
N LYS A 16 8.42 0.56 -0.24
CA LYS A 16 7.17 -0.09 -0.57
C LYS A 16 6.08 0.27 0.44
N TYR A 17 6.06 1.54 0.84
CA TYR A 17 5.07 2.01 1.81
C TYR A 17 3.70 2.13 1.17
N PHE A 18 2.68 1.68 1.89
CA PHE A 18 1.30 1.75 1.39
C PHE A 18 0.66 3.09 1.73
N LYS A 19 0.64 3.99 0.77
CA LYS A 19 0.06 5.31 0.97
C LYS A 19 -1.23 5.46 0.16
N MET A 20 -2.18 6.21 0.71
CA MET A 20 -3.47 6.43 0.04
C MET A 20 -3.27 6.68 -1.45
N GLY A 21 -4.06 6.01 -2.28
CA GLY A 21 -3.96 6.17 -3.71
C GLY A 21 -3.34 4.97 -4.39
N ASP A 22 -2.30 4.41 -3.77
CA ASP A 22 -1.61 3.25 -4.31
C ASP A 22 -2.46 1.99 -4.15
N HIS A 23 -2.16 0.97 -4.95
CA HIS A 23 -2.89 -0.29 -4.90
C HIS A 23 -2.12 -1.32 -4.08
N VAL A 24 -2.87 -2.15 -3.35
CA VAL A 24 -2.26 -3.19 -2.52
C VAL A 24 -3.05 -4.48 -2.59
N LYS A 25 -2.36 -5.61 -2.50
CA LYS A 25 -3.00 -6.91 -2.56
C LYS A 25 -2.79 -7.68 -1.25
N VAL A 26 -3.73 -8.57 -0.94
CA VAL A 26 -3.64 -9.37 0.28
C VAL A 26 -3.00 -10.72 0.00
N ILE A 27 -2.04 -11.09 0.84
CA ILE A 27 -1.35 -12.37 0.68
C ILE A 27 -1.58 -13.27 1.89
N ALA A 28 -1.99 -12.67 3.00
CA ALA A 28 -2.25 -13.42 4.22
C ALA A 28 -3.42 -12.80 5.00
N GLY A 29 -3.71 -13.37 6.16
CA GLY A 29 -4.80 -12.87 6.98
C GLY A 29 -6.11 -13.56 6.69
N ARG A 30 -7.21 -12.98 7.17
CA ARG A 30 -8.53 -13.55 6.95
C ARG A 30 -9.06 -13.17 5.58
N PHE A 31 -8.31 -12.32 4.87
CA PHE A 31 -8.71 -11.90 3.53
C PHE A 31 -7.61 -12.22 2.51
N GLU A 32 -7.06 -13.42 2.61
CA GLU A 32 -6.00 -13.85 1.70
C GLU A 32 -6.57 -14.12 0.30
N GLY A 33 -6.17 -13.28 -0.65
CA GLY A 33 -6.66 -13.44 -2.02
C GLY A 33 -7.53 -12.28 -2.46
N ASP A 34 -7.45 -11.17 -1.75
CA ASP A 34 -8.24 -9.99 -2.07
C ASP A 34 -7.33 -8.85 -2.53
N THR A 35 -7.95 -7.80 -3.09
CA THR A 35 -7.21 -6.65 -3.57
C THR A 35 -8.06 -5.38 -3.49
N GLY A 36 -7.38 -4.24 -3.32
CA GLY A 36 -8.10 -2.98 -3.24
C GLY A 36 -7.15 -1.79 -3.18
N LEU A 37 -7.72 -0.59 -3.13
CA LEU A 37 -6.92 0.63 -3.08
C LEU A 37 -6.79 1.13 -1.64
N ILE A 38 -5.78 1.95 -1.39
CA ILE A 38 -5.55 2.49 -0.06
C ILE A 38 -6.35 3.77 0.15
N VAL A 39 -7.28 3.74 1.10
CA VAL A 39 -8.12 4.89 1.40
C VAL A 39 -7.79 5.45 2.78
N ARG A 40 -7.24 4.62 3.64
CA ARG A 40 -6.89 5.03 4.99
C ARG A 40 -5.70 4.22 5.52
N VAL A 41 -4.73 4.91 6.10
CA VAL A 41 -3.54 4.25 6.64
C VAL A 41 -3.34 4.61 8.11
N GLU A 42 -3.13 3.60 8.94
CA GLU A 42 -2.92 3.81 10.37
C GLU A 42 -1.62 3.16 10.83
N GLU A 43 -1.07 3.66 11.93
CA GLU A 43 0.18 3.13 12.47
C GLU A 43 0.02 1.66 12.84
N ASN A 44 -1.21 1.20 12.93
CA ASN A 44 -1.49 -0.18 13.28
C ASN A 44 -1.77 -1.01 12.02
N PHE A 45 -2.83 -0.64 11.30
CA PHE A 45 -3.20 -1.34 10.09
C PHE A 45 -3.62 -0.36 9.00
N VAL A 46 -3.68 -0.84 7.75
CA VAL A 46 -4.06 -0.01 6.63
C VAL A 46 -5.40 -0.45 6.05
N ILE A 47 -6.35 0.49 5.98
CA ILE A 47 -7.67 0.19 5.45
C ILE A 47 -7.73 0.43 3.94
N LEU A 48 -7.99 -0.63 3.18
CA LEU A 48 -8.07 -0.53 1.73
C LEU A 48 -9.49 -0.80 1.25
N PHE A 49 -9.90 -0.08 0.20
CA PHE A 49 -11.24 -0.25 -0.36
C PHE A 49 -11.26 -1.40 -1.35
N SER A 50 -12.25 -2.28 -1.21
CA SER A 50 -12.39 -3.43 -2.08
C SER A 50 -13.48 -3.18 -3.13
N ASP A 51 -13.22 -3.65 -4.35
CA ASP A 51 -14.17 -3.48 -5.45
C ASP A 51 -15.12 -4.67 -5.53
N LEU A 52 -14.67 -5.82 -5.03
CA LEU A 52 -15.48 -7.03 -5.05
C LEU A 52 -16.64 -6.93 -4.07
N THR A 53 -16.32 -6.62 -2.81
CA THR A 53 -17.34 -6.48 -1.78
C THR A 53 -17.84 -5.06 -1.68
N MET A 54 -17.08 -4.11 -2.24
CA MET A 54 -17.46 -2.71 -2.21
C MET A 54 -17.49 -2.17 -0.79
N HIS A 55 -16.51 -2.58 0.01
CA HIS A 55 -16.43 -2.14 1.40
C HIS A 55 -14.98 -1.96 1.82
N GLU A 56 -14.78 -1.40 3.01
CA GLU A 56 -13.44 -1.15 3.53
C GLU A 56 -12.96 -2.32 4.37
N LEU A 57 -11.78 -2.85 4.04
CA LEU A 57 -11.21 -3.97 4.77
C LEU A 57 -9.99 -3.54 5.56
N LYS A 58 -9.91 -3.95 6.81
CA LYS A 58 -8.79 -3.62 7.68
C LYS A 58 -7.80 -4.78 7.77
N VAL A 59 -6.60 -4.56 7.25
CA VAL A 59 -5.56 -5.59 7.27
C VAL A 59 -4.20 -4.99 7.58
N LEU A 60 -3.37 -5.75 8.29
CA LEU A 60 -2.04 -5.30 8.66
C LEU A 60 -1.15 -5.12 7.42
N PRO A 61 -0.19 -4.19 7.51
CA PRO A 61 0.73 -3.90 6.41
C PRO A 61 1.71 -5.05 6.17
N ARG A 62 1.62 -6.09 6.98
CA ARG A 62 2.50 -7.25 6.86
C ARG A 62 1.88 -8.30 5.95
N ASP A 63 0.58 -8.16 5.68
CA ASP A 63 -0.14 -9.10 4.83
C ASP A 63 -0.51 -8.46 3.50
N LEU A 64 -0.09 -7.20 3.32
CA LEU A 64 -0.38 -6.48 2.08
C LEU A 64 0.87 -6.34 1.22
N GLN A 65 0.67 -6.21 -0.09
CA GLN A 65 1.78 -6.09 -1.02
C GLN A 65 1.44 -5.08 -2.12
N LEU A 66 2.36 -4.15 -2.37
CA LEU A 66 2.16 -3.14 -3.40
C LEU A 66 2.06 -3.79 -4.78
N CYS A 67 1.43 -3.08 -5.72
CA CYS A 67 1.28 -3.58 -7.08
C CYS A 67 1.99 -2.68 -8.08
N SER A 68 2.03 -1.38 -7.78
CA SER A 68 2.69 -0.42 -8.65
C SER A 68 4.20 -0.60 -8.63
N GLU A 69 4.77 -0.62 -7.42
CA GLU A 69 6.21 -0.79 -7.26
C GLU A 69 6.60 -2.26 -7.31
N GLY A 1 21.26 17.46 -0.32
CA GLY A 1 21.79 16.96 -1.57
C GLY A 1 21.47 17.85 -2.74
N SER A 2 20.47 17.47 -3.53
CA SER A 2 20.07 18.24 -4.71
C SER A 2 18.57 18.09 -4.96
N SER A 3 17.95 19.17 -5.43
CA SER A 3 16.52 19.17 -5.71
C SER A 3 16.25 18.77 -7.16
N GLY A 4 16.99 19.35 -8.08
CA GLY A 4 16.82 19.04 -9.48
C GLY A 4 17.87 19.71 -10.36
N SER A 5 18.17 19.09 -11.50
CA SER A 5 19.16 19.63 -12.42
C SER A 5 18.55 19.83 -13.81
N SER A 6 17.69 18.91 -14.21
CA SER A 6 17.04 18.98 -15.52
C SER A 6 15.89 17.98 -15.61
N GLY A 7 14.76 18.43 -16.13
CA GLY A 7 13.60 17.57 -16.26
C GLY A 7 12.35 18.16 -15.65
N GLU A 8 11.27 18.21 -16.44
CA GLU A 8 10.01 18.77 -15.97
C GLU A 8 9.69 18.28 -14.56
N PHE A 9 9.54 16.97 -14.43
CA PHE A 9 9.22 16.37 -13.12
C PHE A 9 10.44 15.64 -12.56
N PRO A 10 10.59 15.70 -11.23
CA PRO A 10 11.71 15.06 -10.53
C PRO A 10 11.60 13.54 -10.54
N ALA A 11 12.73 12.86 -10.37
CA ALA A 11 12.75 11.40 -10.35
C ALA A 11 12.85 10.87 -8.93
N GLN A 12 11.84 10.11 -8.51
CA GLN A 12 11.82 9.54 -7.17
C GLN A 12 12.25 8.08 -7.19
N GLU A 13 12.74 7.59 -6.05
CA GLU A 13 13.20 6.21 -5.95
C GLU A 13 12.03 5.27 -5.69
N LEU A 14 12.04 4.12 -6.35
CA LEU A 14 10.97 3.13 -6.20
C LEU A 14 10.99 2.53 -4.79
N ARG A 15 9.89 2.69 -4.08
CA ARG A 15 9.77 2.16 -2.72
C ARG A 15 8.63 1.16 -2.62
N LYS A 16 8.56 0.46 -1.49
CA LYS A 16 7.51 -0.53 -1.27
C LYS A 16 6.57 -0.09 -0.15
N TYR A 17 6.32 1.21 -0.08
CA TYR A 17 5.44 1.76 0.95
C TYR A 17 4.01 1.86 0.43
N PHE A 18 3.06 1.41 1.27
CA PHE A 18 1.65 1.45 0.90
C PHE A 18 0.97 2.67 1.50
N LYS A 19 0.69 3.66 0.65
CA LYS A 19 0.04 4.89 1.09
C LYS A 19 -1.30 5.08 0.38
N MET A 20 -2.08 6.05 0.83
CA MET A 20 -3.38 6.33 0.24
C MET A 20 -3.24 6.57 -1.26
N GLY A 21 -4.21 6.05 -2.03
CA GLY A 21 -4.17 6.21 -3.47
C GLY A 21 -3.46 5.06 -4.17
N ASP A 22 -2.60 4.37 -3.43
CA ASP A 22 -1.85 3.25 -3.99
C ASP A 22 -2.66 1.95 -3.88
N HIS A 23 -2.45 1.06 -4.84
CA HIS A 23 -3.15 -0.22 -4.85
C HIS A 23 -2.30 -1.33 -4.25
N VAL A 24 -2.89 -2.10 -3.35
CA VAL A 24 -2.18 -3.20 -2.70
C VAL A 24 -2.93 -4.51 -2.85
N LYS A 25 -2.28 -5.60 -2.47
CA LYS A 25 -2.89 -6.93 -2.56
C LYS A 25 -2.66 -7.73 -1.29
N VAL A 26 -3.65 -8.54 -0.92
CA VAL A 26 -3.56 -9.36 0.29
C VAL A 26 -2.97 -10.71 -0.02
N ILE A 27 -1.86 -11.04 0.66
CA ILE A 27 -1.19 -12.32 0.45
C ILE A 27 -1.43 -13.26 1.63
N ALA A 28 -1.74 -12.68 2.79
CA ALA A 28 -1.99 -13.46 3.99
C ALA A 28 -3.15 -12.87 4.80
N GLY A 29 -3.49 -13.52 5.90
CA GLY A 29 -4.57 -13.05 6.74
C GLY A 29 -5.88 -13.75 6.45
N ARG A 30 -6.99 -13.06 6.70
CA ARG A 30 -8.31 -13.62 6.46
C ARG A 30 -8.77 -13.35 5.03
N PHE A 31 -8.23 -12.28 4.44
CA PHE A 31 -8.58 -11.92 3.07
C PHE A 31 -7.47 -12.31 2.10
N GLU A 32 -6.89 -13.48 2.31
CA GLU A 32 -5.81 -13.96 1.45
C GLU A 32 -6.29 -14.14 0.02
N GLY A 33 -5.79 -13.29 -0.87
CA GLY A 33 -6.19 -13.37 -2.27
C GLY A 33 -7.01 -12.16 -2.71
N ASP A 34 -7.41 -11.33 -1.74
CA ASP A 34 -8.20 -10.15 -2.04
C ASP A 34 -7.31 -8.93 -2.23
N THR A 35 -7.71 -8.04 -3.13
CA THR A 35 -6.94 -6.83 -3.41
C THR A 35 -7.84 -5.60 -3.37
N GLY A 36 -7.22 -4.43 -3.20
CA GLY A 36 -7.97 -3.19 -3.15
C GLY A 36 -7.08 -1.98 -3.04
N LEU A 37 -7.68 -0.79 -3.10
CA LEU A 37 -6.93 0.45 -3.00
C LEU A 37 -6.82 0.91 -1.55
N ILE A 38 -5.93 1.87 -1.30
CA ILE A 38 -5.73 2.39 0.04
C ILE A 38 -6.46 3.71 0.23
N VAL A 39 -7.55 3.68 1.01
CA VAL A 39 -8.34 4.87 1.27
C VAL A 39 -7.89 5.55 2.57
N ARG A 40 -7.35 4.77 3.49
CA ARG A 40 -6.88 5.28 4.76
C ARG A 40 -5.79 4.39 5.35
N VAL A 41 -4.87 5.01 6.09
CA VAL A 41 -3.77 4.27 6.71
C VAL A 41 -3.64 4.61 8.18
N GLU A 42 -3.28 3.61 8.99
CA GLU A 42 -3.12 3.82 10.42
C GLU A 42 -1.81 3.22 10.92
N GLU A 43 -1.17 3.90 11.87
CA GLU A 43 0.10 3.44 12.41
C GLU A 43 0.03 1.96 12.79
N ASN A 44 -1.20 1.48 12.99
CA ASN A 44 -1.40 0.08 13.35
C ASN A 44 -1.66 -0.78 12.12
N PHE A 45 -2.70 -0.43 11.37
CA PHE A 45 -3.06 -1.17 10.17
C PHE A 45 -3.46 -0.21 9.04
N VAL A 46 -3.64 -0.75 7.85
CA VAL A 46 -4.02 0.05 6.69
C VAL A 46 -5.40 -0.33 6.19
N ILE A 47 -6.27 0.67 6.03
CA ILE A 47 -7.63 0.43 5.55
C ILE A 47 -7.71 0.55 4.03
N LEU A 48 -7.85 -0.59 3.36
CA LEU A 48 -7.94 -0.62 1.90
C LEU A 48 -9.37 -0.90 1.45
N PHE A 49 -9.81 -0.15 0.43
CA PHE A 49 -11.16 -0.32 -0.10
C PHE A 49 -11.20 -1.43 -1.14
N SER A 50 -12.18 -2.32 -1.01
CA SER A 50 -12.32 -3.44 -1.95
C SER A 50 -13.16 -3.03 -3.14
N ASP A 51 -12.92 -3.68 -4.28
CA ASP A 51 -13.66 -3.39 -5.50
C ASP A 51 -14.75 -4.44 -5.75
N LEU A 52 -14.62 -5.57 -5.09
CA LEU A 52 -15.59 -6.65 -5.23
C LEU A 52 -16.72 -6.51 -4.20
N THR A 53 -16.34 -6.41 -2.93
CA THR A 53 -17.31 -6.28 -1.86
C THR A 53 -17.76 -4.83 -1.71
N MET A 54 -17.05 -3.92 -2.36
CA MET A 54 -17.37 -2.50 -2.30
C MET A 54 -17.45 -2.02 -0.85
N HIS A 55 -16.71 -2.68 0.02
CA HIS A 55 -16.70 -2.32 1.44
C HIS A 55 -15.28 -1.98 1.89
N GLU A 56 -15.17 -1.51 3.14
CA GLU A 56 -13.87 -1.15 3.70
C GLU A 56 -13.22 -2.34 4.41
N LEU A 57 -12.03 -2.72 3.95
CA LEU A 57 -11.31 -3.84 4.54
C LEU A 57 -10.12 -3.35 5.36
N LYS A 58 -9.93 -3.96 6.53
CA LYS A 58 -8.82 -3.59 7.40
C LYS A 58 -7.86 -4.76 7.58
N VAL A 59 -6.59 -4.52 7.27
CA VAL A 59 -5.56 -5.55 7.39
C VAL A 59 -4.19 -4.93 7.66
N LEU A 60 -3.33 -5.68 8.36
CA LEU A 60 -2.00 -5.21 8.67
C LEU A 60 -1.14 -5.10 7.41
N PRO A 61 -0.16 -4.20 7.44
CA PRO A 61 0.75 -3.98 6.31
C PRO A 61 1.71 -5.15 6.09
N ARG A 62 1.62 -6.14 6.98
CA ARG A 62 2.48 -7.32 6.89
C ARG A 62 1.86 -8.38 5.97
N ASP A 63 0.55 -8.28 5.78
CA ASP A 63 -0.17 -9.23 4.93
C ASP A 63 -0.60 -8.56 3.63
N LEU A 64 0.04 -7.45 3.29
CA LEU A 64 -0.28 -6.71 2.08
C LEU A 64 0.96 -6.50 1.22
N GLN A 65 0.75 -6.29 -0.07
CA GLN A 65 1.86 -6.07 -1.00
C GLN A 65 1.40 -5.26 -2.20
N LEU A 66 2.12 -4.18 -2.50
CA LEU A 66 1.79 -3.32 -3.62
C LEU A 66 1.71 -4.11 -4.92
N CYS A 67 1.04 -3.55 -5.91
CA CYS A 67 0.89 -4.21 -7.20
C CYS A 67 1.81 -3.59 -8.24
N SER A 68 1.99 -2.28 -8.16
CA SER A 68 2.84 -1.56 -9.10
C SER A 68 4.30 -1.98 -8.93
N GLU A 69 4.81 -1.86 -7.70
CA GLU A 69 6.19 -2.22 -7.42
C GLU A 69 6.47 -3.67 -7.82
N GLY A 1 1.06 20.12 -15.96
CA GLY A 1 2.16 19.19 -15.74
C GLY A 1 2.97 19.54 -14.50
N SER A 2 3.98 18.74 -14.21
CA SER A 2 4.83 18.96 -13.05
C SER A 2 5.93 19.96 -13.37
N SER A 3 5.66 21.24 -13.14
CA SER A 3 6.63 22.30 -13.41
C SER A 3 7.93 22.03 -12.67
N GLY A 4 8.97 22.77 -13.05
CA GLY A 4 10.27 22.60 -12.41
C GLY A 4 11.36 22.23 -13.40
N SER A 5 11.69 20.94 -13.44
CA SER A 5 12.73 20.45 -14.35
C SER A 5 12.42 19.03 -14.79
N SER A 6 12.97 18.64 -15.95
CA SER A 6 12.76 17.31 -16.49
C SER A 6 14.08 16.54 -16.57
N GLY A 7 14.32 15.68 -15.58
CA GLY A 7 15.54 14.90 -15.56
C GLY A 7 15.33 13.50 -15.00
N GLU A 8 16.42 12.86 -14.62
CA GLU A 8 16.35 11.51 -14.07
C GLU A 8 17.29 11.35 -12.88
N PHE A 9 16.71 11.25 -11.69
CA PHE A 9 17.49 11.09 -10.46
C PHE A 9 17.35 9.69 -9.90
N PRO A 10 18.44 9.18 -9.30
CA PRO A 10 18.46 7.83 -8.71
C PRO A 10 17.62 7.74 -7.44
N ALA A 11 17.28 6.52 -7.05
CA ALA A 11 16.48 6.29 -5.86
C ALA A 11 17.32 5.74 -4.72
N GLN A 12 17.81 6.63 -3.86
CA GLN A 12 18.64 6.22 -2.73
C GLN A 12 17.88 5.29 -1.81
N GLU A 13 16.76 5.78 -1.27
CA GLU A 13 15.94 4.99 -0.36
C GLU A 13 14.83 4.27 -1.12
N LEU A 14 14.66 2.98 -0.84
CA LEU A 14 13.62 2.19 -1.50
C LEU A 14 12.27 2.40 -0.84
N ARG A 15 11.48 3.32 -1.40
CA ARG A 15 10.15 3.61 -0.86
C ARG A 15 9.16 2.52 -1.25
N LYS A 16 9.07 1.48 -0.42
CA LYS A 16 8.16 0.37 -0.66
C LYS A 16 7.02 0.38 0.35
N TYR A 17 6.69 1.55 0.86
CA TYR A 17 5.62 1.68 1.85
C TYR A 17 4.28 1.90 1.16
N PHE A 18 3.21 1.51 1.83
CA PHE A 18 1.87 1.66 1.29
C PHE A 18 1.24 2.98 1.75
N LYS A 19 0.70 3.74 0.80
CA LYS A 19 0.07 5.02 1.10
C LYS A 19 -1.25 5.16 0.36
N MET A 20 -2.16 5.96 0.93
CA MET A 20 -3.47 6.18 0.32
C MET A 20 -3.32 6.60 -1.14
N GLY A 21 -4.02 5.89 -2.03
CA GLY A 21 -3.96 6.22 -3.44
C GLY A 21 -3.26 5.14 -4.24
N ASP A 22 -2.61 4.21 -3.54
CA ASP A 22 -1.89 3.12 -4.21
C ASP A 22 -2.71 1.83 -4.16
N HIS A 23 -2.32 0.86 -4.99
CA HIS A 23 -3.01 -0.42 -5.04
C HIS A 23 -2.20 -1.50 -4.33
N VAL A 24 -2.89 -2.33 -3.56
CA VAL A 24 -2.25 -3.41 -2.82
C VAL A 24 -3.08 -4.69 -2.86
N LYS A 25 -2.49 -5.80 -2.43
CA LYS A 25 -3.16 -7.08 -2.42
C LYS A 25 -2.92 -7.81 -1.11
N VAL A 26 -3.92 -8.58 -0.67
CA VAL A 26 -3.81 -9.34 0.57
C VAL A 26 -3.26 -10.74 0.31
N ILE A 27 -2.01 -10.94 0.67
CA ILE A 27 -1.35 -12.24 0.48
C ILE A 27 -1.61 -13.16 1.67
N ALA A 28 -1.83 -12.55 2.84
CA ALA A 28 -2.09 -13.32 4.05
C ALA A 28 -3.20 -12.68 4.87
N GLY A 29 -3.64 -13.39 5.92
CA GLY A 29 -4.70 -12.87 6.76
C GLY A 29 -6.01 -13.60 6.55
N ARG A 30 -7.11 -12.99 6.98
CA ARG A 30 -8.43 -13.59 6.84
C ARG A 30 -9.07 -13.19 5.52
N PHE A 31 -8.35 -12.38 4.75
CA PHE A 31 -8.86 -11.91 3.46
C PHE A 31 -7.93 -12.35 2.33
N GLU A 32 -7.05 -13.30 2.62
CA GLU A 32 -6.11 -13.81 1.62
C GLU A 32 -6.78 -13.93 0.26
N GLY A 33 -6.23 -13.24 -0.73
CA GLY A 33 -6.78 -13.30 -2.07
C GLY A 33 -7.64 -12.08 -2.39
N ASP A 34 -7.65 -11.11 -1.48
CA ASP A 34 -8.43 -9.90 -1.68
C ASP A 34 -7.52 -8.70 -1.92
N THR A 35 -7.84 -7.93 -2.95
CA THR A 35 -7.05 -6.75 -3.30
C THR A 35 -7.92 -5.50 -3.34
N GLY A 36 -7.28 -4.33 -3.30
CA GLY A 36 -8.02 -3.09 -3.33
C GLY A 36 -7.10 -1.88 -3.25
N LEU A 37 -7.70 -0.70 -3.16
CA LEU A 37 -6.93 0.55 -3.08
C LEU A 37 -6.80 1.02 -1.63
N ILE A 38 -5.79 1.84 -1.37
CA ILE A 38 -5.57 2.36 -0.02
C ILE A 38 -6.33 3.66 0.20
N VAL A 39 -7.29 3.63 1.11
CA VAL A 39 -8.09 4.81 1.42
C VAL A 39 -7.69 5.41 2.76
N ARG A 40 -7.29 4.56 3.69
CA ARG A 40 -6.87 5.00 5.01
C ARG A 40 -5.67 4.21 5.51
N VAL A 41 -4.73 4.91 6.15
CA VAL A 41 -3.53 4.27 6.67
C VAL A 41 -3.30 4.62 8.13
N GLU A 42 -3.18 3.60 8.98
CA GLU A 42 -2.96 3.81 10.40
C GLU A 42 -1.64 3.20 10.85
N GLU A 43 -1.09 3.73 11.94
CA GLU A 43 0.18 3.23 12.46
C GLU A 43 0.08 1.75 12.83
N ASN A 44 -1.15 1.25 12.95
CA ASN A 44 -1.39 -0.13 13.30
C ASN A 44 -1.68 -0.96 12.05
N PHE A 45 -2.77 -0.61 11.36
CA PHE A 45 -3.17 -1.32 10.15
C PHE A 45 -3.56 -0.33 9.05
N VAL A 46 -3.70 -0.83 7.83
CA VAL A 46 -4.07 -0.01 6.69
C VAL A 46 -5.42 -0.43 6.11
N ILE A 47 -6.34 0.52 6.04
CA ILE A 47 -7.67 0.24 5.50
C ILE A 47 -7.71 0.45 3.99
N LEU A 48 -7.98 -0.63 3.26
CA LEU A 48 -8.05 -0.57 1.80
C LEU A 48 -9.47 -0.79 1.31
N PHE A 49 -9.88 -0.02 0.31
CA PHE A 49 -11.22 -0.14 -0.25
C PHE A 49 -11.28 -1.29 -1.26
N SER A 50 -12.24 -2.19 -1.06
CA SER A 50 -12.40 -3.34 -1.94
C SER A 50 -13.30 -2.98 -3.13
N ASP A 51 -13.12 -3.69 -4.24
CA ASP A 51 -13.91 -3.45 -5.44
C ASP A 51 -14.94 -4.55 -5.64
N LEU A 52 -14.63 -5.75 -5.15
CA LEU A 52 -15.53 -6.88 -5.27
C LEU A 52 -16.70 -6.76 -4.31
N THR A 53 -16.39 -6.50 -3.03
CA THR A 53 -17.41 -6.35 -2.01
C THR A 53 -17.79 -4.89 -1.82
N MET A 54 -16.99 -3.99 -2.37
CA MET A 54 -17.25 -2.56 -2.27
C MET A 54 -17.28 -2.13 -0.81
N HIS A 55 -16.52 -2.81 0.03
CA HIS A 55 -16.46 -2.49 1.44
C HIS A 55 -15.03 -2.20 1.89
N GLU A 56 -14.88 -1.50 3.00
CA GLU A 56 -13.56 -1.16 3.52
C GLU A 56 -13.00 -2.30 4.36
N LEU A 57 -11.94 -2.93 3.86
CA LEU A 57 -11.31 -4.04 4.58
C LEU A 57 -10.16 -3.55 5.44
N LYS A 58 -10.03 -4.12 6.64
CA LYS A 58 -8.98 -3.75 7.56
C LYS A 58 -7.94 -4.86 7.69
N VAL A 59 -6.69 -4.52 7.41
CA VAL A 59 -5.60 -5.50 7.50
C VAL A 59 -4.26 -4.81 7.75
N LEU A 60 -3.32 -5.56 8.29
CA LEU A 60 -1.99 -5.02 8.58
C LEU A 60 -1.18 -4.83 7.31
N PRO A 61 -0.25 -3.87 7.33
CA PRO A 61 0.60 -3.57 6.18
C PRO A 61 1.62 -4.67 5.91
N ARG A 62 1.60 -5.71 6.75
CA ARG A 62 2.53 -6.83 6.60
C ARG A 62 1.92 -7.91 5.71
N ASP A 63 0.59 -8.03 5.74
CA ASP A 63 -0.10 -9.02 4.94
C ASP A 63 -0.53 -8.43 3.59
N LEU A 64 -0.08 -7.21 3.32
CA LEU A 64 -0.41 -6.55 2.07
C LEU A 64 0.83 -6.37 1.20
N GLN A 65 0.62 -6.24 -0.11
CA GLN A 65 1.73 -6.07 -1.04
C GLN A 65 1.35 -5.11 -2.16
N LEU A 66 2.20 -4.12 -2.40
CA LEU A 66 1.95 -3.14 -3.45
C LEU A 66 1.83 -3.81 -4.82
N CYS A 67 1.09 -3.17 -5.71
CA CYS A 67 0.89 -3.70 -7.06
C CYS A 67 2.01 -3.24 -8.00
N SER A 68 2.71 -2.20 -7.59
CA SER A 68 3.80 -1.65 -8.40
C SER A 68 5.16 -2.10 -7.86
N GLU A 69 5.49 -1.63 -6.66
CA GLU A 69 6.76 -1.99 -6.03
C GLU A 69 6.56 -3.10 -5.01
N GLY A 1 13.41 31.69 -15.38
CA GLY A 1 12.72 30.42 -15.30
C GLY A 1 11.23 30.58 -15.15
N SER A 2 10.67 30.00 -14.09
CA SER A 2 9.23 30.08 -13.84
C SER A 2 8.94 30.89 -12.58
N SER A 3 8.14 31.94 -12.74
CA SER A 3 7.79 32.80 -11.61
C SER A 3 7.06 32.01 -10.54
N GLY A 4 7.04 32.55 -9.32
CA GLY A 4 6.38 31.88 -8.22
C GLY A 4 7.21 31.86 -6.95
N SER A 5 6.84 32.72 -6.00
CA SER A 5 7.57 32.80 -4.73
C SER A 5 7.93 31.41 -4.22
N SER A 6 6.91 30.59 -4.01
CA SER A 6 7.11 29.23 -3.50
C SER A 6 6.62 28.21 -4.50
N GLY A 7 7.49 27.27 -4.87
CA GLY A 7 7.13 26.25 -5.82
C GLY A 7 7.26 24.84 -5.25
N GLU A 8 7.28 23.84 -6.13
CA GLU A 8 7.40 22.46 -5.70
C GLU A 8 8.64 21.80 -6.30
N PHE A 9 9.25 20.89 -5.56
CA PHE A 9 10.44 20.19 -6.02
C PHE A 9 10.10 18.81 -6.54
N PRO A 10 10.81 18.38 -7.60
CA PRO A 10 10.60 17.07 -8.22
C PRO A 10 11.06 15.92 -7.32
N ALA A 11 11.97 16.23 -6.39
CA ALA A 11 12.49 15.22 -5.47
C ALA A 11 11.35 14.58 -4.68
N GLN A 12 11.17 13.27 -4.86
CA GLN A 12 10.13 12.53 -4.16
C GLN A 12 10.66 11.19 -3.66
N GLU A 13 10.90 11.10 -2.37
CA GLU A 13 11.39 9.87 -1.76
C GLU A 13 10.46 8.70 -2.06
N LEU A 14 10.86 7.84 -2.98
CA LEU A 14 10.05 6.69 -3.36
C LEU A 14 10.37 5.49 -2.45
N ARG A 15 9.63 5.36 -1.37
CA ARG A 15 9.82 4.26 -0.43
C ARG A 15 8.69 3.24 -0.53
N LYS A 16 9.04 1.96 -0.38
CA LYS A 16 8.04 0.89 -0.45
C LYS A 16 7.14 0.91 0.78
N TYR A 17 5.96 1.49 0.64
CA TYR A 17 5.01 1.57 1.74
C TYR A 17 3.58 1.72 1.21
N PHE A 18 2.61 1.29 2.01
CA PHE A 18 1.21 1.38 1.62
C PHE A 18 0.62 2.74 2.00
N LYS A 19 0.38 3.57 0.99
CA LYS A 19 -0.18 4.89 1.21
C LYS A 19 -1.51 5.05 0.49
N MET A 20 -2.33 5.98 0.97
CA MET A 20 -3.64 6.23 0.36
C MET A 20 -3.49 6.58 -1.11
N GLY A 21 -4.21 5.84 -1.96
CA GLY A 21 -4.15 6.10 -3.39
C GLY A 21 -3.50 4.95 -4.15
N ASP A 22 -2.43 4.40 -3.57
CA ASP A 22 -1.72 3.30 -4.21
C ASP A 22 -2.53 2.00 -4.14
N HIS A 23 -2.23 1.07 -5.03
CA HIS A 23 -2.93 -0.20 -5.07
C HIS A 23 -2.14 -1.28 -4.34
N VAL A 24 -2.82 -2.01 -3.45
CA VAL A 24 -2.18 -3.08 -2.69
C VAL A 24 -2.93 -4.39 -2.84
N LYS A 25 -2.26 -5.50 -2.53
CA LYS A 25 -2.87 -6.82 -2.62
C LYS A 25 -2.67 -7.60 -1.33
N VAL A 26 -3.63 -8.46 -1.01
CA VAL A 26 -3.55 -9.28 0.20
C VAL A 26 -2.91 -10.63 -0.10
N ILE A 27 -1.77 -10.88 0.52
CA ILE A 27 -1.06 -12.14 0.33
C ILE A 27 -1.29 -13.08 1.51
N ALA A 28 -1.66 -12.52 2.65
CA ALA A 28 -1.92 -13.31 3.84
C ALA A 28 -3.09 -12.75 4.64
N GLY A 29 -3.43 -13.40 5.74
CA GLY A 29 -4.52 -12.95 6.57
C GLY A 29 -5.81 -13.71 6.29
N ARG A 30 -6.94 -13.05 6.47
CA ARG A 30 -8.24 -13.65 6.24
C ARG A 30 -8.69 -13.45 4.79
N PHE A 31 -8.24 -12.36 4.19
CA PHE A 31 -8.59 -12.04 2.81
C PHE A 31 -7.43 -12.36 1.87
N GLU A 32 -6.78 -13.48 2.10
CA GLU A 32 -5.65 -13.90 1.28
C GLU A 32 -6.06 -14.00 -0.19
N GLY A 33 -5.57 -13.06 -1.00
CA GLY A 33 -5.90 -13.05 -2.42
C GLY A 33 -6.72 -11.84 -2.81
N ASP A 34 -7.32 -11.18 -1.83
CA ASP A 34 -8.13 -10.01 -2.08
C ASP A 34 -7.27 -8.80 -2.40
N THR A 35 -7.72 -7.98 -3.34
CA THR A 35 -6.99 -6.78 -3.74
C THR A 35 -7.87 -5.55 -3.70
N GLY A 36 -7.27 -4.39 -3.46
CA GLY A 36 -8.03 -3.15 -3.41
C GLY A 36 -7.14 -1.93 -3.35
N LEU A 37 -7.75 -0.76 -3.23
CA LEU A 37 -7.00 0.50 -3.15
C LEU A 37 -6.89 0.99 -1.71
N ILE A 38 -5.91 1.84 -1.46
CA ILE A 38 -5.70 2.39 -0.12
C ILE A 38 -6.50 3.67 0.07
N VAL A 39 -7.52 3.60 0.93
CA VAL A 39 -8.36 4.75 1.21
C VAL A 39 -7.96 5.42 2.53
N ARG A 40 -7.42 4.63 3.44
CA ARG A 40 -7.00 5.14 4.74
C ARG A 40 -5.86 4.29 5.32
N VAL A 41 -4.92 4.95 5.97
CA VAL A 41 -3.78 4.25 6.57
C VAL A 41 -3.62 4.64 8.04
N GLU A 42 -3.16 3.69 8.85
CA GLU A 42 -2.95 3.92 10.28
C GLU A 42 -1.67 3.26 10.76
N GLU A 43 -0.95 3.96 11.64
CA GLU A 43 0.30 3.44 12.18
C GLU A 43 0.15 1.98 12.61
N ASN A 44 -1.09 1.57 12.87
CA ASN A 44 -1.37 0.20 13.29
C ASN A 44 -1.63 -0.69 12.07
N PHE A 45 -2.69 -0.37 11.32
CA PHE A 45 -3.05 -1.14 10.14
C PHE A 45 -3.43 -0.23 8.98
N VAL A 46 -3.58 -0.81 7.80
CA VAL A 46 -3.94 -0.04 6.61
C VAL A 46 -5.30 -0.47 6.08
N ILE A 47 -6.18 0.50 5.87
CA ILE A 47 -7.52 0.22 5.37
C ILE A 47 -7.57 0.41 3.85
N LEU A 48 -7.95 -0.66 3.15
CA LEU A 48 -8.05 -0.61 1.69
C LEU A 48 -9.48 -0.89 1.23
N PHE A 49 -9.93 -0.12 0.25
CA PHE A 49 -11.29 -0.29 -0.28
C PHE A 49 -11.34 -1.42 -1.31
N SER A 50 -12.24 -2.37 -1.09
CA SER A 50 -12.38 -3.51 -1.99
C SER A 50 -13.21 -3.13 -3.21
N ASP A 51 -12.96 -3.81 -4.33
CA ASP A 51 -13.68 -3.55 -5.56
C ASP A 51 -14.84 -4.54 -5.74
N LEU A 52 -14.78 -5.65 -5.01
CA LEU A 52 -15.82 -6.66 -5.08
C LEU A 52 -16.83 -6.49 -3.95
N THR A 53 -16.32 -6.43 -2.72
CA THR A 53 -17.18 -6.27 -1.55
C THR A 53 -17.56 -4.82 -1.34
N MET A 54 -17.05 -3.95 -2.22
CA MET A 54 -17.35 -2.52 -2.13
C MET A 54 -17.45 -2.07 -0.68
N HIS A 55 -16.45 -2.43 0.12
CA HIS A 55 -16.43 -2.07 1.54
C HIS A 55 -15.01 -1.79 2.01
N GLU A 56 -14.89 -1.25 3.22
CA GLU A 56 -13.59 -0.95 3.79
C GLU A 56 -13.02 -2.14 4.55
N LEU A 57 -11.88 -2.65 4.10
CA LEU A 57 -11.24 -3.79 4.74
C LEU A 57 -10.05 -3.35 5.58
N LYS A 58 -9.93 -3.92 6.77
CA LYS A 58 -8.82 -3.59 7.66
C LYS A 58 -7.87 -4.77 7.82
N VAL A 59 -6.63 -4.59 7.34
CA VAL A 59 -5.63 -5.64 7.43
C VAL A 59 -4.24 -5.05 7.70
N LEU A 60 -3.46 -5.75 8.52
CA LEU A 60 -2.12 -5.29 8.86
C LEU A 60 -1.25 -5.20 7.61
N PRO A 61 -0.25 -4.30 7.65
CA PRO A 61 0.67 -4.08 6.53
C PRO A 61 1.62 -5.27 6.32
N ARG A 62 1.45 -6.30 7.13
CA ARG A 62 2.28 -7.49 7.04
C ARG A 62 1.62 -8.55 6.16
N ASP A 63 0.36 -8.33 5.82
CA ASP A 63 -0.38 -9.25 4.98
C ASP A 63 -0.77 -8.60 3.66
N LEU A 64 -0.07 -7.54 3.29
CA LEU A 64 -0.33 -6.83 2.05
C LEU A 64 0.94 -6.65 1.22
N GLN A 65 0.76 -6.26 -0.04
CA GLN A 65 1.90 -6.06 -0.93
C GLN A 65 1.54 -5.12 -2.07
N LEU A 66 2.46 -4.21 -2.41
CA LEU A 66 2.24 -3.26 -3.47
C LEU A 66 2.28 -3.94 -4.83
N CYS A 67 1.64 -3.33 -5.82
CA CYS A 67 1.61 -3.88 -7.18
C CYS A 67 2.50 -3.07 -8.11
N SER A 68 2.47 -1.74 -7.95
CA SER A 68 3.28 -0.85 -8.78
C SER A 68 4.75 -0.98 -8.44
N GLU A 69 5.08 -0.81 -7.16
CA GLU A 69 6.46 -0.90 -6.70
C GLU A 69 6.93 -2.36 -6.69
N GLY A 1 27.82 23.66 -11.05
CA GLY A 1 27.81 23.72 -12.50
C GLY A 1 27.44 25.10 -13.03
N SER A 2 26.14 25.35 -13.17
CA SER A 2 25.66 26.63 -13.66
C SER A 2 24.19 26.83 -13.33
N SER A 3 23.79 28.09 -13.18
CA SER A 3 22.40 28.42 -12.85
C SER A 3 21.46 27.96 -13.95
N GLY A 4 20.83 26.81 -13.74
CA GLY A 4 19.91 26.27 -14.72
C GLY A 4 19.31 24.94 -14.30
N SER A 5 18.13 24.98 -13.69
CA SER A 5 17.46 23.77 -13.24
C SER A 5 16.59 23.18 -14.34
N SER A 6 17.11 22.17 -15.03
CA SER A 6 16.39 21.52 -16.11
C SER A 6 15.54 20.37 -15.58
N GLY A 7 14.22 20.56 -15.60
CA GLY A 7 13.31 19.53 -15.12
C GLY A 7 13.03 19.66 -13.64
N GLU A 8 11.75 19.59 -13.28
CA GLU A 8 11.35 19.70 -11.89
C GLU A 8 11.16 18.33 -11.26
N PHE A 9 11.49 18.21 -9.98
CA PHE A 9 11.36 16.94 -9.27
C PHE A 9 10.08 16.93 -8.43
N PRO A 10 9.45 15.75 -8.36
CA PRO A 10 8.20 15.57 -7.59
C PRO A 10 8.43 15.66 -6.08
N ALA A 11 7.76 16.61 -5.44
CA ALA A 11 7.89 16.80 -4.00
C ALA A 11 8.08 15.46 -3.29
N GLN A 12 7.10 14.57 -3.46
CA GLN A 12 7.15 13.26 -2.83
C GLN A 12 7.33 12.16 -3.87
N GLU A 13 8.21 11.21 -3.57
CA GLU A 13 8.47 10.11 -4.49
C GLU A 13 7.88 8.81 -3.95
N LEU A 14 7.20 8.07 -4.82
CA LEU A 14 6.59 6.80 -4.43
C LEU A 14 7.61 5.89 -3.77
N ARG A 15 7.20 5.26 -2.66
CA ARG A 15 8.08 4.36 -1.92
C ARG A 15 7.36 3.05 -1.60
N LYS A 16 8.14 2.03 -1.25
CA LYS A 16 7.58 0.72 -0.91
C LYS A 16 6.45 0.86 0.11
N TYR A 17 6.58 1.85 0.99
CA TYR A 17 5.57 2.08 2.02
C TYR A 17 4.19 2.25 1.40
N PHE A 18 3.20 1.58 1.97
CA PHE A 18 1.83 1.65 1.48
C PHE A 18 1.19 2.99 1.82
N LYS A 19 0.89 3.78 0.80
CA LYS A 19 0.28 5.09 0.99
C LYS A 19 -1.09 5.16 0.32
N MET A 20 -1.95 6.05 0.82
CA MET A 20 -3.28 6.21 0.26
C MET A 20 -3.22 6.53 -1.24
N GLY A 21 -4.09 5.89 -2.01
CA GLY A 21 -4.11 6.12 -3.44
C GLY A 21 -3.40 5.02 -4.22
N ASP A 22 -2.70 4.15 -3.50
CA ASP A 22 -1.98 3.05 -4.12
C ASP A 22 -2.77 1.75 -4.00
N HIS A 23 -2.53 0.83 -4.93
CA HIS A 23 -3.22 -0.46 -4.93
C HIS A 23 -2.36 -1.53 -4.27
N VAL A 24 -2.97 -2.31 -3.38
CA VAL A 24 -2.26 -3.37 -2.68
C VAL A 24 -3.01 -4.69 -2.78
N LYS A 25 -2.29 -5.79 -2.58
CA LYS A 25 -2.88 -7.12 -2.65
C LYS A 25 -2.63 -7.90 -1.38
N VAL A 26 -3.61 -8.68 -0.94
CA VAL A 26 -3.49 -9.48 0.27
C VAL A 26 -2.79 -10.79 -0.01
N ILE A 27 -1.75 -11.09 0.77
CA ILE A 27 -0.98 -12.32 0.60
C ILE A 27 -1.19 -13.27 1.78
N ALA A 28 -1.57 -12.69 2.92
CA ALA A 28 -1.80 -13.47 4.13
C ALA A 28 -2.96 -12.91 4.93
N GLY A 29 -3.36 -13.64 5.98
CA GLY A 29 -4.46 -13.19 6.81
C GLY A 29 -5.77 -13.90 6.49
N ARG A 30 -6.89 -13.23 6.74
CA ARG A 30 -8.20 -13.80 6.48
C ARG A 30 -8.65 -13.49 5.05
N PHE A 31 -8.14 -12.39 4.50
CA PHE A 31 -8.49 -11.98 3.14
C PHE A 31 -7.37 -12.31 2.17
N GLU A 32 -6.73 -13.46 2.38
CA GLU A 32 -5.64 -13.89 1.51
C GLU A 32 -6.10 -14.04 0.07
N GLY A 33 -5.69 -13.09 -0.77
CA GLY A 33 -6.08 -13.11 -2.17
C GLY A 33 -6.88 -11.89 -2.57
N ASP A 34 -7.44 -11.20 -1.59
CA ASP A 34 -8.24 -10.01 -1.84
C ASP A 34 -7.35 -8.82 -2.16
N THR A 35 -7.83 -7.94 -3.03
CA THR A 35 -7.07 -6.76 -3.42
C THR A 35 -7.96 -5.51 -3.41
N GLY A 36 -7.35 -4.36 -3.21
CA GLY A 36 -8.09 -3.11 -3.17
C GLY A 36 -7.19 -1.89 -3.14
N LEU A 37 -7.80 -0.71 -3.06
CA LEU A 37 -7.05 0.53 -3.01
C LEU A 37 -6.94 1.05 -1.59
N ILE A 38 -5.90 1.84 -1.33
CA ILE A 38 -5.69 2.41 0.00
C ILE A 38 -6.45 3.73 0.17
N VAL A 39 -7.31 3.77 1.16
CA VAL A 39 -8.11 4.97 1.44
C VAL A 39 -7.69 5.61 2.76
N ARG A 40 -7.33 4.78 3.72
CA ARG A 40 -6.91 5.26 5.04
C ARG A 40 -5.78 4.42 5.60
N VAL A 41 -4.65 5.05 5.90
CA VAL A 41 -3.49 4.36 6.44
C VAL A 41 -3.29 4.70 7.91
N GLU A 42 -3.11 3.67 8.74
CA GLU A 42 -2.90 3.87 10.16
C GLU A 42 -1.61 3.20 10.63
N GLU A 43 -1.02 3.72 11.70
CA GLU A 43 0.22 3.17 12.24
C GLU A 43 0.04 1.70 12.63
N ASN A 44 -1.19 1.35 12.99
CA ASN A 44 -1.50 -0.03 13.40
C ASN A 44 -1.78 -0.89 12.18
N PHE A 45 -2.82 -0.53 11.42
CA PHE A 45 -3.20 -1.29 10.23
C PHE A 45 -3.59 -0.35 9.10
N VAL A 46 -3.84 -0.92 7.93
CA VAL A 46 -4.22 -0.14 6.76
C VAL A 46 -5.62 -0.51 6.28
N ILE A 47 -6.41 0.51 5.95
CA ILE A 47 -7.77 0.29 5.48
C ILE A 47 -7.88 0.53 3.98
N LEU A 48 -8.06 -0.56 3.22
CA LEU A 48 -8.17 -0.45 1.77
C LEU A 48 -9.60 -0.72 1.33
N PHE A 49 -10.05 0.02 0.31
CA PHE A 49 -11.40 -0.13 -0.21
C PHE A 49 -11.46 -1.26 -1.23
N SER A 50 -12.35 -2.22 -0.99
CA SER A 50 -12.51 -3.37 -1.89
C SER A 50 -13.27 -2.97 -3.14
N ASP A 51 -13.05 -3.71 -4.23
CA ASP A 51 -13.72 -3.44 -5.49
C ASP A 51 -14.86 -4.41 -5.72
N LEU A 52 -14.76 -5.60 -5.13
CA LEU A 52 -15.78 -6.62 -5.27
C LEU A 52 -16.87 -6.45 -4.21
N THR A 53 -16.47 -6.49 -2.95
CA THR A 53 -17.41 -6.34 -1.84
C THR A 53 -17.76 -4.86 -1.61
N MET A 54 -17.24 -4.00 -2.46
CA MET A 54 -17.48 -2.57 -2.36
C MET A 54 -17.59 -2.15 -0.90
N HIS A 55 -16.62 -2.56 -0.09
CA HIS A 55 -16.60 -2.23 1.33
C HIS A 55 -15.19 -1.89 1.79
N GLU A 56 -15.06 -1.52 3.06
CA GLU A 56 -13.76 -1.17 3.62
C GLU A 56 -13.14 -2.37 4.34
N LEU A 57 -11.95 -2.76 3.89
CA LEU A 57 -11.25 -3.89 4.49
C LEU A 57 -10.11 -3.42 5.39
N LYS A 58 -9.93 -4.10 6.52
CA LYS A 58 -8.88 -3.75 7.46
C LYS A 58 -7.89 -4.90 7.63
N VAL A 59 -6.62 -4.62 7.34
CA VAL A 59 -5.58 -5.64 7.45
C VAL A 59 -4.22 -4.99 7.67
N LEU A 60 -3.37 -5.66 8.45
CA LEU A 60 -2.03 -5.16 8.74
C LEU A 60 -1.20 -5.05 7.47
N PRO A 61 -0.27 -4.09 7.45
CA PRO A 61 0.61 -3.85 6.31
C PRO A 61 1.63 -4.98 6.12
N ARG A 62 1.58 -5.96 7.01
CA ARG A 62 2.50 -7.10 6.94
C ARG A 62 1.91 -8.21 6.07
N ASP A 63 0.64 -8.09 5.73
CA ASP A 63 -0.04 -9.07 4.91
C ASP A 63 -0.47 -8.48 3.57
N LEU A 64 0.04 -7.29 3.27
CA LEU A 64 -0.29 -6.60 2.03
C LEU A 64 0.95 -6.35 1.20
N GLN A 65 0.77 -6.15 -0.11
CA GLN A 65 1.89 -5.90 -1.01
C GLN A 65 1.45 -5.01 -2.16
N LEU A 66 2.32 -4.08 -2.55
CA LEU A 66 2.03 -3.17 -3.65
C LEU A 66 1.97 -3.91 -4.98
N CYS A 67 1.16 -3.40 -5.90
CA CYS A 67 1.02 -4.01 -7.22
C CYS A 67 2.05 -3.46 -8.19
N SER A 68 2.21 -2.13 -8.19
CA SER A 68 3.16 -1.48 -9.09
C SER A 68 4.60 -1.75 -8.64
N GLU A 69 4.96 -1.21 -7.48
CA GLU A 69 6.30 -1.38 -6.94
C GLU A 69 6.39 -2.65 -6.09
N GLY A 1 32.45 4.86 -14.25
CA GLY A 1 31.27 5.00 -15.09
C GLY A 1 30.20 3.97 -14.76
N SER A 2 30.26 2.82 -15.44
CA SER A 2 29.29 1.76 -15.22
C SER A 2 29.11 1.49 -13.73
N SER A 3 27.91 1.03 -13.36
CA SER A 3 27.60 0.73 -11.98
C SER A 3 26.67 -0.46 -11.86
N GLY A 4 27.10 -1.47 -11.10
CA GLY A 4 26.28 -2.67 -10.93
C GLY A 4 26.51 -3.33 -9.59
N SER A 5 26.00 -2.71 -8.53
CA SER A 5 26.15 -3.25 -7.18
C SER A 5 24.92 -4.03 -6.76
N SER A 6 25.13 -5.16 -6.07
CA SER A 6 24.03 -5.99 -5.61
C SER A 6 23.79 -5.81 -4.12
N GLY A 7 24.87 -5.88 -3.35
CA GLY A 7 24.76 -5.73 -1.91
C GLY A 7 24.96 -7.03 -1.17
N GLU A 8 24.52 -7.07 0.09
CA GLU A 8 24.65 -8.27 0.91
C GLU A 8 23.61 -9.31 0.52
N PHE A 9 22.37 -8.87 0.36
CA PHE A 9 21.28 -9.77 -0.02
C PHE A 9 20.95 -9.63 -1.50
N PRO A 10 20.58 -10.76 -2.13
CA PRO A 10 20.23 -10.80 -3.55
C PRO A 10 18.92 -10.08 -3.84
N ALA A 11 18.07 -9.96 -2.82
CA ALA A 11 16.78 -9.29 -2.97
C ALA A 11 16.97 -7.82 -3.34
N GLN A 12 16.03 -7.28 -4.11
CA GLN A 12 16.09 -5.89 -4.53
C GLN A 12 15.75 -4.96 -3.37
N GLU A 13 16.02 -3.67 -3.55
CA GLU A 13 15.73 -2.68 -2.52
C GLU A 13 15.00 -1.48 -3.11
N LEU A 14 13.67 -1.57 -3.15
CA LEU A 14 12.85 -0.49 -3.69
C LEU A 14 11.89 0.04 -2.63
N ARG A 15 11.24 1.15 -2.94
CA ARG A 15 10.29 1.76 -2.02
C ARG A 15 8.94 1.05 -2.08
N LYS A 16 8.69 0.17 -1.11
CA LYS A 16 7.44 -0.59 -1.06
C LYS A 16 6.60 -0.14 0.14
N TYR A 17 6.08 1.07 0.07
CA TYR A 17 5.26 1.61 1.15
C TYR A 17 3.80 1.72 0.72
N PHE A 18 2.89 1.41 1.64
CA PHE A 18 1.46 1.47 1.35
C PHE A 18 0.89 2.82 1.76
N LYS A 19 0.62 3.68 0.78
CA LYS A 19 0.07 5.00 1.04
C LYS A 19 -1.27 5.18 0.33
N MET A 20 -2.11 6.05 0.87
CA MET A 20 -3.43 6.32 0.29
C MET A 20 -3.30 6.61 -1.21
N GLY A 21 -4.16 5.98 -2.01
CA GLY A 21 -4.13 6.18 -3.45
C GLY A 21 -3.53 5.00 -4.18
N ASP A 22 -2.48 4.42 -3.60
CA ASP A 22 -1.81 3.28 -4.21
C ASP A 22 -2.63 2.01 -4.05
N HIS A 23 -2.44 1.06 -4.96
CA HIS A 23 -3.18 -0.21 -4.93
C HIS A 23 -2.35 -1.29 -4.25
N VAL A 24 -3.02 -2.17 -3.51
CA VAL A 24 -2.34 -3.25 -2.81
C VAL A 24 -3.15 -4.54 -2.90
N LYS A 25 -2.60 -5.61 -2.34
CA LYS A 25 -3.27 -6.92 -2.35
C LYS A 25 -3.03 -7.66 -1.05
N VAL A 26 -3.92 -8.59 -0.73
CA VAL A 26 -3.81 -9.37 0.49
C VAL A 26 -3.22 -10.76 0.21
N ILE A 27 -1.99 -10.96 0.65
CA ILE A 27 -1.30 -12.23 0.44
C ILE A 27 -1.58 -13.19 1.60
N ALA A 28 -1.92 -12.63 2.76
CA ALA A 28 -2.21 -13.45 3.93
C ALA A 28 -3.32 -12.82 4.77
N GLY A 29 -3.80 -13.56 5.77
CA GLY A 29 -4.85 -13.06 6.63
C GLY A 29 -6.20 -13.67 6.31
N ARG A 30 -7.27 -12.97 6.67
CA ARG A 30 -8.62 -13.47 6.41
C ARG A 30 -9.08 -13.11 5.01
N PHE A 31 -8.53 -12.03 4.47
CA PHE A 31 -8.89 -11.58 3.13
C PHE A 31 -7.84 -12.02 2.11
N GLU A 32 -7.18 -13.14 2.40
CA GLU A 32 -6.16 -13.67 1.51
C GLU A 32 -6.71 -13.87 0.09
N GLY A 33 -6.11 -13.18 -0.87
CA GLY A 33 -6.55 -13.30 -2.25
C GLY A 33 -7.46 -12.15 -2.65
N ASP A 34 -7.46 -11.08 -1.86
CA ASP A 34 -8.30 -9.93 -2.14
C ASP A 34 -7.44 -8.69 -2.42
N THR A 35 -7.85 -7.90 -3.42
CA THR A 35 -7.12 -6.69 -3.78
C THR A 35 -7.99 -5.46 -3.62
N GLY A 36 -7.35 -4.31 -3.47
CA GLY A 36 -8.08 -3.06 -3.31
C GLY A 36 -7.17 -1.86 -3.18
N LEU A 37 -7.75 -0.67 -3.20
CA LEU A 37 -6.98 0.56 -3.09
C LEU A 37 -6.83 1.00 -1.64
N ILE A 38 -5.90 1.91 -1.39
CA ILE A 38 -5.66 2.40 -0.04
C ILE A 38 -6.41 3.70 0.21
N VAL A 39 -7.45 3.62 1.03
CA VAL A 39 -8.27 4.79 1.37
C VAL A 39 -7.78 5.46 2.65
N ARG A 40 -7.36 4.63 3.61
CA ARG A 40 -6.87 5.14 4.89
C ARG A 40 -5.66 4.33 5.37
N VAL A 41 -4.81 4.97 6.16
CA VAL A 41 -3.62 4.30 6.68
C VAL A 41 -3.37 4.70 8.14
N GLU A 42 -3.21 3.70 9.00
CA GLU A 42 -2.97 3.94 10.41
C GLU A 42 -1.67 3.28 10.87
N GLU A 43 -0.93 3.98 11.72
CA GLU A 43 0.34 3.45 12.23
C GLU A 43 0.21 1.99 12.63
N ASN A 44 -1.02 1.56 12.92
CA ASN A 44 -1.28 0.19 13.31
C ASN A 44 -1.55 -0.68 12.09
N PHE A 45 -2.69 -0.44 11.44
CA PHE A 45 -3.07 -1.21 10.27
C PHE A 45 -3.50 -0.28 9.12
N VAL A 46 -3.69 -0.86 7.95
CA VAL A 46 -4.10 -0.07 6.78
C VAL A 46 -5.48 -0.51 6.29
N ILE A 47 -6.31 0.47 5.94
CA ILE A 47 -7.65 0.20 5.45
C ILE A 47 -7.75 0.39 3.94
N LEU A 48 -7.82 -0.71 3.21
CA LEU A 48 -7.91 -0.67 1.75
C LEU A 48 -9.33 -0.95 1.29
N PHE A 49 -9.80 -0.16 0.33
CA PHE A 49 -11.15 -0.33 -0.20
C PHE A 49 -11.19 -1.45 -1.23
N SER A 50 -12.15 -2.36 -1.05
CA SER A 50 -12.30 -3.50 -1.95
C SER A 50 -13.14 -3.12 -3.17
N ASP A 51 -12.84 -3.74 -4.30
CA ASP A 51 -13.57 -3.47 -5.54
C ASP A 51 -14.65 -4.52 -5.77
N LEU A 52 -14.57 -5.62 -5.03
CA LEU A 52 -15.55 -6.70 -5.16
C LEU A 52 -16.63 -6.59 -4.10
N THR A 53 -16.22 -6.45 -2.84
CA THR A 53 -17.15 -6.33 -1.73
C THR A 53 -17.63 -4.89 -1.58
N MET A 54 -17.07 -3.99 -2.38
CA MET A 54 -17.44 -2.58 -2.32
C MET A 54 -17.49 -2.09 -0.89
N HIS A 55 -16.61 -2.61 -0.05
CA HIS A 55 -16.56 -2.22 1.35
C HIS A 55 -15.13 -1.93 1.78
N GLU A 56 -14.96 -1.50 3.03
CA GLU A 56 -13.64 -1.17 3.56
C GLU A 56 -13.06 -2.36 4.31
N LEU A 57 -11.94 -2.87 3.82
CA LEU A 57 -11.27 -4.01 4.44
C LEU A 57 -10.07 -3.56 5.27
N LYS A 58 -9.94 -4.11 6.47
CA LYS A 58 -8.84 -3.76 7.36
C LYS A 58 -7.84 -4.92 7.46
N VAL A 59 -6.57 -4.60 7.29
CA VAL A 59 -5.52 -5.61 7.36
C VAL A 59 -4.17 -4.97 7.70
N LEU A 60 -3.32 -5.73 8.38
CA LEU A 60 -2.00 -5.25 8.77
C LEU A 60 -1.11 -5.08 7.55
N PRO A 61 -0.14 -4.15 7.64
CA PRO A 61 0.80 -3.86 6.55
C PRO A 61 1.79 -5.01 6.33
N ARG A 62 1.65 -6.07 7.12
CA ARG A 62 2.53 -7.22 7.01
C ARG A 62 1.95 -8.26 6.06
N ASP A 63 0.62 -8.28 5.94
CA ASP A 63 -0.05 -9.24 5.07
C ASP A 63 -0.60 -8.53 3.83
N LEU A 64 0.19 -7.60 3.29
CA LEU A 64 -0.22 -6.86 2.10
C LEU A 64 0.98 -6.60 1.19
N GLN A 65 0.70 -6.25 -0.06
CA GLN A 65 1.76 -5.98 -1.03
C GLN A 65 1.27 -4.99 -2.09
N LEU A 66 2.13 -4.04 -2.44
CA LEU A 66 1.79 -3.03 -3.44
C LEU A 66 1.53 -3.68 -4.80
N CYS A 67 0.80 -2.97 -5.66
CA CYS A 67 0.49 -3.48 -6.98
C CYS A 67 0.97 -2.51 -8.07
N SER A 68 1.03 -1.23 -7.72
CA SER A 68 1.46 -0.20 -8.66
C SER A 68 2.69 0.54 -8.13
N GLU A 69 3.68 -0.22 -7.67
CA GLU A 69 4.90 0.35 -7.13
C GLU A 69 5.69 1.05 -8.23
N GLY A 1 40.05 -5.18 12.39
CA GLY A 1 40.09 -6.57 12.81
C GLY A 1 38.94 -7.39 12.26
N SER A 2 38.41 -8.29 13.08
CA SER A 2 37.30 -9.13 12.68
C SER A 2 36.03 -8.76 13.44
N SER A 3 36.16 -8.60 14.75
CA SER A 3 35.02 -8.25 15.60
C SER A 3 34.60 -6.80 15.37
N GLY A 4 33.29 -6.58 15.25
CA GLY A 4 32.78 -5.24 15.03
C GLY A 4 32.76 -4.86 13.56
N SER A 5 32.85 -3.56 13.29
CA SER A 5 32.83 -3.08 11.92
C SER A 5 33.57 -4.04 10.98
N SER A 6 32.80 -4.77 10.18
CA SER A 6 33.39 -5.73 9.25
C SER A 6 32.38 -6.10 8.15
N GLY A 7 32.62 -5.58 6.95
CA GLY A 7 31.73 -5.86 5.84
C GLY A 7 31.29 -4.61 5.12
N GLU A 8 30.13 -4.68 4.46
CA GLU A 8 29.61 -3.54 3.73
C GLU A 8 28.11 -3.37 3.99
N PHE A 9 27.61 -2.15 3.78
CA PHE A 9 26.21 -1.86 3.99
C PHE A 9 25.42 -1.95 2.67
N PRO A 10 24.16 -2.43 2.77
CA PRO A 10 23.29 -2.57 1.61
C PRO A 10 22.86 -1.22 1.03
N ALA A 11 22.86 -1.13 -0.30
CA ALA A 11 22.46 0.10 -0.97
C ALA A 11 21.13 -0.08 -1.69
N GLN A 12 20.23 -0.84 -1.09
CA GLN A 12 18.92 -1.10 -1.67
C GLN A 12 17.96 0.06 -1.38
N GLU A 13 17.92 1.03 -2.28
CA GLU A 13 17.05 2.18 -2.12
C GLU A 13 15.73 1.97 -2.85
N LEU A 14 14.69 1.61 -2.09
CA LEU A 14 13.37 1.38 -2.67
C LEU A 14 12.29 2.08 -1.85
N ARG A 15 11.14 2.33 -2.49
CA ARG A 15 10.03 3.00 -1.82
C ARG A 15 8.78 2.13 -1.85
N LYS A 16 8.73 1.13 -0.98
CA LYS A 16 7.59 0.22 -0.90
C LYS A 16 6.76 0.51 0.35
N TYR A 17 5.88 1.50 0.25
CA TYR A 17 5.02 1.87 1.37
C TYR A 17 3.57 1.99 0.92
N PHE A 18 2.67 1.39 1.71
CA PHE A 18 1.25 1.43 1.39
C PHE A 18 0.64 2.79 1.76
N LYS A 19 0.48 3.63 0.75
CA LYS A 19 -0.09 4.97 0.96
C LYS A 19 -1.45 5.09 0.28
N MET A 20 -2.24 6.06 0.72
CA MET A 20 -3.57 6.28 0.15
C MET A 20 -3.48 6.59 -1.34
N GLY A 21 -4.22 5.82 -2.13
CA GLY A 21 -4.21 6.02 -3.57
C GLY A 21 -3.59 4.86 -4.32
N ASP A 22 -2.54 4.28 -3.74
CA ASP A 22 -1.85 3.15 -4.36
C ASP A 22 -2.67 1.87 -4.21
N HIS A 23 -2.37 0.89 -5.06
CA HIS A 23 -3.08 -0.38 -5.02
C HIS A 23 -2.26 -1.44 -4.29
N VAL A 24 -2.90 -2.12 -3.35
CA VAL A 24 -2.24 -3.17 -2.57
C VAL A 24 -2.96 -4.51 -2.71
N LYS A 25 -2.21 -5.59 -2.55
CA LYS A 25 -2.78 -6.93 -2.65
C LYS A 25 -2.57 -7.71 -1.36
N VAL A 26 -3.60 -8.44 -0.95
CA VAL A 26 -3.53 -9.24 0.27
C VAL A 26 -3.06 -10.65 -0.02
N ILE A 27 -1.95 -11.04 0.63
CA ILE A 27 -1.40 -12.37 0.43
C ILE A 27 -1.65 -13.26 1.65
N ALA A 28 -1.88 -12.62 2.79
CA ALA A 28 -2.15 -13.36 4.03
C ALA A 28 -3.16 -12.61 4.90
N GLY A 29 -3.60 -13.26 5.97
CA GLY A 29 -4.57 -12.65 6.87
C GLY A 29 -5.96 -13.19 6.67
N ARG A 30 -6.96 -12.41 7.06
CA ARG A 30 -8.36 -12.83 6.93
C ARG A 30 -8.88 -12.54 5.53
N PHE A 31 -8.20 -11.65 4.82
CA PHE A 31 -8.60 -11.28 3.46
C PHE A 31 -7.55 -11.75 2.45
N GLU A 32 -7.06 -12.97 2.64
CA GLU A 32 -6.05 -13.54 1.74
C GLU A 32 -6.59 -13.63 0.31
N GLY A 33 -5.75 -13.30 -0.66
CA GLY A 33 -6.15 -13.36 -2.05
C GLY A 33 -6.95 -12.14 -2.48
N ASP A 34 -7.42 -11.38 -1.51
CA ASP A 34 -8.20 -10.17 -1.78
C ASP A 34 -7.27 -8.98 -2.01
N THR A 35 -7.72 -8.05 -2.85
CA THR A 35 -6.94 -6.86 -3.15
C THR A 35 -7.83 -5.62 -3.26
N GLY A 36 -7.22 -4.45 -3.10
CA GLY A 36 -7.98 -3.21 -3.19
C GLY A 36 -7.09 -1.99 -3.16
N LEU A 37 -7.71 -0.81 -3.02
CA LEU A 37 -6.97 0.44 -2.98
C LEU A 37 -6.82 0.95 -1.55
N ILE A 38 -5.85 1.83 -1.34
CA ILE A 38 -5.62 2.40 -0.01
C ILE A 38 -6.39 3.70 0.17
N VAL A 39 -7.39 3.67 1.05
CA VAL A 39 -8.19 4.84 1.34
C VAL A 39 -7.80 5.50 2.66
N ARG A 40 -7.33 4.68 3.59
CA ARG A 40 -6.92 5.17 4.90
C ARG A 40 -5.88 4.25 5.53
N VAL A 41 -4.79 4.85 6.02
CA VAL A 41 -3.72 4.09 6.65
C VAL A 41 -3.55 4.47 8.11
N GLU A 42 -3.07 3.53 8.91
CA GLU A 42 -2.86 3.78 10.33
C GLU A 42 -1.53 3.18 10.80
N GLU A 43 -1.01 3.70 11.90
CA GLU A 43 0.26 3.22 12.44
C GLU A 43 0.16 1.74 12.82
N ASN A 44 -1.07 1.25 12.95
CA ASN A 44 -1.31 -0.15 13.31
C ASN A 44 -1.61 -0.98 12.06
N PHE A 45 -2.75 -0.70 11.43
CA PHE A 45 -3.15 -1.43 10.23
C PHE A 45 -3.49 -0.46 9.09
N VAL A 46 -3.77 -1.01 7.91
CA VAL A 46 -4.10 -0.21 6.76
C VAL A 46 -5.50 -0.54 6.24
N ILE A 47 -6.32 0.49 6.08
CA ILE A 47 -7.69 0.31 5.59
C ILE A 47 -7.74 0.46 4.07
N LEU A 48 -7.95 -0.65 3.38
CA LEU A 48 -8.03 -0.65 1.93
C LEU A 48 -9.45 -0.93 1.45
N PHE A 49 -9.88 -0.24 0.40
CA PHE A 49 -11.21 -0.42 -0.15
C PHE A 49 -11.25 -1.57 -1.15
N SER A 50 -12.27 -2.41 -1.04
CA SER A 50 -12.42 -3.56 -1.93
C SER A 50 -13.27 -3.19 -3.15
N ASP A 51 -12.90 -3.74 -4.30
CA ASP A 51 -13.62 -3.48 -5.54
C ASP A 51 -14.72 -4.51 -5.75
N LEU A 52 -14.76 -5.51 -4.89
CA LEU A 52 -15.76 -6.57 -4.99
C LEU A 52 -17.00 -6.23 -4.18
N THR A 53 -16.89 -6.31 -2.86
CA THR A 53 -18.01 -6.00 -1.98
C THR A 53 -18.12 -4.51 -1.74
N MET A 54 -17.32 -3.74 -2.47
CA MET A 54 -17.34 -2.28 -2.33
C MET A 54 -17.38 -1.87 -0.86
N HIS A 55 -16.77 -2.69 -0.01
CA HIS A 55 -16.73 -2.42 1.42
C HIS A 55 -15.32 -2.09 1.88
N GLU A 56 -15.20 -1.42 3.02
CA GLU A 56 -13.89 -1.04 3.56
C GLU A 56 -13.28 -2.21 4.33
N LEU A 57 -12.13 -2.69 3.85
CA LEU A 57 -11.44 -3.79 4.50
C LEU A 57 -10.25 -3.28 5.32
N LYS A 58 -9.88 -4.04 6.35
CA LYS A 58 -8.76 -3.68 7.21
C LYS A 58 -7.72 -4.79 7.25
N VAL A 59 -6.49 -4.44 6.92
CA VAL A 59 -5.39 -5.42 6.92
C VAL A 59 -4.09 -4.78 7.38
N LEU A 60 -3.30 -5.55 8.11
CA LEU A 60 -2.01 -5.05 8.62
C LEU A 60 -1.02 -4.87 7.47
N PRO A 61 -0.02 -3.99 7.69
CA PRO A 61 1.01 -3.70 6.70
C PRO A 61 1.96 -4.87 6.50
N ARG A 62 1.73 -5.95 7.24
CA ARG A 62 2.57 -7.14 7.14
C ARG A 62 1.94 -8.18 6.21
N ASP A 63 0.66 -8.00 5.93
CA ASP A 63 -0.07 -8.92 5.06
C ASP A 63 -0.52 -8.23 3.78
N LEU A 64 0.29 -7.29 3.30
CA LEU A 64 -0.03 -6.54 2.09
C LEU A 64 1.18 -6.46 1.17
N GLN A 65 0.93 -6.23 -0.12
CA GLN A 65 2.00 -6.12 -1.10
C GLN A 65 1.65 -5.11 -2.18
N LEU A 66 2.57 -4.18 -2.44
CA LEU A 66 2.36 -3.15 -3.45
C LEU A 66 2.36 -3.76 -4.85
N CYS A 67 1.67 -3.09 -5.77
CA CYS A 67 1.61 -3.56 -7.15
C CYS A 67 2.11 -2.49 -8.12
N SER A 68 1.59 -1.28 -7.97
CA SER A 68 1.98 -0.18 -8.84
C SER A 68 2.87 0.82 -8.08
N GLU A 69 3.84 0.29 -7.33
CA GLU A 69 4.74 1.13 -6.56
C GLU A 69 5.53 2.07 -7.46
N GLY A 1 22.22 33.68 -12.71
CA GLY A 1 20.79 33.51 -12.82
C GLY A 1 20.11 33.37 -11.46
N SER A 2 20.09 32.15 -10.95
CA SER A 2 19.47 31.87 -9.66
C SER A 2 20.44 32.18 -8.51
N SER A 3 21.71 31.87 -8.73
CA SER A 3 22.74 32.11 -7.72
C SER A 3 22.28 31.62 -6.35
N GLY A 4 21.71 30.41 -6.32
CA GLY A 4 21.23 29.85 -5.07
C GLY A 4 20.80 28.41 -5.22
N SER A 5 19.87 28.16 -6.13
CA SER A 5 19.36 26.81 -6.36
C SER A 5 20.16 26.12 -7.46
N SER A 6 20.64 24.91 -7.16
CA SER A 6 21.42 24.13 -8.12
C SER A 6 21.52 22.67 -7.69
N GLY A 7 21.79 21.80 -8.65
CA GLY A 7 21.90 20.39 -8.36
C GLY A 7 20.76 19.57 -8.95
N GLU A 8 20.78 18.27 -8.71
CA GLU A 8 19.74 17.39 -9.24
C GLU A 8 19.31 16.37 -8.19
N PHE A 9 18.13 15.78 -8.39
CA PHE A 9 17.60 14.79 -7.46
C PHE A 9 17.22 13.51 -8.19
N PRO A 10 17.43 12.37 -7.52
CA PRO A 10 17.10 11.05 -8.09
C PRO A 10 15.61 10.82 -8.21
N ALA A 11 15.12 10.75 -9.45
CA ALA A 11 13.69 10.53 -9.69
C ALA A 11 13.39 9.04 -9.87
N GLN A 12 13.27 8.34 -8.75
CA GLN A 12 12.97 6.92 -8.76
C GLN A 12 11.88 6.56 -7.76
N GLU A 13 10.91 5.76 -8.20
CA GLU A 13 9.81 5.35 -7.34
C GLU A 13 9.99 3.91 -6.87
N LEU A 14 11.11 3.65 -6.20
CA LEU A 14 11.41 2.32 -5.69
C LEU A 14 11.08 2.21 -4.20
N ARG A 15 9.84 2.52 -3.86
CA ARG A 15 9.40 2.46 -2.46
C ARG A 15 8.46 1.28 -2.24
N LYS A 16 8.52 0.70 -1.05
CA LYS A 16 7.67 -0.44 -0.70
C LYS A 16 6.55 -0.02 0.25
N TYR A 17 6.77 1.11 0.94
CA TYR A 17 5.78 1.62 1.88
C TYR A 17 4.42 1.77 1.21
N PHE A 18 3.39 1.21 1.84
CA PHE A 18 2.03 1.28 1.31
C PHE A 18 1.35 2.57 1.76
N LYS A 19 1.07 3.45 0.81
CA LYS A 19 0.41 4.72 1.10
C LYS A 19 -0.99 4.75 0.49
N MET A 20 -1.67 5.89 0.68
CA MET A 20 -3.02 6.05 0.15
C MET A 20 -3.00 6.24 -1.37
N GLY A 21 -4.12 5.94 -2.02
CA GLY A 21 -4.20 6.07 -3.46
C GLY A 21 -3.48 4.97 -4.20
N ASP A 22 -2.72 4.16 -3.46
CA ASP A 22 -1.99 3.06 -4.05
C ASP A 22 -2.80 1.76 -3.99
N HIS A 23 -2.59 0.90 -4.98
CA HIS A 23 -3.31 -0.37 -5.04
C HIS A 23 -2.47 -1.50 -4.44
N VAL A 24 -2.94 -2.04 -3.32
CA VAL A 24 -2.22 -3.13 -2.65
C VAL A 24 -2.94 -4.46 -2.84
N LYS A 25 -2.22 -5.54 -2.61
CA LYS A 25 -2.79 -6.88 -2.77
C LYS A 25 -2.68 -7.66 -1.47
N VAL A 26 -3.71 -8.44 -1.16
CA VAL A 26 -3.74 -9.25 0.05
C VAL A 26 -3.13 -10.62 -0.19
N ILE A 27 -2.02 -10.91 0.50
CA ILE A 27 -1.34 -12.19 0.36
C ILE A 27 -1.68 -13.12 1.51
N ALA A 28 -1.94 -12.53 2.68
CA ALA A 28 -2.28 -13.30 3.87
C ALA A 28 -3.39 -12.63 4.67
N GLY A 29 -3.90 -13.34 5.67
CA GLY A 29 -4.97 -12.79 6.50
C GLY A 29 -6.31 -13.43 6.21
N ARG A 30 -7.39 -12.72 6.55
CA ARG A 30 -8.74 -13.23 6.33
C ARG A 30 -9.23 -12.89 4.92
N PHE A 31 -8.48 -12.04 4.23
CA PHE A 31 -8.85 -11.63 2.88
C PHE A 31 -7.77 -12.02 1.88
N GLU A 32 -7.19 -13.21 2.08
CA GLU A 32 -6.13 -13.71 1.20
C GLU A 32 -6.65 -13.83 -0.23
N GLY A 33 -5.82 -13.43 -1.20
CA GLY A 33 -6.20 -13.51 -2.59
C GLY A 33 -6.96 -12.28 -3.05
N ASP A 34 -7.52 -11.54 -2.11
CA ASP A 34 -8.29 -10.33 -2.42
C ASP A 34 -7.35 -9.14 -2.59
N THR A 35 -7.85 -8.10 -3.27
CA THR A 35 -7.07 -6.90 -3.50
C THR A 35 -7.94 -5.65 -3.44
N GLY A 36 -7.30 -4.49 -3.34
CA GLY A 36 -8.04 -3.24 -3.27
C GLY A 36 -7.12 -2.04 -3.16
N LEU A 37 -7.71 -0.85 -3.07
CA LEU A 37 -6.95 0.38 -2.97
C LEU A 37 -6.87 0.85 -1.52
N ILE A 38 -5.89 1.72 -1.23
CA ILE A 38 -5.71 2.25 0.12
C ILE A 38 -6.43 3.58 0.29
N VAL A 39 -7.56 3.56 0.99
CA VAL A 39 -8.34 4.77 1.22
C VAL A 39 -7.91 5.46 2.52
N ARG A 40 -7.41 4.66 3.46
CA ARG A 40 -6.97 5.19 4.74
C ARG A 40 -5.89 4.30 5.35
N VAL A 41 -4.90 4.92 5.99
CA VAL A 41 -3.81 4.18 6.62
C VAL A 41 -3.66 4.58 8.08
N GLU A 42 -3.40 3.60 8.93
CA GLU A 42 -3.22 3.85 10.36
C GLU A 42 -1.91 3.26 10.86
N GLU A 43 -1.30 3.93 11.84
CA GLU A 43 -0.03 3.47 12.40
C GLU A 43 -0.11 1.98 12.75
N ASN A 44 -1.30 1.52 13.10
CA ASN A 44 -1.51 0.12 13.46
C ASN A 44 -1.72 -0.75 12.22
N PHE A 45 -2.77 -0.43 11.47
CA PHE A 45 -3.08 -1.19 10.25
C PHE A 45 -3.45 -0.24 9.12
N VAL A 46 -3.73 -0.81 7.95
CA VAL A 46 -4.10 -0.02 6.77
C VAL A 46 -5.48 -0.41 6.28
N ILE A 47 -6.31 0.59 6.01
CA ILE A 47 -7.67 0.36 5.53
C ILE A 47 -7.74 0.49 4.00
N LEU A 48 -7.96 -0.63 3.33
CA LEU A 48 -8.04 -0.64 1.88
C LEU A 48 -9.45 -0.98 1.41
N PHE A 49 -9.94 -0.27 0.41
CA PHE A 49 -11.28 -0.50 -0.12
C PHE A 49 -11.26 -1.62 -1.15
N SER A 50 -12.25 -2.52 -1.05
CA SER A 50 -12.35 -3.65 -1.96
C SER A 50 -13.22 -3.30 -3.16
N ASP A 51 -12.82 -3.80 -4.34
CA ASP A 51 -13.57 -3.54 -5.56
C ASP A 51 -14.66 -4.58 -5.77
N LEU A 52 -14.62 -5.63 -4.97
CA LEU A 52 -15.61 -6.71 -5.07
C LEU A 52 -16.69 -6.55 -4.02
N THR A 53 -16.28 -6.32 -2.77
CA THR A 53 -17.22 -6.15 -1.67
C THR A 53 -17.54 -4.68 -1.45
N MET A 54 -16.89 -3.81 -2.22
CA MET A 54 -17.11 -2.37 -2.11
C MET A 54 -17.20 -1.94 -0.65
N HIS A 55 -16.43 -2.60 0.21
CA HIS A 55 -16.43 -2.30 1.63
C HIS A 55 -15.01 -1.96 2.11
N GLU A 56 -14.93 -1.35 3.29
CA GLU A 56 -13.64 -0.98 3.86
C GLU A 56 -13.00 -2.15 4.61
N LEU A 57 -12.01 -2.78 4.00
CA LEU A 57 -11.33 -3.91 4.62
C LEU A 57 -10.18 -3.44 5.49
N LYS A 58 -9.97 -4.12 6.61
CA LYS A 58 -8.89 -3.78 7.53
C LYS A 58 -7.85 -4.90 7.60
N VAL A 59 -6.65 -4.62 7.12
CA VAL A 59 -5.57 -5.60 7.13
C VAL A 59 -4.23 -4.94 7.43
N LEU A 60 -3.42 -5.60 8.25
CA LEU A 60 -2.12 -5.09 8.62
C LEU A 60 -1.22 -4.94 7.40
N PRO A 61 -0.25 -4.00 7.47
CA PRO A 61 0.68 -3.74 6.38
C PRO A 61 1.67 -4.88 6.17
N ARG A 62 1.51 -5.94 6.97
CA ARG A 62 2.39 -7.11 6.87
C ARG A 62 1.75 -8.21 6.02
N ASP A 63 0.51 -7.97 5.60
CA ASP A 63 -0.21 -8.95 4.79
C ASP A 63 -0.56 -8.34 3.43
N LEU A 64 -0.15 -7.10 3.21
CA LEU A 64 -0.42 -6.42 1.95
C LEU A 64 0.86 -6.16 1.18
N GLN A 65 0.76 -6.08 -0.14
CA GLN A 65 1.92 -5.83 -0.99
C GLN A 65 1.54 -4.95 -2.18
N LEU A 66 2.35 -3.92 -2.42
CA LEU A 66 2.10 -3.00 -3.53
C LEU A 66 2.09 -3.75 -4.86
N CYS A 67 1.37 -3.20 -5.83
CA CYS A 67 1.29 -3.81 -7.16
C CYS A 67 2.36 -3.24 -8.09
N SER A 68 3.40 -4.02 -8.32
CA SER A 68 4.50 -3.60 -9.18
C SER A 68 5.11 -2.29 -8.69
N GLU A 69 5.49 -2.27 -7.42
CA GLU A 69 6.08 -1.08 -6.82
C GLU A 69 7.02 -0.38 -7.81
N GLY A 1 21.89 17.27 -4.48
CA GLY A 1 21.86 17.83 -5.82
C GLY A 1 23.09 18.66 -6.12
N SER A 2 23.02 19.96 -5.82
CA SER A 2 24.13 20.87 -6.07
C SER A 2 24.76 21.32 -4.76
N SER A 3 23.96 21.99 -3.93
CA SER A 3 24.44 22.49 -2.64
C SER A 3 24.78 21.33 -1.69
N GLY A 4 26.05 20.96 -1.65
CA GLY A 4 26.48 19.87 -0.79
C GLY A 4 26.21 18.51 -1.40
N SER A 5 25.73 17.59 -0.57
CA SER A 5 25.42 16.24 -1.03
C SER A 5 23.94 15.91 -0.83
N SER A 6 23.48 14.87 -1.50
CA SER A 6 22.08 14.46 -1.40
C SER A 6 21.83 13.68 -0.11
N GLY A 7 22.50 12.54 0.01
CA GLY A 7 22.34 11.71 1.20
C GLY A 7 23.57 10.89 1.51
N GLU A 8 23.76 10.55 2.78
CA GLU A 8 24.91 9.77 3.20
C GLU A 8 24.98 8.46 2.44
N PHE A 9 23.86 7.74 2.40
CA PHE A 9 23.80 6.46 1.70
C PHE A 9 23.11 6.61 0.35
N PRO A 10 23.60 5.86 -0.65
CA PRO A 10 23.05 5.89 -2.01
C PRO A 10 21.65 5.27 -2.08
N ALA A 11 20.91 5.64 -3.13
CA ALA A 11 19.56 5.12 -3.32
C ALA A 11 19.59 3.72 -3.92
N GLN A 12 19.43 2.71 -3.08
CA GLN A 12 19.44 1.33 -3.54
C GLN A 12 18.02 0.85 -3.83
N GLU A 13 17.16 0.88 -2.83
CA GLU A 13 15.78 0.44 -2.98
C GLU A 13 14.80 1.58 -2.66
N LEU A 14 13.85 1.81 -3.55
CA LEU A 14 12.87 2.86 -3.36
C LEU A 14 12.14 2.69 -2.02
N ARG A 15 11.39 3.71 -1.63
CA ARG A 15 10.64 3.68 -0.38
C ARG A 15 9.28 2.99 -0.58
N LYS A 16 9.29 1.66 -0.53
CA LYS A 16 8.06 0.89 -0.70
C LYS A 16 7.18 0.99 0.53
N TYR A 17 6.14 1.82 0.45
CA TYR A 17 5.22 2.01 1.56
C TYR A 17 3.78 2.17 1.06
N PHE A 18 2.84 1.59 1.80
CA PHE A 18 1.43 1.67 1.43
C PHE A 18 0.84 3.03 1.82
N LYS A 19 0.33 3.75 0.83
CA LYS A 19 -0.26 5.05 1.07
C LYS A 19 -1.57 5.21 0.30
N MET A 20 -2.46 6.06 0.81
CA MET A 20 -3.75 6.30 0.17
C MET A 20 -3.56 6.65 -1.31
N GLY A 21 -4.23 5.90 -2.18
CA GLY A 21 -4.12 6.14 -3.60
C GLY A 21 -3.45 4.99 -4.34
N ASP A 22 -2.56 4.29 -3.64
CA ASP A 22 -1.84 3.17 -4.24
C ASP A 22 -2.66 1.89 -4.14
N HIS A 23 -2.35 0.92 -4.99
CA HIS A 23 -3.06 -0.35 -5.00
C HIS A 23 -2.23 -1.44 -4.32
N VAL A 24 -2.86 -2.18 -3.41
CA VAL A 24 -2.18 -3.25 -2.70
C VAL A 24 -2.90 -4.58 -2.88
N LYS A 25 -2.18 -5.67 -2.65
CA LYS A 25 -2.75 -7.01 -2.79
C LYS A 25 -2.58 -7.82 -1.51
N VAL A 26 -3.63 -8.52 -1.12
CA VAL A 26 -3.60 -9.33 0.09
C VAL A 26 -3.04 -10.73 -0.19
N ILE A 27 -1.89 -11.02 0.39
CA ILE A 27 -1.24 -12.32 0.20
C ILE A 27 -1.55 -13.26 1.35
N ALA A 28 -1.85 -12.68 2.51
CA ALA A 28 -2.16 -13.47 3.70
C ALA A 28 -3.27 -12.82 4.51
N GLY A 29 -3.63 -13.44 5.63
CA GLY A 29 -4.68 -12.91 6.48
C GLY A 29 -6.02 -13.54 6.21
N ARG A 30 -7.09 -12.87 6.63
CA ARG A 30 -8.45 -13.38 6.44
C ARG A 30 -8.98 -12.97 5.07
N PHE A 31 -8.24 -12.12 4.37
CA PHE A 31 -8.65 -11.66 3.05
C PHE A 31 -7.61 -12.06 2.00
N GLU A 32 -7.02 -13.24 2.17
CA GLU A 32 -6.02 -13.74 1.23
C GLU A 32 -6.60 -13.82 -0.18
N GLY A 33 -5.78 -13.42 -1.16
CA GLY A 33 -6.22 -13.45 -2.55
C GLY A 33 -7.02 -12.22 -2.93
N ASP A 34 -7.44 -11.46 -1.92
CA ASP A 34 -8.22 -10.24 -2.17
C ASP A 34 -7.30 -9.05 -2.37
N THR A 35 -7.78 -8.06 -3.15
CA THR A 35 -6.99 -6.87 -3.42
C THR A 35 -7.88 -5.63 -3.40
N GLY A 36 -7.24 -4.46 -3.26
CA GLY A 36 -7.99 -3.22 -3.22
C GLY A 36 -7.08 -2.00 -3.16
N LEU A 37 -7.68 -0.82 -3.15
CA LEU A 37 -6.92 0.43 -3.09
C LEU A 37 -6.82 0.94 -1.66
N ILE A 38 -5.86 1.82 -1.41
CA ILE A 38 -5.66 2.39 -0.08
C ILE A 38 -6.47 3.66 0.09
N VAL A 39 -7.40 3.65 1.04
CA VAL A 39 -8.25 4.81 1.31
C VAL A 39 -7.85 5.47 2.62
N ARG A 40 -7.38 4.67 3.57
CA ARG A 40 -6.97 5.18 4.88
C ARG A 40 -5.84 4.35 5.46
N VAL A 41 -4.86 5.00 6.04
CA VAL A 41 -3.72 4.32 6.65
C VAL A 41 -3.57 4.69 8.12
N GLU A 42 -3.27 3.68 8.94
CA GLU A 42 -3.10 3.90 10.38
C GLU A 42 -1.77 3.36 10.86
N GLU A 43 -1.21 3.99 11.88
CA GLU A 43 0.08 3.58 12.42
C GLU A 43 0.06 2.11 12.82
N ASN A 44 -1.15 1.57 13.03
CA ASN A 44 -1.32 0.18 13.41
C ASN A 44 -1.55 -0.69 12.18
N PHE A 45 -2.54 -0.33 11.37
CA PHE A 45 -2.87 -1.07 10.17
C PHE A 45 -3.28 -0.14 9.04
N VAL A 46 -3.44 -0.70 7.84
CA VAL A 46 -3.83 0.09 6.68
C VAL A 46 -5.19 -0.35 6.15
N ILE A 47 -6.11 0.61 6.03
CA ILE A 47 -7.45 0.31 5.52
C ILE A 47 -7.52 0.49 4.01
N LEU A 48 -7.85 -0.61 3.32
CA LEU A 48 -7.95 -0.58 1.86
C LEU A 48 -9.38 -0.88 1.41
N PHE A 49 -9.83 -0.16 0.38
CA PHE A 49 -11.17 -0.35 -0.14
C PHE A 49 -11.20 -1.49 -1.16
N SER A 50 -12.16 -2.39 -1.02
CA SER A 50 -12.31 -3.53 -1.92
C SER A 50 -13.12 -3.14 -3.15
N ASP A 51 -12.90 -3.86 -4.25
CA ASP A 51 -13.61 -3.60 -5.49
C ASP A 51 -14.79 -4.55 -5.65
N LEU A 52 -14.68 -5.73 -5.03
CA LEU A 52 -15.73 -6.74 -5.10
C LEU A 52 -16.78 -6.51 -4.03
N THR A 53 -16.33 -6.43 -2.77
CA THR A 53 -17.22 -6.22 -1.65
C THR A 53 -17.60 -4.75 -1.51
N MET A 54 -16.95 -3.90 -2.31
CA MET A 54 -17.22 -2.47 -2.28
C MET A 54 -17.27 -1.96 -0.84
N HIS A 55 -16.41 -2.52 0.02
CA HIS A 55 -16.36 -2.11 1.41
C HIS A 55 -14.93 -1.95 1.88
N GLU A 56 -14.75 -1.26 3.01
CA GLU A 56 -13.42 -1.02 3.56
C GLU A 56 -12.96 -2.22 4.40
N LEU A 57 -11.78 -2.74 4.07
CA LEU A 57 -11.22 -3.88 4.79
C LEU A 57 -10.02 -3.47 5.62
N LYS A 58 -9.98 -3.92 6.86
CA LYS A 58 -8.88 -3.60 7.76
C LYS A 58 -7.91 -4.78 7.87
N VAL A 59 -6.70 -4.59 7.34
CA VAL A 59 -5.69 -5.63 7.38
C VAL A 59 -4.30 -5.04 7.64
N LEU A 60 -3.50 -5.76 8.40
CA LEU A 60 -2.14 -5.31 8.73
C LEU A 60 -1.28 -5.21 7.48
N PRO A 61 -0.28 -4.33 7.51
CA PRO A 61 0.63 -4.12 6.38
C PRO A 61 1.56 -5.31 6.16
N ARG A 62 1.42 -6.33 7.00
CA ARG A 62 2.24 -7.53 6.90
C ARG A 62 1.57 -8.57 6.01
N ASP A 63 0.31 -8.34 5.69
CA ASP A 63 -0.45 -9.27 4.86
C ASP A 63 -0.78 -8.63 3.51
N LEU A 64 -0.30 -7.40 3.30
CA LEU A 64 -0.53 -6.69 2.05
C LEU A 64 0.77 -6.43 1.32
N GLN A 65 0.67 -6.17 0.02
CA GLN A 65 1.85 -5.91 -0.80
C GLN A 65 1.50 -5.02 -1.99
N LEU A 66 2.33 -4.00 -2.22
CA LEU A 66 2.11 -3.07 -3.32
C LEU A 66 2.10 -3.80 -4.66
N CYS A 67 1.53 -3.17 -5.67
CA CYS A 67 1.46 -3.76 -7.01
C CYS A 67 2.45 -3.09 -7.95
N SER A 68 3.64 -3.66 -8.07
CA SER A 68 4.68 -3.10 -8.93
C SER A 68 5.06 -1.70 -8.48
N GLU A 69 5.37 -1.55 -7.20
CA GLU A 69 5.76 -0.27 -6.64
C GLU A 69 6.64 0.50 -7.63
N GLY A 1 9.47 26.42 7.47
CA GLY A 1 9.44 27.54 8.40
C GLY A 1 10.65 28.44 8.25
N SER A 2 10.76 29.10 7.11
CA SER A 2 11.89 29.99 6.83
C SER A 2 13.20 29.25 6.91
N SER A 3 13.22 28.03 6.38
CA SER A 3 14.42 27.20 6.38
C SER A 3 14.65 26.55 5.03
N GLY A 4 15.86 26.04 4.81
CA GLY A 4 16.18 25.40 3.54
C GLY A 4 15.28 24.22 3.26
N SER A 5 14.98 24.00 1.97
CA SER A 5 14.12 22.90 1.57
C SER A 5 14.90 21.87 0.75
N SER A 6 14.92 20.64 1.24
CA SER A 6 15.63 19.55 0.56
C SER A 6 15.06 19.32 -0.83
N GLY A 7 15.95 19.26 -1.82
CA GLY A 7 15.51 19.03 -3.19
C GLY A 7 14.73 20.20 -3.75
N GLU A 8 14.68 20.31 -5.07
CA GLU A 8 13.96 21.39 -5.73
C GLU A 8 12.98 20.85 -6.77
N PHE A 9 13.50 20.06 -7.70
CA PHE A 9 12.69 19.48 -8.76
C PHE A 9 11.59 18.58 -8.16
N PRO A 10 10.42 18.56 -8.82
CA PRO A 10 9.28 17.76 -8.37
C PRO A 10 9.53 16.27 -8.56
N ALA A 11 10.00 15.61 -7.50
CA ALA A 11 10.28 14.19 -7.55
C ALA A 11 9.19 13.39 -6.82
N GLN A 12 9.33 12.07 -6.82
CA GLN A 12 8.36 11.21 -6.16
C GLN A 12 9.05 10.16 -5.30
N GLU A 13 8.35 9.68 -4.27
CA GLU A 13 8.92 8.68 -3.38
C GLU A 13 9.01 7.33 -4.07
N LEU A 14 10.09 6.60 -3.81
CA LEU A 14 10.31 5.29 -4.41
C LEU A 14 10.49 4.23 -3.34
N ARG A 15 9.69 4.31 -2.27
CA ARG A 15 9.76 3.36 -1.18
C ARG A 15 8.53 2.46 -1.17
N LYS A 16 8.61 1.37 -0.40
CA LYS A 16 7.50 0.43 -0.31
C LYS A 16 6.65 0.71 0.93
N TYR A 17 5.73 1.67 0.80
CA TYR A 17 4.86 2.03 1.91
C TYR A 17 3.42 2.21 1.42
N PHE A 18 2.53 1.37 1.93
CA PHE A 18 1.11 1.44 1.55
C PHE A 18 0.52 2.79 1.91
N LYS A 19 0.36 3.65 0.91
CA LYS A 19 -0.20 4.98 1.12
C LYS A 19 -1.45 5.18 0.27
N MET A 20 -2.38 5.99 0.79
CA MET A 20 -3.63 6.27 0.08
C MET A 20 -3.37 6.48 -1.41
N GLY A 21 -4.26 5.95 -2.24
CA GLY A 21 -4.12 6.10 -3.67
C GLY A 21 -3.44 4.91 -4.32
N ASP A 22 -2.32 4.49 -3.75
CA ASP A 22 -1.57 3.35 -4.27
C ASP A 22 -2.40 2.07 -4.18
N HIS A 23 -2.13 1.14 -5.08
CA HIS A 23 -2.86 -0.14 -5.11
C HIS A 23 -2.10 -1.21 -4.33
N VAL A 24 -2.80 -1.89 -3.44
CA VAL A 24 -2.20 -2.94 -2.63
C VAL A 24 -2.95 -4.26 -2.79
N LYS A 25 -2.28 -5.36 -2.48
CA LYS A 25 -2.89 -6.68 -2.58
C LYS A 25 -2.72 -7.46 -1.28
N VAL A 26 -3.70 -8.31 -0.97
CA VAL A 26 -3.66 -9.12 0.23
C VAL A 26 -3.15 -10.53 -0.05
N ILE A 27 -2.05 -10.89 0.62
CA ILE A 27 -1.46 -12.21 0.44
C ILE A 27 -1.80 -13.13 1.61
N ALA A 28 -2.10 -12.53 2.76
CA ALA A 28 -2.44 -13.29 3.95
C ALA A 28 -3.49 -12.57 4.79
N GLY A 29 -3.85 -13.16 5.92
CA GLY A 29 -4.84 -12.56 6.80
C GLY A 29 -6.22 -13.17 6.61
N ARG A 30 -7.26 -12.39 6.89
CA ARG A 30 -8.63 -12.86 6.76
C ARG A 30 -9.17 -12.59 5.36
N PHE A 31 -8.37 -11.90 4.55
CA PHE A 31 -8.77 -11.58 3.18
C PHE A 31 -7.68 -11.99 2.19
N GLU A 32 -7.05 -13.13 2.45
CA GLU A 32 -5.99 -13.63 1.58
C GLU A 32 -6.50 -13.83 0.17
N GLY A 33 -5.70 -13.42 -0.81
CA GLY A 33 -6.10 -13.55 -2.20
C GLY A 33 -7.01 -12.44 -2.66
N ASP A 34 -7.05 -11.35 -1.90
CA ASP A 34 -7.89 -10.21 -2.23
C ASP A 34 -7.05 -9.02 -2.69
N THR A 35 -7.71 -7.98 -3.16
CA THR A 35 -7.02 -6.78 -3.62
C THR A 35 -7.90 -5.54 -3.45
N GLY A 36 -7.26 -4.37 -3.45
CA GLY A 36 -7.99 -3.13 -3.29
C GLY A 36 -7.08 -1.91 -3.26
N LEU A 37 -7.68 -0.74 -3.17
CA LEU A 37 -6.91 0.51 -3.14
C LEU A 37 -6.83 1.06 -1.71
N ILE A 38 -5.78 1.84 -1.44
CA ILE A 38 -5.59 2.43 -0.12
C ILE A 38 -6.41 3.71 0.03
N VAL A 39 -7.32 3.71 0.99
CA VAL A 39 -8.16 4.88 1.25
C VAL A 39 -7.82 5.53 2.58
N ARG A 40 -7.29 4.73 3.50
CA ARG A 40 -6.91 5.22 4.82
C ARG A 40 -5.93 4.28 5.50
N VAL A 41 -4.76 4.80 5.84
CA VAL A 41 -3.72 4.01 6.49
C VAL A 41 -3.54 4.43 7.94
N GLU A 42 -3.22 3.46 8.80
CA GLU A 42 -3.01 3.74 10.21
C GLU A 42 -1.72 3.09 10.71
N GLU A 43 -1.12 3.70 11.73
CA GLU A 43 0.12 3.19 12.29
C GLU A 43 -0.02 1.72 12.69
N ASN A 44 -1.26 1.32 13.00
CA ASN A 44 -1.54 -0.05 13.40
C ASN A 44 -1.76 -0.94 12.18
N PHE A 45 -2.76 -0.59 11.38
CA PHE A 45 -3.07 -1.35 10.18
C PHE A 45 -3.44 -0.42 9.02
N VAL A 46 -3.62 -1.01 7.84
CA VAL A 46 -3.96 -0.24 6.65
C VAL A 46 -5.38 -0.57 6.17
N ILE A 47 -6.15 0.47 5.86
CA ILE A 47 -7.52 0.28 5.38
C ILE A 47 -7.60 0.50 3.87
N LEU A 48 -7.86 -0.59 3.14
CA LEU A 48 -7.98 -0.52 1.68
C LEU A 48 -9.40 -0.84 1.23
N PHE A 49 -9.88 -0.09 0.25
CA PHE A 49 -11.23 -0.30 -0.27
C PHE A 49 -11.26 -1.46 -1.25
N SER A 50 -12.23 -2.36 -1.07
CA SER A 50 -12.35 -3.53 -1.94
C SER A 50 -13.25 -3.22 -3.13
N ASP A 51 -13.01 -3.92 -4.23
CA ASP A 51 -13.81 -3.72 -5.44
C ASP A 51 -14.92 -4.76 -5.55
N LEU A 52 -14.74 -5.87 -4.83
CA LEU A 52 -15.73 -6.94 -4.85
C LEU A 52 -16.77 -6.74 -3.75
N THR A 53 -16.29 -6.49 -2.53
CA THR A 53 -17.18 -6.28 -1.39
C THR A 53 -17.54 -4.81 -1.24
N MET A 54 -17.08 -3.99 -2.18
CA MET A 54 -17.35 -2.56 -2.16
C MET A 54 -17.39 -2.04 -0.73
N HIS A 55 -16.53 -2.59 0.12
CA HIS A 55 -16.46 -2.18 1.52
C HIS A 55 -15.02 -1.92 1.94
N GLU A 56 -14.85 -1.37 3.14
CA GLU A 56 -13.53 -1.06 3.66
C GLU A 56 -12.94 -2.25 4.42
N LEU A 57 -11.84 -2.78 3.91
CA LEU A 57 -11.18 -3.92 4.54
C LEU A 57 -9.98 -3.47 5.36
N LYS A 58 -9.94 -3.87 6.63
CA LYS A 58 -8.83 -3.52 7.51
C LYS A 58 -7.87 -4.68 7.66
N VAL A 59 -6.62 -4.48 7.23
CA VAL A 59 -5.60 -5.50 7.31
C VAL A 59 -4.26 -4.90 7.71
N LEU A 60 -3.38 -5.74 8.27
CA LEU A 60 -2.06 -5.30 8.70
C LEU A 60 -1.13 -5.15 7.51
N PRO A 61 -0.11 -4.27 7.65
CA PRO A 61 0.87 -4.02 6.59
C PRO A 61 1.80 -5.21 6.38
N ARG A 62 1.58 -6.27 7.15
CA ARG A 62 2.41 -7.47 7.03
C ARG A 62 1.75 -8.49 6.11
N ASP A 63 0.49 -8.25 5.77
CA ASP A 63 -0.25 -9.16 4.89
C ASP A 63 -0.62 -8.46 3.58
N LEU A 64 -0.02 -7.30 3.35
CA LEU A 64 -0.30 -6.53 2.15
C LEU A 64 0.95 -6.42 1.26
N GLN A 65 0.74 -6.08 0.00
CA GLN A 65 1.86 -5.93 -0.94
C GLN A 65 1.53 -4.92 -2.03
N LEU A 66 2.50 -4.09 -2.37
CA LEU A 66 2.31 -3.08 -3.40
C LEU A 66 2.35 -3.70 -4.79
N CYS A 67 1.71 -3.03 -5.75
CA CYS A 67 1.67 -3.52 -7.12
C CYS A 67 2.39 -2.56 -8.06
N SER A 68 2.39 -1.27 -7.69
CA SER A 68 3.03 -0.25 -8.50
C SER A 68 4.06 0.52 -7.68
N GLU A 69 4.82 -0.20 -6.86
CA GLU A 69 5.83 0.42 -6.02
C GLU A 69 6.76 1.30 -6.86
N GLY A 1 12.79 24.56 -22.74
CA GLY A 1 13.84 25.33 -22.11
C GLY A 1 13.40 25.98 -20.82
N SER A 2 14.07 25.65 -19.72
CA SER A 2 13.73 26.20 -18.41
C SER A 2 14.54 27.47 -18.14
N SER A 3 13.91 28.44 -17.49
CA SER A 3 14.56 29.70 -17.16
C SER A 3 15.09 29.68 -15.73
N GLY A 4 15.79 30.75 -15.35
CA GLY A 4 16.33 30.84 -14.01
C GLY A 4 17.32 29.72 -13.71
N SER A 5 18.33 30.03 -12.91
CA SER A 5 19.34 29.04 -12.54
C SER A 5 19.24 28.66 -11.07
N SER A 6 19.36 29.66 -10.20
CA SER A 6 19.29 29.44 -8.76
C SER A 6 17.83 29.42 -8.30
N GLY A 7 17.50 28.45 -7.45
CA GLY A 7 16.15 28.34 -6.93
C GLY A 7 16.00 27.20 -5.94
N GLU A 8 15.05 27.34 -5.02
CA GLU A 8 14.80 26.32 -4.01
C GLU A 8 13.74 25.32 -4.49
N PHE A 9 14.19 24.14 -4.89
CA PHE A 9 13.28 23.10 -5.37
C PHE A 9 13.42 21.83 -4.53
N PRO A 10 12.81 21.85 -3.33
CA PRO A 10 12.84 20.72 -2.41
C PRO A 10 12.02 19.54 -2.91
N ALA A 11 12.71 18.54 -3.47
CA ALA A 11 12.05 17.36 -4.00
C ALA A 11 12.20 16.18 -3.03
N GLN A 12 11.25 16.06 -2.10
CA GLN A 12 11.28 14.97 -1.13
C GLN A 12 11.22 13.61 -1.82
N GLU A 13 11.81 12.61 -1.18
CA GLU A 13 11.83 11.26 -1.74
C GLU A 13 10.80 10.38 -1.04
N LEU A 14 10.40 9.31 -1.72
CA LEU A 14 9.41 8.37 -1.17
C LEU A 14 9.96 6.96 -1.15
N ARG A 15 9.31 6.09 -0.38
CA ARG A 15 9.74 4.70 -0.27
C ARG A 15 8.53 3.76 -0.30
N LYS A 16 8.68 2.63 -0.99
CA LYS A 16 7.60 1.65 -1.09
C LYS A 16 6.85 1.54 0.23
N TYR A 17 5.66 2.13 0.28
CA TYR A 17 4.84 2.11 1.48
C TYR A 17 3.36 2.27 1.13
N PHE A 18 2.51 1.46 1.76
CA PHE A 18 1.08 1.53 1.52
C PHE A 18 0.51 2.89 1.91
N LYS A 19 0.33 3.75 0.93
CA LYS A 19 -0.20 5.09 1.16
C LYS A 19 -1.45 5.33 0.32
N MET A 20 -2.43 6.01 0.91
CA MET A 20 -3.67 6.32 0.21
C MET A 20 -3.42 6.57 -1.27
N GLY A 21 -4.18 5.88 -2.11
CA GLY A 21 -4.01 6.05 -3.55
C GLY A 21 -3.35 4.86 -4.20
N ASP A 22 -2.23 4.43 -3.63
CA ASP A 22 -1.48 3.29 -4.17
C ASP A 22 -2.33 2.02 -4.10
N HIS A 23 -2.03 1.06 -4.99
CA HIS A 23 -2.75 -0.19 -5.02
C HIS A 23 -2.03 -1.26 -4.23
N VAL A 24 -2.78 -2.05 -3.46
CA VAL A 24 -2.22 -3.11 -2.64
C VAL A 24 -3.00 -4.40 -2.80
N LYS A 25 -2.34 -5.53 -2.53
CA LYS A 25 -2.97 -6.83 -2.64
C LYS A 25 -2.78 -7.64 -1.36
N VAL A 26 -3.76 -8.48 -1.04
CA VAL A 26 -3.69 -9.31 0.15
C VAL A 26 -3.15 -10.70 -0.17
N ILE A 27 -1.94 -10.98 0.32
CA ILE A 27 -1.31 -12.27 0.08
C ILE A 27 -1.58 -13.24 1.24
N ALA A 28 -1.85 -12.68 2.41
CA ALA A 28 -2.13 -13.49 3.60
C ALA A 28 -3.21 -12.85 4.46
N GLY A 29 -3.57 -13.52 5.55
CA GLY A 29 -4.59 -13.00 6.44
C GLY A 29 -5.94 -13.64 6.20
N ARG A 30 -7.01 -12.92 6.56
CA ARG A 30 -8.36 -13.42 6.39
C ARG A 30 -8.88 -13.12 4.98
N PHE A 31 -8.38 -12.04 4.39
CA PHE A 31 -8.79 -11.65 3.05
C PHE A 31 -7.76 -12.07 2.01
N GLU A 32 -7.13 -13.22 2.25
CA GLU A 32 -6.11 -13.73 1.34
C GLU A 32 -6.67 -13.85 -0.08
N GLY A 33 -5.87 -13.45 -1.06
CA GLY A 33 -6.30 -13.53 -2.44
C GLY A 33 -7.05 -12.28 -2.88
N ASP A 34 -7.58 -11.54 -1.92
CA ASP A 34 -8.32 -10.32 -2.22
C ASP A 34 -7.38 -9.14 -2.41
N THR A 35 -7.86 -8.11 -3.10
CA THR A 35 -7.06 -6.92 -3.35
C THR A 35 -7.92 -5.66 -3.36
N GLY A 36 -7.28 -4.51 -3.16
CA GLY A 36 -8.02 -3.26 -3.14
C GLY A 36 -7.09 -2.06 -3.11
N LEU A 37 -7.68 -0.86 -3.12
CA LEU A 37 -6.90 0.37 -3.09
C LEU A 37 -6.80 0.92 -1.67
N ILE A 38 -5.75 1.69 -1.41
CA ILE A 38 -5.54 2.29 -0.10
C ILE A 38 -6.38 3.55 0.07
N VAL A 39 -7.37 3.48 0.96
CA VAL A 39 -8.23 4.61 1.23
C VAL A 39 -7.83 5.32 2.52
N ARG A 40 -7.20 4.58 3.42
CA ARG A 40 -6.76 5.14 4.70
C ARG A 40 -5.60 4.33 5.27
N VAL A 41 -4.73 5.01 6.02
CA VAL A 41 -3.58 4.36 6.63
C VAL A 41 -3.47 4.72 8.11
N GLU A 42 -3.15 3.72 8.93
CA GLU A 42 -3.01 3.93 10.37
C GLU A 42 -1.72 3.30 10.88
N GLU A 43 -1.06 4.00 11.80
CA GLU A 43 0.19 3.51 12.38
C GLU A 43 0.08 2.03 12.74
N ASN A 44 -1.13 1.59 13.07
CA ASN A 44 -1.38 0.20 13.43
C ASN A 44 -1.57 -0.66 12.18
N PHE A 45 -2.63 -0.38 11.43
CA PHE A 45 -2.92 -1.13 10.22
C PHE A 45 -3.35 -0.20 9.09
N VAL A 46 -3.52 -0.76 7.89
CA VAL A 46 -3.93 0.02 6.73
C VAL A 46 -5.31 -0.41 6.25
N ILE A 47 -6.11 0.57 5.85
CA ILE A 47 -7.46 0.29 5.35
C ILE A 47 -7.53 0.43 3.84
N LEU A 48 -7.88 -0.66 3.17
CA LEU A 48 -7.98 -0.67 1.72
C LEU A 48 -9.41 -0.96 1.28
N PHE A 49 -9.88 -0.22 0.27
CA PHE A 49 -11.24 -0.40 -0.24
C PHE A 49 -11.28 -1.53 -1.27
N SER A 50 -12.22 -2.45 -1.09
CA SER A 50 -12.37 -3.58 -2.00
C SER A 50 -13.24 -3.20 -3.19
N ASP A 51 -13.00 -3.88 -4.31
CA ASP A 51 -13.77 -3.62 -5.54
C ASP A 51 -14.91 -4.62 -5.68
N LEU A 52 -14.78 -5.77 -5.01
CA LEU A 52 -15.80 -6.81 -5.08
C LEU A 52 -16.83 -6.62 -3.97
N THR A 53 -16.37 -6.50 -2.73
CA THR A 53 -17.24 -6.32 -1.59
C THR A 53 -17.64 -4.85 -1.43
N MET A 54 -17.00 -3.99 -2.21
CA MET A 54 -17.29 -2.55 -2.15
C MET A 54 -17.35 -2.07 -0.70
N HIS A 55 -16.44 -2.56 0.13
CA HIS A 55 -16.41 -2.17 1.53
C HIS A 55 -14.97 -1.89 1.97
N GLU A 56 -14.83 -1.30 3.16
CA GLU A 56 -13.50 -0.98 3.69
C GLU A 56 -12.93 -2.16 4.46
N LEU A 57 -11.85 -2.73 3.95
CA LEU A 57 -11.20 -3.87 4.59
C LEU A 57 -10.02 -3.41 5.44
N LYS A 58 -9.96 -3.90 6.67
CA LYS A 58 -8.89 -3.56 7.59
C LYS A 58 -7.90 -4.72 7.73
N VAL A 59 -6.71 -4.55 7.16
CA VAL A 59 -5.67 -5.58 7.23
C VAL A 59 -4.32 -4.98 7.59
N LEU A 60 -3.46 -5.78 8.20
CA LEU A 60 -2.13 -5.33 8.60
C LEU A 60 -1.24 -5.13 7.39
N PRO A 61 -0.22 -4.27 7.53
CA PRO A 61 0.72 -3.97 6.46
C PRO A 61 1.65 -5.15 6.15
N ARG A 62 1.54 -6.19 6.95
CA ARG A 62 2.36 -7.38 6.76
C ARG A 62 1.66 -8.40 5.85
N ASP A 63 0.33 -8.34 5.83
CA ASP A 63 -0.45 -9.25 5.00
C ASP A 63 -0.87 -8.57 3.70
N LEU A 64 -0.19 -7.48 3.37
CA LEU A 64 -0.50 -6.73 2.15
C LEU A 64 0.77 -6.42 1.37
N GLN A 65 0.63 -6.22 0.06
CA GLN A 65 1.76 -5.91 -0.80
C GLN A 65 1.39 -4.85 -1.84
N LEU A 66 2.30 -3.92 -2.07
CA LEU A 66 2.06 -2.85 -3.04
C LEU A 66 1.81 -3.43 -4.43
N CYS A 67 1.19 -2.63 -5.29
CA CYS A 67 0.89 -3.05 -6.66
C CYS A 67 1.26 -1.97 -7.66
N SER A 68 0.94 -0.72 -7.32
CA SER A 68 1.24 0.40 -8.20
C SER A 68 2.17 1.39 -7.51
N GLU A 69 3.33 0.91 -7.08
CA GLU A 69 4.31 1.76 -6.40
C GLU A 69 4.79 2.87 -7.32
N GLY A 1 19.48 32.13 -0.41
CA GLY A 1 19.67 31.65 -1.77
C GLY A 1 20.27 30.27 -1.82
N SER A 2 20.98 29.96 -2.89
CA SER A 2 21.61 28.65 -3.06
C SER A 2 22.36 28.26 -1.79
N SER A 3 23.15 29.18 -1.26
CA SER A 3 23.92 28.93 -0.05
C SER A 3 24.52 27.52 -0.09
N GLY A 4 25.03 27.13 -1.25
CA GLY A 4 25.63 25.82 -1.39
C GLY A 4 26.34 25.37 -0.13
N SER A 5 26.01 24.16 0.34
CA SER A 5 26.62 23.62 1.55
C SER A 5 26.77 22.10 1.45
N SER A 6 27.40 21.51 2.46
CA SER A 6 27.60 20.07 2.48
C SER A 6 26.95 19.44 3.71
N GLY A 7 26.95 18.12 3.77
CA GLY A 7 26.35 17.42 4.89
C GLY A 7 25.39 16.34 4.47
N GLU A 8 24.22 16.30 5.10
CA GLU A 8 23.21 15.29 4.78
C GLU A 8 22.54 15.62 3.44
N PHE A 9 22.21 14.58 2.68
CA PHE A 9 21.56 14.74 1.39
C PHE A 9 20.27 13.95 1.32
N PRO A 10 19.26 14.52 0.63
CA PRO A 10 17.95 13.88 0.48
C PRO A 10 18.00 12.66 -0.42
N ALA A 11 16.90 11.91 -0.46
CA ALA A 11 16.83 10.71 -1.28
C ALA A 11 15.78 10.86 -2.38
N GLN A 12 16.09 10.35 -3.57
CA GLN A 12 15.19 10.44 -4.70
C GLN A 12 14.44 9.12 -4.90
N GLU A 13 15.13 8.01 -4.65
CA GLU A 13 14.53 6.69 -4.80
C GLU A 13 13.16 6.63 -4.12
N LEU A 14 12.13 6.28 -4.89
CA LEU A 14 10.78 6.19 -4.36
C LEU A 14 10.73 5.26 -3.15
N ARG A 15 9.61 5.29 -2.43
CA ARG A 15 9.44 4.45 -1.26
C ARG A 15 8.42 3.35 -1.52
N LYS A 16 8.68 2.17 -0.98
CA LYS A 16 7.78 1.02 -1.15
C LYS A 16 6.86 0.88 0.04
N TYR A 17 6.18 1.97 0.40
CA TYR A 17 5.25 1.97 1.53
C TYR A 17 3.82 2.18 1.05
N PHE A 18 2.89 1.43 1.64
CA PHE A 18 1.48 1.54 1.29
C PHE A 18 0.96 2.95 1.58
N LYS A 19 0.69 3.70 0.52
CA LYS A 19 0.17 5.06 0.66
C LYS A 19 -1.17 5.20 -0.03
N MET A 20 -2.05 6.02 0.56
CA MET A 20 -3.38 6.24 0.01
C MET A 20 -3.30 6.50 -1.50
N GLY A 21 -4.28 6.00 -2.23
CA GLY A 21 -4.32 6.18 -3.66
C GLY A 21 -3.69 5.02 -4.41
N ASP A 22 -2.69 4.39 -3.80
CA ASP A 22 -2.01 3.26 -4.41
C ASP A 22 -2.82 1.98 -4.24
N HIS A 23 -2.53 0.98 -5.07
CA HIS A 23 -3.24 -0.30 -5.02
C HIS A 23 -2.36 -1.37 -4.38
N VAL A 24 -2.95 -2.11 -3.45
CA VAL A 24 -2.22 -3.17 -2.75
C VAL A 24 -2.97 -4.50 -2.84
N LYS A 25 -2.24 -5.59 -2.65
CA LYS A 25 -2.82 -6.93 -2.72
C LYS A 25 -2.65 -7.66 -1.39
N VAL A 26 -3.60 -8.54 -1.08
CA VAL A 26 -3.55 -9.31 0.16
C VAL A 26 -2.92 -10.68 -0.07
N ILE A 27 -1.86 -10.97 0.69
CA ILE A 27 -1.16 -12.24 0.57
C ILE A 27 -1.52 -13.17 1.72
N ALA A 28 -1.90 -12.58 2.85
CA ALA A 28 -2.27 -13.36 4.03
C ALA A 28 -3.40 -12.69 4.80
N GLY A 29 -3.76 -13.27 5.94
CA GLY A 29 -4.83 -12.71 6.75
C GLY A 29 -6.17 -13.36 6.48
N ARG A 30 -7.24 -12.62 6.73
CA ARG A 30 -8.59 -13.14 6.51
C ARG A 30 -9.05 -12.86 5.09
N PHE A 31 -8.23 -12.15 4.33
CA PHE A 31 -8.56 -11.81 2.95
C PHE A 31 -7.44 -12.23 2.01
N GLU A 32 -6.77 -13.34 2.34
CA GLU A 32 -5.68 -13.85 1.52
C GLU A 32 -6.14 -14.11 0.09
N GLY A 33 -5.69 -13.26 -0.83
CA GLY A 33 -6.06 -13.42 -2.23
C GLY A 33 -6.88 -12.24 -2.74
N ASP A 34 -7.35 -11.40 -1.83
CA ASP A 34 -8.13 -10.23 -2.19
C ASP A 34 -7.24 -9.01 -2.39
N THR A 35 -7.73 -8.05 -3.15
CA THR A 35 -6.97 -6.83 -3.42
C THR A 35 -7.87 -5.60 -3.35
N GLY A 36 -7.25 -4.43 -3.25
CA GLY A 36 -8.01 -3.18 -3.17
C GLY A 36 -7.12 -1.96 -3.12
N LEU A 37 -7.73 -0.78 -3.14
CA LEU A 37 -6.98 0.47 -3.10
C LEU A 37 -6.82 0.96 -1.67
N ILE A 38 -5.91 1.91 -1.47
CA ILE A 38 -5.66 2.46 -0.14
C ILE A 38 -6.42 3.76 0.06
N VAL A 39 -7.38 3.74 0.98
CA VAL A 39 -8.19 4.92 1.28
C VAL A 39 -7.74 5.57 2.58
N ARG A 40 -7.30 4.75 3.52
CA ARG A 40 -6.86 5.25 4.83
C ARG A 40 -5.75 4.35 5.40
N VAL A 41 -4.85 4.96 6.15
CA VAL A 41 -3.75 4.22 6.76
C VAL A 41 -3.58 4.58 8.23
N GLU A 42 -3.28 3.58 9.06
CA GLU A 42 -3.09 3.81 10.48
C GLU A 42 -1.79 3.19 10.97
N GLU A 43 -1.15 3.84 11.93
CA GLU A 43 0.11 3.35 12.49
C GLU A 43 0.03 1.86 12.82
N ASN A 44 -1.16 1.43 13.24
CA ASN A 44 -1.38 0.03 13.59
C ASN A 44 -1.56 -0.82 12.34
N PHE A 45 -2.59 -0.51 11.57
CA PHE A 45 -2.88 -1.25 10.34
C PHE A 45 -3.25 -0.30 9.21
N VAL A 46 -3.56 -0.87 8.04
CA VAL A 46 -3.94 -0.07 6.88
C VAL A 46 -5.36 -0.41 6.42
N ILE A 47 -6.08 0.60 5.96
CA ILE A 47 -7.45 0.40 5.48
C ILE A 47 -7.53 0.54 3.97
N LEU A 48 -7.78 -0.59 3.30
CA LEU A 48 -7.88 -0.60 1.85
C LEU A 48 -9.32 -0.86 1.41
N PHE A 49 -9.77 -0.11 0.40
CA PHE A 49 -11.13 -0.25 -0.11
C PHE A 49 -11.21 -1.40 -1.10
N SER A 50 -12.21 -2.27 -0.91
CA SER A 50 -12.39 -3.41 -1.79
C SER A 50 -13.24 -3.04 -3.01
N ASP A 51 -12.95 -3.67 -4.14
CA ASP A 51 -13.69 -3.40 -5.37
C ASP A 51 -14.76 -4.47 -5.60
N LEU A 52 -14.58 -5.63 -5.00
CA LEU A 52 -15.52 -6.73 -5.14
C LEU A 52 -16.71 -6.55 -4.19
N THR A 53 -16.42 -6.48 -2.90
CA THR A 53 -17.47 -6.32 -1.88
C THR A 53 -17.82 -4.84 -1.70
N MET A 54 -17.11 -3.98 -2.42
CA MET A 54 -17.35 -2.55 -2.35
C MET A 54 -17.42 -2.09 -0.89
N HIS A 55 -16.58 -2.69 -0.05
CA HIS A 55 -16.54 -2.33 1.36
C HIS A 55 -15.11 -2.02 1.80
N GLU A 56 -14.97 -1.54 3.03
CA GLU A 56 -13.66 -1.20 3.58
C GLU A 56 -13.06 -2.38 4.33
N LEU A 57 -11.87 -2.80 3.92
CA LEU A 57 -11.18 -3.92 4.56
C LEU A 57 -10.05 -3.43 5.45
N LYS A 58 -9.96 -3.99 6.64
CA LYS A 58 -8.92 -3.63 7.59
C LYS A 58 -7.95 -4.78 7.82
N VAL A 59 -6.71 -4.61 7.37
CA VAL A 59 -5.69 -5.64 7.52
C VAL A 59 -4.33 -5.03 7.83
N LEU A 60 -3.43 -5.84 8.34
CA LEU A 60 -2.08 -5.38 8.68
C LEU A 60 -1.24 -5.20 7.43
N PRO A 61 -0.26 -4.29 7.49
CA PRO A 61 0.64 -4.00 6.37
C PRO A 61 1.60 -5.15 6.09
N ARG A 62 1.52 -6.20 6.91
CA ARG A 62 2.38 -7.36 6.75
C ARG A 62 1.76 -8.39 5.81
N ASP A 63 0.43 -8.40 5.77
CA ASP A 63 -0.30 -9.33 4.91
C ASP A 63 -0.69 -8.67 3.60
N LEU A 64 -0.07 -7.52 3.32
CA LEU A 64 -0.36 -6.78 2.09
C LEU A 64 0.91 -6.52 1.30
N GLN A 65 0.76 -6.05 0.06
CA GLN A 65 1.90 -5.77 -0.79
C GLN A 65 1.49 -4.89 -1.97
N LEU A 66 2.28 -3.85 -2.24
CA LEU A 66 2.00 -2.94 -3.34
C LEU A 66 1.97 -3.68 -4.66
N CYS A 67 1.26 -3.11 -5.64
CA CYS A 67 1.15 -3.72 -6.96
C CYS A 67 2.00 -2.97 -7.98
N SER A 68 1.97 -1.64 -7.90
CA SER A 68 2.75 -0.80 -8.81
C SER A 68 3.56 0.24 -8.04
N GLU A 69 4.80 -0.11 -7.73
CA GLU A 69 5.68 0.80 -6.99
C GLU A 69 6.87 1.21 -7.85
N GLY A 1 28.83 21.94 4.57
CA GLY A 1 28.93 22.33 3.17
C GLY A 1 28.14 23.59 2.86
N SER A 2 27.76 23.75 1.60
CA SER A 2 27.00 24.92 1.17
C SER A 2 25.94 24.53 0.13
N SER A 3 24.85 25.29 0.11
CA SER A 3 23.76 25.02 -0.83
C SER A 3 24.31 24.77 -2.23
N GLY A 4 23.45 24.25 -3.10
CA GLY A 4 23.86 23.96 -4.47
C GLY A 4 23.82 22.47 -4.78
N SER A 5 24.56 21.69 -4.00
CA SER A 5 24.63 20.24 -4.21
C SER A 5 23.24 19.62 -4.06
N SER A 6 22.87 18.78 -5.02
CA SER A 6 21.57 18.12 -5.00
C SER A 6 20.46 19.11 -4.65
N GLY A 7 20.54 20.30 -5.23
CA GLY A 7 19.53 21.31 -4.97
C GLY A 7 18.74 21.67 -6.21
N GLU A 8 19.40 21.73 -7.35
CA GLU A 8 18.74 22.06 -8.61
C GLU A 8 17.96 20.87 -9.14
N PHE A 9 18.56 19.68 -9.04
CA PHE A 9 17.92 18.46 -9.52
C PHE A 9 17.49 17.59 -8.36
N PRO A 10 16.34 17.92 -7.76
CA PRO A 10 15.79 17.17 -6.61
C PRO A 10 15.29 15.79 -7.02
N ALA A 11 16.00 14.76 -6.56
CA ALA A 11 15.63 13.38 -6.87
C ALA A 11 14.48 12.91 -5.98
N GLN A 12 13.41 12.43 -6.60
CA GLN A 12 12.26 11.93 -5.86
C GLN A 12 12.21 10.41 -5.87
N GLU A 13 13.00 9.79 -4.99
CA GLU A 13 13.04 8.34 -4.90
C GLU A 13 11.97 7.82 -3.94
N LEU A 14 10.78 7.55 -4.47
CA LEU A 14 9.68 7.05 -3.67
C LEU A 14 9.99 5.67 -3.11
N ARG A 15 9.50 5.39 -1.91
CA ARG A 15 9.72 4.10 -1.27
C ARG A 15 8.49 3.20 -1.41
N LYS A 16 8.71 1.89 -1.30
CA LYS A 16 7.64 0.92 -1.41
C LYS A 16 6.82 0.85 -0.12
N TYR A 17 5.88 1.78 0.02
CA TYR A 17 5.03 1.82 1.21
C TYR A 17 3.57 2.00 0.82
N PHE A 18 2.68 1.37 1.60
CA PHE A 18 1.25 1.46 1.34
C PHE A 18 0.71 2.83 1.69
N LYS A 19 0.56 3.68 0.67
CA LYS A 19 0.06 5.04 0.88
C LYS A 19 -1.26 5.24 0.13
N MET A 20 -2.21 5.91 0.79
CA MET A 20 -3.51 6.18 0.19
C MET A 20 -3.37 6.46 -1.30
N GLY A 21 -4.22 5.83 -2.10
CA GLY A 21 -4.17 6.03 -3.54
C GLY A 21 -3.55 4.86 -4.27
N ASP A 22 -2.43 4.37 -3.76
CA ASP A 22 -1.73 3.24 -4.36
C ASP A 22 -2.56 1.97 -4.26
N HIS A 23 -2.31 1.03 -5.16
CA HIS A 23 -3.04 -0.24 -5.16
C HIS A 23 -2.26 -1.31 -4.42
N VAL A 24 -2.90 -1.92 -3.42
CA VAL A 24 -2.28 -2.96 -2.63
C VAL A 24 -2.99 -4.29 -2.79
N LYS A 25 -2.32 -5.38 -2.42
CA LYS A 25 -2.90 -6.72 -2.53
C LYS A 25 -2.65 -7.52 -1.26
N VAL A 26 -3.57 -8.42 -0.93
CA VAL A 26 -3.43 -9.25 0.25
C VAL A 26 -2.76 -10.58 -0.08
N ILE A 27 -1.67 -10.89 0.62
CA ILE A 27 -0.94 -12.12 0.40
C ILE A 27 -1.24 -13.15 1.49
N ALA A 28 -1.59 -12.66 2.67
CA ALA A 28 -1.90 -13.52 3.80
C ALA A 28 -3.03 -12.94 4.64
N GLY A 29 -3.36 -13.62 5.73
CA GLY A 29 -4.42 -13.16 6.61
C GLY A 29 -5.76 -13.81 6.31
N ARG A 30 -6.84 -13.09 6.59
CA ARG A 30 -8.19 -13.61 6.34
C ARG A 30 -8.64 -13.28 4.93
N PHE A 31 -8.06 -12.23 4.35
CA PHE A 31 -8.41 -11.82 3.00
C PHE A 31 -7.31 -12.21 2.01
N GLU A 32 -6.74 -13.39 2.20
CA GLU A 32 -5.68 -13.87 1.33
C GLU A 32 -6.18 -14.04 -0.11
N GLY A 33 -5.57 -13.30 -1.03
CA GLY A 33 -5.97 -13.40 -2.43
C GLY A 33 -6.81 -12.20 -2.86
N ASP A 34 -7.28 -11.43 -1.89
CA ASP A 34 -8.10 -10.25 -2.17
C ASP A 34 -7.22 -9.02 -2.38
N THR A 35 -7.75 -8.05 -3.12
CA THR A 35 -7.01 -6.82 -3.40
C THR A 35 -7.91 -5.60 -3.25
N GLY A 36 -7.30 -4.41 -3.29
CA GLY A 36 -8.06 -3.19 -3.15
C GLY A 36 -7.19 -1.96 -3.14
N LEU A 37 -7.81 -0.78 -3.13
CA LEU A 37 -7.07 0.47 -3.11
C LEU A 37 -6.93 1.01 -1.69
N ILE A 38 -5.87 1.76 -1.45
CA ILE A 38 -5.62 2.34 -0.12
C ILE A 38 -6.44 3.61 0.07
N VAL A 39 -7.48 3.51 0.90
CA VAL A 39 -8.34 4.65 1.19
C VAL A 39 -7.95 5.32 2.50
N ARG A 40 -7.47 4.53 3.45
CA ARG A 40 -7.04 5.06 4.74
C ARG A 40 -5.88 4.25 5.30
N VAL A 41 -4.99 4.92 6.03
CA VAL A 41 -3.84 4.26 6.63
C VAL A 41 -3.69 4.63 8.10
N GLU A 42 -3.12 3.72 8.88
CA GLU A 42 -2.92 3.95 10.31
C GLU A 42 -1.63 3.30 10.79
N GLU A 43 -0.97 3.95 11.76
CA GLU A 43 0.28 3.43 12.30
C GLU A 43 0.14 1.97 12.67
N ASN A 44 -1.07 1.55 13.05
CA ASN A 44 -1.32 0.17 13.43
C ASN A 44 -1.55 -0.69 12.21
N PHE A 45 -2.64 -0.41 11.48
CA PHE A 45 -2.97 -1.17 10.28
C PHE A 45 -3.35 -0.24 9.14
N VAL A 46 -3.50 -0.81 7.94
CA VAL A 46 -3.86 -0.03 6.76
C VAL A 46 -5.24 -0.41 6.25
N ILE A 47 -6.06 0.59 5.95
CA ILE A 47 -7.40 0.36 5.44
C ILE A 47 -7.46 0.52 3.93
N LEU A 48 -8.08 -0.45 3.26
CA LEU A 48 -8.20 -0.43 1.80
C LEU A 48 -9.62 -0.77 1.37
N PHE A 49 -10.07 -0.15 0.29
CA PHE A 49 -11.42 -0.39 -0.24
C PHE A 49 -11.40 -1.52 -1.27
N SER A 50 -12.30 -2.48 -1.09
CA SER A 50 -12.40 -3.62 -1.99
C SER A 50 -13.39 -3.34 -3.11
N ASP A 51 -12.95 -3.53 -4.36
CA ASP A 51 -13.81 -3.30 -5.50
C ASP A 51 -14.87 -4.40 -5.63
N LEU A 52 -14.63 -5.52 -4.96
CA LEU A 52 -15.55 -6.64 -5.00
C LEU A 52 -16.69 -6.44 -3.99
N THR A 53 -16.33 -6.35 -2.72
CA THR A 53 -17.32 -6.16 -1.67
C THR A 53 -17.70 -4.68 -1.53
N MET A 54 -17.01 -3.83 -2.28
CA MET A 54 -17.27 -2.40 -2.24
C MET A 54 -17.35 -1.90 -0.81
N HIS A 55 -16.48 -2.41 0.05
CA HIS A 55 -16.45 -2.02 1.46
C HIS A 55 -15.01 -1.79 1.92
N GLU A 56 -14.87 -1.25 3.12
CA GLU A 56 -13.54 -0.98 3.68
C GLU A 56 -13.01 -2.19 4.43
N LEU A 57 -11.93 -2.76 3.92
CA LEU A 57 -11.31 -3.94 4.53
C LEU A 57 -10.16 -3.53 5.45
N LYS A 58 -10.04 -4.24 6.58
CA LYS A 58 -8.97 -3.96 7.54
C LYS A 58 -7.97 -5.09 7.58
N VAL A 59 -6.72 -4.79 7.25
CA VAL A 59 -5.65 -5.79 7.25
C VAL A 59 -4.31 -5.15 7.61
N LEU A 60 -3.50 -5.90 8.36
CA LEU A 60 -2.18 -5.41 8.76
C LEU A 60 -1.26 -5.27 7.55
N PRO A 61 -0.26 -4.39 7.67
CA PRO A 61 0.71 -4.13 6.60
C PRO A 61 1.65 -5.32 6.39
N ARG A 62 1.48 -6.37 7.19
CA ARG A 62 2.31 -7.55 7.09
C ARG A 62 1.65 -8.60 6.17
N ASP A 63 0.42 -8.32 5.77
CA ASP A 63 -0.31 -9.23 4.90
C ASP A 63 -0.66 -8.56 3.57
N LEU A 64 -0.16 -7.35 3.39
CA LEU A 64 -0.41 -6.60 2.17
C LEU A 64 0.88 -6.43 1.36
N GLN A 65 0.72 -6.15 0.07
CA GLN A 65 1.88 -5.95 -0.80
C GLN A 65 1.52 -5.04 -1.98
N LEU A 66 2.36 -4.04 -2.22
CA LEU A 66 2.14 -3.09 -3.31
C LEU A 66 2.05 -3.82 -4.65
N CYS A 67 1.57 -3.11 -5.66
CA CYS A 67 1.44 -3.68 -7.01
C CYS A 67 2.01 -2.74 -8.05
N SER A 68 3.08 -3.18 -8.71
CA SER A 68 3.73 -2.37 -9.74
C SER A 68 4.47 -1.19 -9.12
N GLU A 69 5.35 -1.49 -8.17
CA GLU A 69 6.12 -0.46 -7.49
C GLU A 69 7.50 -0.98 -7.10
N GLY A 1 37.65 -3.38 -27.57
CA GLY A 1 38.64 -2.40 -27.14
C GLY A 1 38.06 -1.38 -26.18
N SER A 2 36.89 -0.86 -26.51
CA SER A 2 36.23 0.14 -25.67
C SER A 2 35.33 -0.52 -24.64
N SER A 3 34.95 0.22 -23.62
CA SER A 3 34.09 -0.29 -22.56
C SER A 3 33.03 0.74 -22.17
N GLY A 4 31.87 0.26 -21.73
CA GLY A 4 30.79 1.14 -21.34
C GLY A 4 29.60 1.06 -22.27
N SER A 5 28.41 1.21 -21.72
CA SER A 5 27.18 1.14 -22.50
C SER A 5 26.08 1.99 -21.87
N SER A 6 25.02 2.24 -22.63
CA SER A 6 23.90 3.04 -22.14
C SER A 6 22.99 2.21 -21.24
N GLY A 7 22.39 2.87 -20.25
CA GLY A 7 21.50 2.18 -19.33
C GLY A 7 21.87 2.42 -17.89
N GLU A 8 20.97 3.07 -17.14
CA GLU A 8 21.21 3.35 -15.73
C GLU A 8 21.25 2.07 -14.92
N PHE A 9 22.08 2.07 -13.87
CA PHE A 9 22.22 0.90 -13.01
C PHE A 9 22.00 1.28 -11.54
N PRO A 10 20.74 1.40 -11.13
CA PRO A 10 20.38 1.76 -9.76
C PRO A 10 20.69 0.65 -8.77
N ALA A 11 20.78 1.01 -7.50
CA ALA A 11 21.09 0.04 -6.44
C ALA A 11 19.90 -0.13 -5.50
N GLN A 12 19.31 0.99 -5.10
CA GLN A 12 18.16 0.97 -4.19
C GLN A 12 16.86 1.10 -4.97
N GLU A 13 15.83 0.38 -4.51
CA GLU A 13 14.53 0.42 -5.15
C GLU A 13 13.69 1.59 -4.63
N LEU A 14 12.71 2.01 -5.44
CA LEU A 14 11.85 3.12 -5.05
C LEU A 14 11.24 2.88 -3.68
N ARG A 15 10.42 3.83 -3.23
CA ARG A 15 9.76 3.73 -1.92
C ARG A 15 8.63 2.72 -1.97
N LYS A 16 8.68 1.72 -1.10
CA LYS A 16 7.66 0.68 -1.04
C LYS A 16 6.84 0.80 0.25
N TYR A 17 5.87 1.70 0.25
CA TYR A 17 5.02 1.90 1.42
C TYR A 17 3.57 2.11 1.00
N PHE A 18 2.67 1.32 1.58
CA PHE A 18 1.25 1.41 1.27
C PHE A 18 0.72 2.81 1.61
N LYS A 19 0.58 3.64 0.58
CA LYS A 19 0.08 5.00 0.78
C LYS A 19 -1.25 5.19 0.05
N MET A 20 -2.11 6.04 0.61
CA MET A 20 -3.41 6.33 0.02
C MET A 20 -3.29 6.54 -1.48
N GLY A 21 -4.22 5.97 -2.23
CA GLY A 21 -4.21 6.11 -3.68
C GLY A 21 -3.58 4.92 -4.37
N ASP A 22 -2.52 4.39 -3.78
CA ASP A 22 -1.82 3.24 -4.35
C ASP A 22 -2.65 1.96 -4.18
N HIS A 23 -2.39 0.98 -5.03
CA HIS A 23 -3.11 -0.29 -4.98
C HIS A 23 -2.31 -1.34 -4.23
N VAL A 24 -2.95 -1.99 -3.26
CA VAL A 24 -2.29 -3.02 -2.47
C VAL A 24 -2.99 -4.36 -2.62
N LYS A 25 -2.26 -5.44 -2.32
CA LYS A 25 -2.81 -6.78 -2.44
C LYS A 25 -2.64 -7.55 -1.12
N VAL A 26 -3.53 -8.50 -0.87
CA VAL A 26 -3.48 -9.30 0.34
C VAL A 26 -2.86 -10.67 0.06
N ILE A 27 -1.73 -10.93 0.70
CA ILE A 27 -1.03 -12.21 0.54
C ILE A 27 -1.31 -13.14 1.71
N ALA A 28 -1.68 -12.57 2.84
CA ALA A 28 -1.98 -13.35 4.03
C ALA A 28 -3.15 -12.77 4.80
N GLY A 29 -3.50 -13.40 5.92
CA GLY A 29 -4.61 -12.92 6.72
C GLY A 29 -5.91 -13.65 6.42
N ARG A 30 -7.04 -13.03 6.76
CA ARG A 30 -8.34 -13.63 6.53
C ARG A 30 -8.79 -13.41 5.09
N PHE A 31 -8.20 -12.41 4.44
CA PHE A 31 -8.55 -12.09 3.05
C PHE A 31 -7.38 -12.41 2.13
N GLU A 32 -6.70 -13.52 2.39
CA GLU A 32 -5.56 -13.93 1.57
C GLU A 32 -5.97 -14.10 0.10
N GLY A 33 -5.52 -13.18 -0.74
CA GLY A 33 -5.86 -13.25 -2.15
C GLY A 33 -6.63 -12.04 -2.63
N ASP A 34 -7.32 -11.39 -1.70
CA ASP A 34 -8.12 -10.20 -2.03
C ASP A 34 -7.21 -9.02 -2.36
N THR A 35 -7.73 -8.09 -3.14
CA THR A 35 -6.97 -6.90 -3.53
C THR A 35 -7.88 -5.67 -3.59
N GLY A 36 -7.30 -4.51 -3.30
CA GLY A 36 -8.05 -3.28 -3.32
C GLY A 36 -7.16 -2.04 -3.31
N LEU A 37 -7.78 -0.88 -3.21
CA LEU A 37 -7.04 0.38 -3.19
C LEU A 37 -6.93 0.92 -1.76
N ILE A 38 -5.96 1.79 -1.54
CA ILE A 38 -5.75 2.39 -0.22
C ILE A 38 -6.60 3.64 -0.04
N VAL A 39 -7.40 3.66 1.01
CA VAL A 39 -8.27 4.80 1.30
C VAL A 39 -7.93 5.43 2.64
N ARG A 40 -7.54 4.59 3.60
CA ARG A 40 -7.18 5.06 4.93
C ARG A 40 -6.16 4.13 5.58
N VAL A 41 -4.98 4.67 5.86
CA VAL A 41 -3.91 3.89 6.48
C VAL A 41 -3.60 4.40 7.88
N GLU A 42 -3.54 3.48 8.84
CA GLU A 42 -3.26 3.84 10.23
C GLU A 42 -1.86 3.38 10.63
N GLU A 43 -1.39 3.87 11.78
CA GLU A 43 -0.06 3.51 12.28
C GLU A 43 0.00 2.02 12.64
N ASN A 44 -1.17 1.43 12.86
CA ASN A 44 -1.24 0.02 13.23
C ASN A 44 -1.51 -0.83 11.99
N PHE A 45 -2.69 -0.67 11.39
CA PHE A 45 -3.06 -1.42 10.20
C PHE A 45 -3.44 -0.49 9.06
N VAL A 46 -3.66 -1.07 7.88
CA VAL A 46 -4.01 -0.28 6.70
C VAL A 46 -5.40 -0.67 6.19
N ILE A 47 -6.18 0.34 5.83
CA ILE A 47 -7.54 0.11 5.32
C ILE A 47 -7.60 0.34 3.82
N LEU A 48 -7.99 -0.69 3.08
CA LEU A 48 -8.10 -0.61 1.63
C LEU A 48 -9.54 -0.87 1.17
N PHE A 49 -9.99 -0.10 0.19
CA PHE A 49 -11.35 -0.25 -0.34
C PHE A 49 -11.42 -1.45 -1.29
N SER A 50 -12.41 -2.32 -1.07
CA SER A 50 -12.59 -3.49 -1.90
C SER A 50 -13.38 -3.15 -3.16
N ASP A 51 -12.95 -3.70 -4.29
CA ASP A 51 -13.61 -3.45 -5.57
C ASP A 51 -14.71 -4.49 -5.82
N LEU A 52 -14.90 -5.38 -4.86
CA LEU A 52 -15.91 -6.43 -4.98
C LEU A 52 -17.22 -5.98 -4.35
N THR A 53 -17.23 -5.84 -3.03
CA THR A 53 -18.42 -5.42 -2.30
C THR A 53 -18.27 -3.99 -1.77
N MET A 54 -17.49 -3.18 -2.48
CA MET A 54 -17.27 -1.80 -2.09
C MET A 54 -17.25 -1.67 -0.57
N HIS A 55 -16.48 -2.52 0.09
CA HIS A 55 -16.37 -2.49 1.55
C HIS A 55 -14.95 -2.14 1.98
N GLU A 56 -14.81 -1.67 3.22
CA GLU A 56 -13.51 -1.30 3.75
C GLU A 56 -12.89 -2.46 4.54
N LEU A 57 -11.76 -2.96 4.04
CA LEU A 57 -11.08 -4.07 4.70
C LEU A 57 -9.91 -3.57 5.55
N LYS A 58 -9.76 -4.15 6.74
CA LYS A 58 -8.68 -3.76 7.64
C LYS A 58 -7.70 -4.92 7.83
N VAL A 59 -6.49 -4.75 7.29
CA VAL A 59 -5.46 -5.77 7.42
C VAL A 59 -4.10 -5.14 7.70
N LEU A 60 -3.29 -5.84 8.50
CA LEU A 60 -1.96 -5.35 8.85
C LEU A 60 -1.08 -5.21 7.60
N PRO A 61 -0.11 -4.30 7.67
CA PRO A 61 0.81 -4.05 6.56
C PRO A 61 1.79 -5.21 6.34
N ARG A 62 1.82 -6.13 7.29
CA ARG A 62 2.69 -7.30 7.21
C ARG A 62 2.13 -8.34 6.26
N ASP A 63 0.83 -8.25 6.01
CA ASP A 63 0.15 -9.19 5.11
C ASP A 63 -0.31 -8.50 3.84
N LEU A 64 0.31 -7.36 3.53
CA LEU A 64 -0.04 -6.60 2.34
C LEU A 64 1.16 -6.44 1.42
N GLN A 65 0.90 -6.10 0.16
CA GLN A 65 1.96 -5.91 -0.82
C GLN A 65 1.57 -4.88 -1.86
N LEU A 66 2.53 -4.07 -2.28
CA LEU A 66 2.29 -3.03 -3.27
C LEU A 66 2.18 -3.63 -4.68
N CYS A 67 1.49 -2.93 -5.56
CA CYS A 67 1.32 -3.39 -6.94
C CYS A 67 1.70 -2.31 -7.93
N SER A 68 1.30 -1.08 -7.65
CA SER A 68 1.60 0.05 -8.53
C SER A 68 3.10 0.26 -8.63
N GLU A 69 3.79 0.24 -7.49
CA GLU A 69 5.23 0.43 -7.45
C GLU A 69 5.89 -0.20 -8.67
N GLY A 1 26.87 5.10 -6.08
CA GLY A 1 26.16 5.15 -4.82
C GLY A 1 26.98 5.82 -3.72
N SER A 2 26.40 5.91 -2.53
CA SER A 2 27.07 6.54 -1.41
C SER A 2 28.46 5.93 -1.20
N SER A 3 29.42 6.78 -0.84
CA SER A 3 30.78 6.33 -0.62
C SER A 3 30.99 5.93 0.84
N GLY A 4 30.00 5.24 1.41
CA GLY A 4 30.10 4.80 2.79
C GLY A 4 30.85 3.49 2.94
N SER A 5 32.14 3.60 3.22
CA SER A 5 32.98 2.41 3.38
C SER A 5 33.02 1.97 4.85
N SER A 6 33.30 2.93 5.73
CA SER A 6 33.38 2.65 7.16
C SER A 6 32.26 3.36 7.92
N GLY A 7 31.08 2.76 7.92
CA GLY A 7 29.94 3.35 8.61
C GLY A 7 28.62 2.72 8.20
N GLU A 8 27.55 3.51 8.22
CA GLU A 8 26.23 3.03 7.86
C GLU A 8 26.31 2.11 6.64
N PHE A 9 25.61 0.98 6.72
CA PHE A 9 25.61 0.01 5.62
C PHE A 9 24.26 0.02 4.91
N PRO A 10 24.07 1.00 4.02
CA PRO A 10 22.83 1.14 3.24
C PRO A 10 22.66 0.02 2.21
N ALA A 11 21.67 -0.84 2.44
CA ALA A 11 21.41 -1.96 1.54
C ALA A 11 20.25 -1.62 0.59
N GLN A 12 19.96 -2.54 -0.32
CA GLN A 12 18.87 -2.35 -1.28
C GLN A 12 17.69 -1.66 -0.62
N GLU A 13 17.49 -0.39 -0.94
CA GLU A 13 16.38 0.38 -0.38
C GLU A 13 15.04 -0.29 -0.70
N LEU A 14 14.19 -0.38 0.31
CA LEU A 14 12.87 -0.99 0.14
C LEU A 14 11.78 0.08 0.04
N ARG A 15 11.50 0.50 -1.19
CA ARG A 15 10.48 1.52 -1.43
C ARG A 15 9.10 0.88 -1.55
N LYS A 16 8.75 0.04 -0.58
CA LYS A 16 7.45 -0.63 -0.59
C LYS A 16 6.59 -0.16 0.58
N TYR A 17 5.90 0.96 0.38
CA TYR A 17 5.04 1.52 1.42
C TYR A 17 3.58 1.56 0.95
N PHE A 18 2.67 1.56 1.91
CA PHE A 18 1.24 1.60 1.60
C PHE A 18 0.65 2.96 1.94
N LYS A 19 0.47 3.80 0.93
CA LYS A 19 -0.08 5.13 1.12
C LYS A 19 -1.36 5.31 0.30
N MET A 20 -2.36 5.94 0.89
CA MET A 20 -3.63 6.18 0.21
C MET A 20 -3.40 6.53 -1.26
N GLY A 21 -4.16 5.87 -2.13
CA GLY A 21 -4.02 6.12 -3.55
C GLY A 21 -3.39 4.95 -4.29
N ASP A 22 -2.45 4.28 -3.63
CA ASP A 22 -1.77 3.14 -4.22
C ASP A 22 -2.63 1.88 -4.14
N HIS A 23 -2.28 0.88 -4.94
CA HIS A 23 -3.02 -0.38 -4.96
C HIS A 23 -2.31 -1.45 -4.14
N VAL A 24 -3.00 -1.99 -3.14
CA VAL A 24 -2.42 -3.01 -2.28
C VAL A 24 -3.16 -4.33 -2.45
N LYS A 25 -2.44 -5.43 -2.29
CA LYS A 25 -3.03 -6.76 -2.42
C LYS A 25 -2.79 -7.59 -1.16
N VAL A 26 -3.77 -8.40 -0.79
CA VAL A 26 -3.66 -9.24 0.39
C VAL A 26 -3.15 -10.64 0.04
N ILE A 27 -2.06 -11.05 0.67
CA ILE A 27 -1.47 -12.36 0.42
C ILE A 27 -1.73 -13.31 1.57
N ALA A 28 -1.93 -12.74 2.77
CA ALA A 28 -2.19 -13.53 3.96
C ALA A 28 -3.27 -12.89 4.83
N GLY A 29 -3.53 -13.51 5.97
CA GLY A 29 -4.53 -12.98 6.88
C GLY A 29 -5.91 -13.57 6.62
N ARG A 30 -6.94 -12.87 7.09
CA ARG A 30 -8.32 -13.33 6.91
C ARG A 30 -8.87 -12.88 5.56
N PHE A 31 -8.14 -12.00 4.89
CA PHE A 31 -8.56 -11.48 3.59
C PHE A 31 -7.61 -11.94 2.49
N GLU A 32 -7.04 -13.13 2.67
CA GLU A 32 -6.11 -13.68 1.69
C GLU A 32 -6.76 -13.76 0.31
N GLY A 33 -6.10 -13.16 -0.67
CA GLY A 33 -6.61 -13.17 -2.03
C GLY A 33 -7.47 -11.96 -2.33
N ASP A 34 -7.53 -11.02 -1.39
CA ASP A 34 -8.32 -9.81 -1.55
C ASP A 34 -7.44 -8.63 -1.97
N THR A 35 -7.85 -7.94 -3.03
CA THR A 35 -7.09 -6.80 -3.53
C THR A 35 -7.97 -5.55 -3.59
N GLY A 36 -7.36 -4.39 -3.36
CA GLY A 36 -8.10 -3.14 -3.41
C GLY A 36 -7.18 -1.93 -3.38
N LEU A 37 -7.77 -0.75 -3.21
CA LEU A 37 -7.00 0.49 -3.17
C LEU A 37 -6.89 1.01 -1.74
N ILE A 38 -5.88 1.86 -1.51
CA ILE A 38 -5.66 2.43 -0.19
C ILE A 38 -6.43 3.72 -0.01
N VAL A 39 -7.30 3.76 0.99
CA VAL A 39 -8.10 4.95 1.27
C VAL A 39 -7.72 5.56 2.61
N ARG A 40 -7.38 4.71 3.57
CA ARG A 40 -7.01 5.18 4.90
C ARG A 40 -5.91 4.30 5.49
N VAL A 41 -4.77 4.90 5.82
CA VAL A 41 -3.65 4.17 6.39
C VAL A 41 -3.42 4.57 7.85
N GLU A 42 -3.36 3.58 8.73
CA GLU A 42 -3.14 3.83 10.15
C GLU A 42 -1.79 3.30 10.59
N GLU A 43 -1.27 3.85 11.68
CA GLU A 43 0.02 3.42 12.21
C GLU A 43 0.00 1.95 12.58
N ASN A 44 -1.14 1.48 13.09
CA ASN A 44 -1.28 0.09 13.47
C ASN A 44 -1.49 -0.80 12.25
N PHE A 45 -2.54 -0.52 11.50
CA PHE A 45 -2.84 -1.29 10.29
C PHE A 45 -3.25 -0.37 9.15
N VAL A 46 -3.48 -0.97 7.98
CA VAL A 46 -3.87 -0.21 6.80
C VAL A 46 -5.28 -0.56 6.35
N ILE A 47 -6.04 0.45 5.94
CA ILE A 47 -7.41 0.24 5.50
C ILE A 47 -7.53 0.44 3.98
N LEU A 48 -7.74 -0.66 3.26
CA LEU A 48 -7.89 -0.60 1.81
C LEU A 48 -9.32 -0.87 1.39
N PHE A 49 -9.80 -0.09 0.43
CA PHE A 49 -11.17 -0.23 -0.06
C PHE A 49 -11.26 -1.39 -1.06
N SER A 50 -12.26 -2.24 -0.87
CA SER A 50 -12.47 -3.39 -1.75
C SER A 50 -13.26 -3.01 -2.98
N ASP A 51 -12.99 -3.69 -4.09
CA ASP A 51 -13.68 -3.41 -5.34
C ASP A 51 -14.76 -4.44 -5.60
N LEU A 52 -14.53 -5.67 -5.14
CA LEU A 52 -15.48 -6.76 -5.33
C LEU A 52 -16.60 -6.69 -4.30
N THR A 53 -16.23 -6.45 -3.05
CA THR A 53 -17.19 -6.35 -1.96
C THR A 53 -17.67 -4.91 -1.78
N MET A 54 -17.01 -3.99 -2.45
CA MET A 54 -17.38 -2.58 -2.36
C MET A 54 -17.45 -2.12 -0.91
N HIS A 55 -16.55 -2.66 -0.08
CA HIS A 55 -16.53 -2.31 1.33
C HIS A 55 -15.10 -2.10 1.82
N GLU A 56 -14.94 -1.40 2.93
CA GLU A 56 -13.63 -1.12 3.48
C GLU A 56 -13.12 -2.32 4.29
N LEU A 57 -11.90 -2.74 3.98
CA LEU A 57 -11.28 -3.87 4.67
C LEU A 57 -10.05 -3.45 5.45
N LYS A 58 -9.93 -3.92 6.68
CA LYS A 58 -8.79 -3.59 7.52
C LYS A 58 -7.81 -4.75 7.60
N VAL A 59 -6.54 -4.47 7.34
CA VAL A 59 -5.51 -5.50 7.39
C VAL A 59 -4.16 -4.90 7.80
N LEU A 60 -3.26 -5.77 8.24
CA LEU A 60 -1.93 -5.33 8.68
C LEU A 60 -1.00 -5.13 7.48
N PRO A 61 0.00 -4.25 7.64
CA PRO A 61 0.97 -3.96 6.58
C PRO A 61 1.90 -5.12 6.30
N ARG A 62 1.68 -6.24 7.00
CA ARG A 62 2.51 -7.43 6.83
C ARG A 62 1.85 -8.39 5.84
N ASP A 63 0.53 -8.31 5.73
CA ASP A 63 -0.21 -9.18 4.82
C ASP A 63 -0.66 -8.42 3.59
N LEU A 64 0.04 -7.33 3.28
CA LEU A 64 -0.30 -6.51 2.12
C LEU A 64 0.90 -6.40 1.18
N GLN A 65 0.61 -6.23 -0.11
CA GLN A 65 1.65 -6.11 -1.11
C GLN A 65 1.28 -5.09 -2.17
N LEU A 66 2.16 -4.12 -2.40
CA LEU A 66 1.92 -3.08 -3.40
C LEU A 66 1.79 -3.68 -4.80
N CYS A 67 1.04 -3.00 -5.65
CA CYS A 67 0.84 -3.46 -7.02
C CYS A 67 1.33 -2.42 -8.02
N SER A 68 2.47 -2.71 -8.65
CA SER A 68 3.05 -1.78 -9.63
C SER A 68 3.58 -0.53 -8.95
N GLU A 69 4.04 -0.69 -7.71
CA GLU A 69 4.57 0.43 -6.95
C GLU A 69 5.45 1.33 -7.82
N GLY A 1 3.72 21.71 -27.45
CA GLY A 1 4.20 21.04 -26.25
C GLY A 1 3.64 21.65 -24.98
N SER A 2 3.73 20.91 -23.88
CA SER A 2 3.23 21.38 -22.60
C SER A 2 4.36 21.94 -21.75
N SER A 3 5.47 21.21 -21.68
CA SER A 3 6.63 21.63 -20.90
C SER A 3 7.62 22.39 -21.77
N GLY A 4 8.32 23.34 -21.15
CA GLY A 4 9.30 24.12 -21.88
C GLY A 4 10.20 24.92 -20.95
N SER A 5 9.62 25.84 -20.20
CA SER A 5 10.38 26.67 -19.27
C SER A 5 11.14 25.81 -18.27
N SER A 6 12.42 26.13 -18.08
CA SER A 6 13.25 25.38 -17.14
C SER A 6 12.50 25.09 -15.84
N GLY A 7 12.92 24.04 -15.15
CA GLY A 7 12.27 23.67 -13.90
C GLY A 7 12.64 22.27 -13.45
N GLU A 8 13.00 22.14 -12.18
CA GLU A 8 13.38 20.85 -11.62
C GLU A 8 12.20 19.88 -11.62
N PHE A 9 12.19 18.96 -12.57
CA PHE A 9 11.11 17.98 -12.67
C PHE A 9 11.33 16.82 -11.70
N PRO A 10 10.23 16.31 -11.14
CA PRO A 10 10.27 15.19 -10.18
C PRO A 10 10.67 13.88 -10.85
N ALA A 11 11.78 13.31 -10.39
CA ALA A 11 12.27 12.05 -10.94
C ALA A 11 12.22 10.94 -9.90
N GLN A 12 12.69 11.24 -8.69
CA GLN A 12 12.70 10.26 -7.61
C GLN A 12 11.42 9.44 -7.61
N GLU A 13 11.56 8.14 -7.89
CA GLU A 13 10.42 7.24 -7.92
C GLU A 13 9.73 7.18 -6.56
N LEU A 14 8.42 6.95 -6.58
CA LEU A 14 7.64 6.87 -5.35
C LEU A 14 8.24 5.85 -4.39
N ARG A 15 7.83 5.93 -3.13
CA ARG A 15 8.32 5.00 -2.11
C ARG A 15 7.58 3.68 -2.17
N LYS A 16 7.97 2.74 -1.31
CA LYS A 16 7.35 1.43 -1.25
C LYS A 16 6.53 1.27 0.02
N TYR A 17 5.67 2.24 0.30
CA TYR A 17 4.83 2.21 1.50
C TYR A 17 3.37 2.41 1.14
N PHE A 18 2.51 1.50 1.61
CA PHE A 18 1.09 1.58 1.34
C PHE A 18 0.53 2.94 1.72
N LYS A 19 0.38 3.81 0.73
CA LYS A 19 -0.14 5.15 0.95
C LYS A 19 -1.41 5.40 0.14
N MET A 20 -2.38 6.07 0.75
CA MET A 20 -3.65 6.35 0.09
C MET A 20 -3.42 6.61 -1.40
N GLY A 21 -4.25 5.99 -2.23
CA GLY A 21 -4.12 6.16 -3.66
C GLY A 21 -3.44 4.99 -4.34
N ASP A 22 -2.40 4.47 -3.70
CA ASP A 22 -1.65 3.34 -4.25
C ASP A 22 -2.48 2.06 -4.17
N HIS A 23 -2.14 1.10 -5.02
CA HIS A 23 -2.85 -0.18 -5.06
C HIS A 23 -2.05 -1.26 -4.34
N VAL A 24 -2.74 -2.06 -3.54
CA VAL A 24 -2.10 -3.14 -2.80
C VAL A 24 -2.95 -4.41 -2.81
N LYS A 25 -2.32 -5.54 -2.55
CA LYS A 25 -3.02 -6.83 -2.52
C LYS A 25 -2.83 -7.53 -1.19
N VAL A 26 -3.73 -8.45 -0.87
CA VAL A 26 -3.67 -9.20 0.37
C VAL A 26 -3.15 -10.61 0.15
N ILE A 27 -2.05 -10.95 0.81
CA ILE A 27 -1.46 -12.29 0.67
C ILE A 27 -1.81 -13.16 1.87
N ALA A 28 -2.13 -12.52 2.99
CA ALA A 28 -2.49 -13.25 4.21
C ALA A 28 -3.55 -12.49 5.01
N GLY A 29 -4.08 -13.14 6.03
CA GLY A 29 -5.10 -12.52 6.86
C GLY A 29 -6.49 -13.04 6.57
N ARG A 30 -7.50 -12.34 7.06
CA ARG A 30 -8.89 -12.75 6.86
C ARG A 30 -9.35 -12.42 5.44
N PHE A 31 -8.50 -11.70 4.71
CA PHE A 31 -8.83 -11.31 3.33
C PHE A 31 -7.73 -11.77 2.38
N GLU A 32 -7.24 -12.99 2.57
CA GLU A 32 -6.19 -13.54 1.73
C GLU A 32 -6.61 -13.51 0.25
N GLY A 33 -5.69 -13.08 -0.60
CA GLY A 33 -5.98 -13.01 -2.02
C GLY A 33 -6.92 -11.87 -2.36
N ASP A 34 -7.16 -10.99 -1.40
CA ASP A 34 -8.06 -9.85 -1.60
C ASP A 34 -7.26 -8.61 -1.97
N THR A 35 -7.61 -7.99 -3.10
CA THR A 35 -6.93 -6.80 -3.56
C THR A 35 -7.84 -5.57 -3.45
N GLY A 36 -7.22 -4.40 -3.35
CA GLY A 36 -7.98 -3.16 -3.23
C GLY A 36 -7.10 -1.94 -3.20
N LEU A 37 -7.72 -0.76 -3.20
CA LEU A 37 -6.98 0.49 -3.18
C LEU A 37 -6.84 1.01 -1.74
N ILE A 38 -5.78 1.79 -1.50
CA ILE A 38 -5.54 2.34 -0.18
C ILE A 38 -6.34 3.63 0.03
N VAL A 39 -7.22 3.62 1.03
CA VAL A 39 -8.05 4.77 1.33
C VAL A 39 -7.64 5.39 2.67
N ARG A 40 -7.18 4.56 3.59
CA ARG A 40 -6.77 5.01 4.91
C ARG A 40 -5.59 4.19 5.42
N VAL A 41 -4.65 4.86 6.09
CA VAL A 41 -3.47 4.19 6.63
C VAL A 41 -3.26 4.55 8.10
N GLU A 42 -3.12 3.54 8.94
CA GLU A 42 -2.91 3.76 10.38
C GLU A 42 -1.65 3.06 10.85
N GLU A 43 -0.99 3.65 11.85
CA GLU A 43 0.23 3.09 12.40
C GLU A 43 0.04 1.62 12.78
N ASN A 44 -1.21 1.25 13.04
CA ASN A 44 -1.52 -0.12 13.41
C ASN A 44 -1.78 -0.98 12.18
N PHE A 45 -2.80 -0.61 11.42
CA PHE A 45 -3.15 -1.35 10.20
C PHE A 45 -3.56 -0.39 9.09
N VAL A 46 -3.68 -0.92 7.87
CA VAL A 46 -4.06 -0.11 6.73
C VAL A 46 -5.42 -0.53 6.18
N ILE A 47 -6.26 0.45 5.89
CA ILE A 47 -7.60 0.19 5.37
C ILE A 47 -7.65 0.43 3.86
N LEU A 48 -7.97 -0.62 3.11
CA LEU A 48 -8.06 -0.52 1.66
C LEU A 48 -9.49 -0.78 1.19
N PHE A 49 -9.93 0.00 0.20
CA PHE A 49 -11.28 -0.14 -0.34
C PHE A 49 -11.34 -1.31 -1.33
N SER A 50 -12.27 -2.22 -1.09
CA SER A 50 -12.44 -3.38 -1.96
C SER A 50 -13.35 -3.07 -3.13
N ASP A 51 -13.15 -3.78 -4.24
CA ASP A 51 -13.96 -3.57 -5.43
C ASP A 51 -15.09 -4.59 -5.52
N LEU A 52 -14.84 -5.79 -5.01
CA LEU A 52 -15.82 -6.86 -5.03
C LEU A 52 -16.87 -6.65 -3.95
N THR A 53 -16.41 -6.54 -2.71
CA THR A 53 -17.32 -6.32 -1.57
C THR A 53 -17.72 -4.86 -1.46
N MET A 54 -17.09 -4.02 -2.26
CA MET A 54 -17.39 -2.59 -2.25
C MET A 54 -17.38 -2.04 -0.81
N HIS A 55 -16.55 -2.63 0.03
CA HIS A 55 -16.46 -2.21 1.42
C HIS A 55 -15.00 -1.98 1.82
N GLU A 56 -14.79 -1.44 3.01
CA GLU A 56 -13.45 -1.18 3.52
C GLU A 56 -12.91 -2.38 4.29
N LEU A 57 -11.75 -2.88 3.87
CA LEU A 57 -11.13 -4.03 4.53
C LEU A 57 -9.96 -3.59 5.41
N LYS A 58 -9.91 -4.11 6.63
CA LYS A 58 -8.84 -3.77 7.55
C LYS A 58 -7.82 -4.89 7.64
N VAL A 59 -6.59 -4.62 7.20
CA VAL A 59 -5.53 -5.61 7.23
C VAL A 59 -4.20 -4.98 7.64
N LEU A 60 -3.34 -5.78 8.25
CA LEU A 60 -2.03 -5.29 8.69
C LEU A 60 -1.11 -5.06 7.50
N PRO A 61 -0.12 -4.17 7.68
CA PRO A 61 0.85 -3.84 6.63
C PRO A 61 1.81 -4.98 6.34
N ARG A 62 1.62 -6.10 7.04
CA ARG A 62 2.46 -7.27 6.86
C ARG A 62 1.86 -8.22 5.83
N ASP A 63 0.53 -8.29 5.80
CA ASP A 63 -0.17 -9.17 4.87
C ASP A 63 -0.60 -8.40 3.62
N LEU A 64 0.07 -7.28 3.36
CA LEU A 64 -0.25 -6.46 2.20
C LEU A 64 0.98 -6.30 1.30
N GLN A 65 0.73 -6.15 0.00
CA GLN A 65 1.81 -5.98 -0.97
C GLN A 65 1.46 -4.92 -2.00
N LEU A 66 2.41 -4.04 -2.30
CA LEU A 66 2.20 -2.97 -3.27
C LEU A 66 2.08 -3.55 -4.68
N CYS A 67 1.48 -2.76 -5.57
CA CYS A 67 1.31 -3.19 -6.96
C CYS A 67 2.12 -2.31 -7.90
N SER A 68 2.25 -1.03 -7.56
CA SER A 68 3.00 -0.10 -8.39
C SER A 68 3.46 1.10 -7.55
N GLU A 69 4.78 1.22 -7.39
CA GLU A 69 5.34 2.32 -6.61
C GLU A 69 5.72 3.48 -7.52
N GLY A 1 28.47 19.60 3.43
CA GLY A 1 29.87 19.89 3.70
C GLY A 1 30.56 20.59 2.54
N SER A 2 31.76 21.09 2.78
CA SER A 2 32.52 21.79 1.76
C SER A 2 33.40 20.82 0.98
N SER A 3 34.16 20.00 1.71
CA SER A 3 35.05 19.03 1.09
C SER A 3 34.25 18.00 0.28
N GLY A 4 33.32 17.33 0.95
CA GLY A 4 32.51 16.33 0.28
C GLY A 4 33.31 15.48 -0.69
N SER A 5 34.34 14.80 -0.17
CA SER A 5 35.19 13.95 -1.00
C SER A 5 34.38 12.86 -1.67
N SER A 6 33.60 12.13 -0.87
CA SER A 6 32.77 11.04 -1.39
C SER A 6 31.59 10.78 -0.48
N GLY A 7 30.59 10.04 -0.98
CA GLY A 7 29.42 9.74 -0.19
C GLY A 7 28.21 9.42 -1.06
N GLU A 8 28.28 8.31 -1.80
CA GLU A 8 27.19 7.90 -2.66
C GLU A 8 26.29 6.89 -1.96
N PHE A 9 24.99 6.95 -2.27
CA PHE A 9 24.03 6.04 -1.67
C PHE A 9 23.09 5.47 -2.72
N PRO A 10 23.65 4.67 -3.64
CA PRO A 10 22.89 4.04 -4.72
C PRO A 10 21.94 2.95 -4.21
N ALA A 11 20.69 3.32 -3.99
CA ALA A 11 19.69 2.37 -3.51
C ALA A 11 19.00 1.66 -4.66
N GLN A 12 19.21 0.35 -4.75
CA GLN A 12 18.62 -0.46 -5.81
C GLN A 12 17.17 -0.81 -5.48
N GLU A 13 16.94 -1.24 -4.24
CA GLU A 13 15.60 -1.60 -3.79
C GLU A 13 14.84 -0.38 -3.29
N LEU A 14 13.51 -0.48 -3.27
CA LEU A 14 12.67 0.61 -2.80
C LEU A 14 11.59 0.10 -1.86
N ARG A 15 11.70 0.46 -0.58
CA ARG A 15 10.73 0.03 0.42
C ARG A 15 9.32 0.02 -0.16
N LYS A 16 8.55 -1.01 0.20
CA LYS A 16 7.18 -1.13 -0.29
C LYS A 16 6.18 -0.65 0.76
N TYR A 17 5.89 0.65 0.72
CA TYR A 17 4.95 1.25 1.66
C TYR A 17 3.54 1.28 1.09
N PHE A 18 2.55 1.40 1.97
CA PHE A 18 1.16 1.45 1.54
C PHE A 18 0.53 2.80 1.87
N LYS A 19 0.46 3.67 0.87
CA LYS A 19 -0.12 5.00 1.05
C LYS A 19 -1.42 5.14 0.28
N MET A 20 -2.30 6.02 0.75
CA MET A 20 -3.59 6.24 0.10
C MET A 20 -3.40 6.53 -1.38
N GLY A 21 -4.27 5.95 -2.20
CA GLY A 21 -4.19 6.15 -3.64
C GLY A 21 -3.50 5.01 -4.36
N ASP A 22 -2.63 4.30 -3.64
CA ASP A 22 -1.91 3.17 -4.21
C ASP A 22 -2.71 1.88 -4.06
N HIS A 23 -2.56 0.98 -5.03
CA HIS A 23 -3.26 -0.29 -5.00
C HIS A 23 -2.42 -1.37 -4.33
N VAL A 24 -3.08 -2.27 -3.60
CA VAL A 24 -2.39 -3.35 -2.90
C VAL A 24 -3.19 -4.65 -2.98
N LYS A 25 -2.55 -5.75 -2.63
CA LYS A 25 -3.19 -7.06 -2.66
C LYS A 25 -2.97 -7.80 -1.34
N VAL A 26 -4.06 -8.34 -0.78
CA VAL A 26 -3.98 -9.08 0.47
C VAL A 26 -3.51 -10.51 0.23
N ILE A 27 -2.28 -10.80 0.66
CA ILE A 27 -1.71 -12.13 0.49
C ILE A 27 -1.91 -12.96 1.75
N ALA A 28 -2.02 -12.30 2.89
CA ALA A 28 -2.22 -12.98 4.16
C ALA A 28 -3.38 -12.37 4.94
N GLY A 29 -3.69 -12.96 6.09
CA GLY A 29 -4.78 -12.46 6.92
C GLY A 29 -6.09 -13.16 6.64
N ARG A 30 -7.19 -12.56 7.09
CA ARG A 30 -8.51 -13.13 6.89
C ARG A 30 -9.07 -12.75 5.52
N PHE A 31 -8.51 -11.70 4.94
CA PHE A 31 -8.96 -11.23 3.63
C PHE A 31 -7.95 -11.59 2.54
N GLU A 32 -7.40 -12.80 2.63
CA GLU A 32 -6.42 -13.27 1.65
C GLU A 32 -7.08 -13.54 0.30
N GLY A 33 -6.45 -13.05 -0.75
CA GLY A 33 -6.98 -13.25 -2.09
C GLY A 33 -7.88 -12.10 -2.53
N ASP A 34 -7.81 -10.99 -1.82
CA ASP A 34 -8.61 -9.82 -2.14
C ASP A 34 -7.73 -8.62 -2.48
N THR A 35 -8.11 -7.88 -3.51
CA THR A 35 -7.35 -6.71 -3.94
C THR A 35 -8.19 -5.45 -3.81
N GLY A 36 -7.52 -4.31 -3.61
CA GLY A 36 -8.20 -3.05 -3.48
C GLY A 36 -7.25 -1.88 -3.34
N LEU A 37 -7.80 -0.67 -3.28
CA LEU A 37 -7.00 0.54 -3.15
C LEU A 37 -6.88 0.96 -1.69
N ILE A 38 -5.93 1.86 -1.42
CA ILE A 38 -5.72 2.35 -0.06
C ILE A 38 -6.48 3.64 0.18
N VAL A 39 -7.47 3.58 1.06
CA VAL A 39 -8.28 4.74 1.39
C VAL A 39 -7.83 5.37 2.71
N ARG A 40 -7.37 4.53 3.63
CA ARG A 40 -6.91 5.00 4.93
C ARG A 40 -5.70 4.21 5.40
N VAL A 41 -4.84 4.86 6.17
CA VAL A 41 -3.63 4.22 6.69
C VAL A 41 -3.39 4.60 8.15
N GLU A 42 -3.18 3.59 8.99
CA GLU A 42 -2.93 3.82 10.41
C GLU A 42 -1.65 3.13 10.85
N GLU A 43 -0.92 3.76 11.76
CA GLU A 43 0.33 3.22 12.26
C GLU A 43 0.15 1.76 12.69
N ASN A 44 -1.09 1.39 12.98
CA ASN A 44 -1.40 0.02 13.40
C ASN A 44 -1.69 -0.87 12.19
N PHE A 45 -2.69 -0.47 11.40
CA PHE A 45 -3.07 -1.23 10.22
C PHE A 45 -3.47 -0.30 9.08
N VAL A 46 -3.64 -0.87 7.89
CA VAL A 46 -4.02 -0.08 6.71
C VAL A 46 -5.38 -0.52 6.19
N ILE A 47 -6.24 0.46 5.91
CA ILE A 47 -7.58 0.18 5.40
C ILE A 47 -7.63 0.37 3.88
N LEU A 48 -7.93 -0.71 3.17
CA LEU A 48 -8.01 -0.67 1.71
C LEU A 48 -9.43 -0.96 1.24
N PHE A 49 -9.88 -0.20 0.25
CA PHE A 49 -11.24 -0.38 -0.29
C PHE A 49 -11.26 -1.48 -1.35
N SER A 50 -12.13 -2.45 -1.15
CA SER A 50 -12.25 -3.57 -2.08
C SER A 50 -13.15 -3.20 -3.26
N ASP A 51 -12.66 -3.47 -4.48
CA ASP A 51 -13.42 -3.17 -5.68
C ASP A 51 -14.47 -4.24 -5.94
N LEU A 52 -14.37 -5.34 -5.22
CA LEU A 52 -15.32 -6.44 -5.38
C LEU A 52 -16.41 -6.39 -4.32
N THR A 53 -16.00 -6.40 -3.06
CA THR A 53 -16.93 -6.35 -1.94
C THR A 53 -17.33 -4.92 -1.62
N MET A 54 -16.81 -3.97 -2.41
CA MET A 54 -17.12 -2.56 -2.21
C MET A 54 -17.24 -2.24 -0.73
N HIS A 55 -16.24 -2.66 0.05
CA HIS A 55 -16.23 -2.41 1.49
C HIS A 55 -14.82 -2.07 1.97
N GLU A 56 -14.74 -1.56 3.20
CA GLU A 56 -13.45 -1.19 3.78
C GLU A 56 -12.86 -2.36 4.58
N LEU A 57 -11.73 -2.88 4.11
CA LEU A 57 -11.07 -3.99 4.78
C LEU A 57 -9.91 -3.50 5.64
N LYS A 58 -9.80 -4.06 6.85
CA LYS A 58 -8.72 -3.68 7.76
C LYS A 58 -7.70 -4.80 7.89
N VAL A 59 -6.50 -4.57 7.35
CA VAL A 59 -5.43 -5.55 7.42
C VAL A 59 -4.10 -4.91 7.78
N LEU A 60 -3.23 -5.67 8.44
CA LEU A 60 -1.92 -5.17 8.83
C LEU A 60 -1.02 -4.99 7.62
N PRO A 61 -0.04 -4.08 7.74
CA PRO A 61 0.92 -3.80 6.67
C PRO A 61 1.88 -4.95 6.43
N ARG A 62 1.75 -6.00 7.23
CA ARG A 62 2.61 -7.17 7.10
C ARG A 62 1.95 -8.25 6.26
N ASP A 63 0.67 -8.05 5.95
CA ASP A 63 -0.08 -9.00 5.14
C ASP A 63 -0.63 -8.33 3.88
N LEU A 64 0.16 -7.45 3.30
CA LEU A 64 -0.25 -6.74 2.09
C LEU A 64 0.95 -6.54 1.15
N GLN A 65 0.65 -6.38 -0.14
CA GLN A 65 1.69 -6.18 -1.13
C GLN A 65 1.27 -5.15 -2.17
N LEU A 66 2.15 -4.19 -2.45
CA LEU A 66 1.86 -3.14 -3.42
C LEU A 66 1.68 -3.73 -4.82
N CYS A 67 0.81 -3.10 -5.62
CA CYS A 67 0.55 -3.56 -6.97
C CYS A 67 1.72 -3.23 -7.89
N SER A 68 2.23 -2.01 -7.78
CA SER A 68 3.33 -1.56 -8.61
C SER A 68 4.40 -0.85 -7.77
N GLU A 69 5.31 -1.62 -7.20
CA GLU A 69 6.38 -1.06 -6.38
C GLU A 69 7.44 -0.40 -7.23
N GLY A 1 18.38 -6.04 -5.74
CA GLY A 1 17.30 -5.19 -6.23
C GLY A 1 17.68 -4.45 -7.50
N SER A 2 17.11 -3.27 -7.68
CA SER A 2 17.39 -2.46 -8.87
C SER A 2 17.55 -1.00 -8.50
N SER A 3 18.30 -0.26 -9.32
CA SER A 3 18.54 1.15 -9.08
C SER A 3 19.14 1.82 -10.32
N GLY A 4 18.73 3.06 -10.57
CA GLY A 4 19.24 3.79 -11.73
C GLY A 4 19.83 5.12 -11.35
N SER A 5 18.97 6.14 -11.24
CA SER A 5 19.42 7.48 -10.89
C SER A 5 20.04 7.50 -9.49
N SER A 6 21.10 8.29 -9.33
CA SER A 6 21.78 8.39 -8.04
C SER A 6 22.36 9.79 -7.85
N GLY A 7 22.55 10.18 -6.60
CA GLY A 7 23.10 11.49 -6.30
C GLY A 7 22.42 12.15 -5.11
N GLU A 8 22.80 13.39 -4.83
CA GLU A 8 22.23 14.13 -3.71
C GLU A 8 21.25 15.19 -4.20
N PHE A 9 19.98 14.82 -4.27
CA PHE A 9 18.94 15.74 -4.71
C PHE A 9 17.83 15.87 -3.67
N PRO A 10 17.19 17.05 -3.63
CA PRO A 10 16.11 17.32 -2.69
C PRO A 10 14.84 16.52 -3.00
N ALA A 11 14.69 16.13 -4.26
CA ALA A 11 13.53 15.36 -4.69
C ALA A 11 13.15 14.33 -3.64
N GLN A 12 11.84 14.17 -3.41
CA GLN A 12 11.35 13.21 -2.44
C GLN A 12 11.55 11.78 -2.92
N GLU A 13 12.06 10.93 -2.03
CA GLU A 13 12.29 9.53 -2.38
C GLU A 13 11.01 8.72 -2.31
N LEU A 14 10.81 7.85 -3.29
CA LEU A 14 9.61 7.02 -3.34
C LEU A 14 9.93 5.57 -2.93
N ARG A 15 9.68 5.26 -1.67
CA ARG A 15 9.94 3.92 -1.15
C ARG A 15 8.65 3.10 -1.09
N LYS A 16 8.72 1.87 -1.60
CA LYS A 16 7.56 0.98 -1.62
C LYS A 16 6.83 1.03 -0.28
N TYR A 17 5.86 1.93 -0.19
CA TYR A 17 5.07 2.07 1.04
C TYR A 17 3.59 2.17 0.72
N PHE A 18 2.77 1.48 1.51
CA PHE A 18 1.32 1.49 1.33
C PHE A 18 0.74 2.85 1.68
N LYS A 19 0.46 3.66 0.66
CA LYS A 19 -0.10 4.98 0.87
C LYS A 19 -1.45 5.12 0.15
N MET A 20 -2.28 6.02 0.64
CA MET A 20 -3.60 6.26 0.04
C MET A 20 -3.47 6.52 -1.45
N GLY A 21 -4.34 5.88 -2.24
CA GLY A 21 -4.30 6.06 -3.68
C GLY A 21 -3.56 4.94 -4.38
N ASP A 22 -2.64 4.30 -3.67
CA ASP A 22 -1.86 3.20 -4.24
C ASP A 22 -2.61 1.88 -4.10
N HIS A 23 -2.40 0.98 -5.06
CA HIS A 23 -3.05 -0.32 -5.05
C HIS A 23 -2.22 -1.34 -4.26
N VAL A 24 -2.90 -2.20 -3.52
CA VAL A 24 -2.22 -3.22 -2.72
C VAL A 24 -2.93 -4.57 -2.85
N LYS A 25 -2.19 -5.64 -2.58
CA LYS A 25 -2.74 -6.98 -2.65
C LYS A 25 -2.61 -7.71 -1.32
N VAL A 26 -3.57 -8.57 -1.02
CA VAL A 26 -3.56 -9.33 0.22
C VAL A 26 -2.98 -10.74 0.02
N ILE A 27 -1.71 -10.90 0.35
CA ILE A 27 -1.05 -12.19 0.20
C ILE A 27 -1.24 -13.06 1.44
N ALA A 28 -1.61 -12.42 2.55
CA ALA A 28 -1.83 -13.14 3.80
C ALA A 28 -3.11 -12.66 4.48
N GLY A 29 -3.51 -13.37 5.53
CA GLY A 29 -4.72 -13.02 6.26
C GLY A 29 -5.92 -13.85 5.84
N ARG A 30 -7.11 -13.32 6.08
CA ARG A 30 -8.34 -14.02 5.73
C ARG A 30 -8.79 -13.66 4.32
N PHE A 31 -8.24 -12.57 3.79
CA PHE A 31 -8.58 -12.13 2.44
C PHE A 31 -7.45 -12.39 1.47
N GLU A 32 -6.79 -13.54 1.63
CA GLU A 32 -5.67 -13.91 0.77
C GLU A 32 -6.14 -14.04 -0.68
N GLY A 33 -5.72 -13.10 -1.52
CA GLY A 33 -6.09 -13.14 -2.92
C GLY A 33 -6.93 -11.94 -3.33
N ASP A 34 -7.43 -11.21 -2.34
CA ASP A 34 -8.26 -10.03 -2.59
C ASP A 34 -7.39 -8.77 -2.68
N THR A 35 -7.69 -7.92 -3.65
CA THR A 35 -6.95 -6.68 -3.85
C THR A 35 -7.85 -5.46 -3.67
N GLY A 36 -7.23 -4.29 -3.53
CA GLY A 36 -7.99 -3.07 -3.35
C GLY A 36 -7.11 -1.85 -3.27
N LEU A 37 -7.72 -0.67 -3.18
CA LEU A 37 -6.98 0.58 -3.10
C LEU A 37 -6.88 1.06 -1.66
N ILE A 38 -5.85 1.86 -1.37
CA ILE A 38 -5.64 2.39 -0.03
C ILE A 38 -6.44 3.66 0.20
N VAL A 39 -7.41 3.59 1.10
CA VAL A 39 -8.25 4.74 1.42
C VAL A 39 -7.82 5.39 2.73
N ARG A 40 -7.36 4.57 3.66
CA ARG A 40 -6.92 5.05 4.97
C ARG A 40 -5.70 4.29 5.46
N VAL A 41 -4.80 4.98 6.13
CA VAL A 41 -3.60 4.37 6.66
C VAL A 41 -3.38 4.71 8.13
N GLU A 42 -3.34 3.68 8.98
CA GLU A 42 -3.16 3.89 10.40
C GLU A 42 -1.85 3.24 10.87
N GLU A 43 -1.25 3.81 11.91
CA GLU A 43 -0.01 3.30 12.46
C GLU A 43 -0.14 1.82 12.81
N ASN A 44 -1.35 1.41 13.18
CA ASN A 44 -1.61 0.02 13.54
C ASN A 44 -1.80 -0.84 12.29
N PHE A 45 -2.80 -0.48 11.50
CA PHE A 45 -3.09 -1.23 10.27
C PHE A 45 -3.47 -0.27 9.14
N VAL A 46 -3.63 -0.82 7.94
CA VAL A 46 -4.00 -0.03 6.78
C VAL A 46 -5.37 -0.44 6.24
N ILE A 47 -6.21 0.54 5.95
CA ILE A 47 -7.54 0.27 5.42
C ILE A 47 -7.58 0.45 3.91
N LEU A 48 -7.97 -0.61 3.20
CA LEU A 48 -8.05 -0.57 1.75
C LEU A 48 -9.47 -0.85 1.28
N PHE A 49 -9.93 -0.09 0.29
CA PHE A 49 -11.27 -0.26 -0.26
C PHE A 49 -11.30 -1.40 -1.28
N SER A 50 -12.19 -2.36 -1.06
CA SER A 50 -12.31 -3.50 -1.96
C SER A 50 -13.18 -3.15 -3.17
N ASP A 51 -12.97 -3.86 -4.26
CA ASP A 51 -13.73 -3.62 -5.49
C ASP A 51 -14.82 -4.68 -5.66
N LEU A 52 -14.78 -5.71 -4.81
CA LEU A 52 -15.76 -6.78 -4.87
C LEU A 52 -16.85 -6.58 -3.83
N THR A 53 -16.43 -6.46 -2.56
CA THR A 53 -17.37 -6.26 -1.46
C THR A 53 -17.73 -4.79 -1.31
N MET A 54 -17.23 -3.96 -2.21
CA MET A 54 -17.50 -2.53 -2.17
C MET A 54 -17.59 -2.03 -0.73
N HIS A 55 -16.55 -2.30 0.05
CA HIS A 55 -16.51 -1.88 1.44
C HIS A 55 -15.08 -1.60 1.89
N GLU A 56 -14.94 -1.16 3.14
CA GLU A 56 -13.62 -0.86 3.70
C GLU A 56 -13.09 -2.02 4.52
N LEU A 57 -11.99 -2.61 4.07
CA LEU A 57 -11.39 -3.74 4.78
C LEU A 57 -10.13 -3.30 5.52
N LYS A 58 -9.95 -3.83 6.74
CA LYS A 58 -8.78 -3.49 7.55
C LYS A 58 -7.82 -4.67 7.62
N VAL A 59 -6.61 -4.48 7.11
CA VAL A 59 -5.59 -5.52 7.13
C VAL A 59 -4.24 -4.96 7.55
N LEU A 60 -3.45 -5.78 8.25
CA LEU A 60 -2.13 -5.38 8.70
C LEU A 60 -1.18 -5.20 7.52
N PRO A 61 -0.17 -4.33 7.71
CA PRO A 61 0.83 -4.05 6.67
C PRO A 61 1.76 -5.24 6.43
N ARG A 62 1.56 -6.31 7.19
CA ARG A 62 2.38 -7.51 7.06
C ARG A 62 1.71 -8.53 6.15
N ASP A 63 0.44 -8.29 5.83
CA ASP A 63 -0.31 -9.19 4.97
C ASP A 63 -0.70 -8.49 3.66
N LEU A 64 0.06 -7.47 3.30
CA LEU A 64 -0.20 -6.71 2.07
C LEU A 64 1.09 -6.53 1.26
N GLN A 65 0.93 -6.39 -0.05
CA GLN A 65 2.07 -6.21 -0.93
C GLN A 65 1.72 -5.28 -2.09
N LEU A 66 2.55 -4.25 -2.29
CA LEU A 66 2.33 -3.30 -3.37
C LEU A 66 2.40 -3.98 -4.73
N CYS A 67 1.74 -3.38 -5.72
CA CYS A 67 1.73 -3.93 -7.07
C CYS A 67 2.47 -2.99 -8.03
N SER A 68 2.43 -1.70 -7.75
CA SER A 68 3.08 -0.71 -8.59
C SER A 68 4.17 0.03 -7.81
N GLU A 69 4.99 -0.73 -7.09
CA GLU A 69 6.07 -0.15 -6.30
C GLU A 69 7.11 0.49 -7.21
#